data_5CUE
# 
_entry.id   5CUE 
# 
_audit_conform.dict_name       mmcif_pdbx.dic 
_audit_conform.dict_version    5.391 
_audit_conform.dict_location   http://mmcif.pdb.org/dictionaries/ascii/mmcif_pdbx.dic 
# 
loop_
_database_2.database_id 
_database_2.database_code 
_database_2.pdbx_database_accession 
_database_2.pdbx_DOI 
PDB   5CUE         pdb_00005cue 10.2210/pdb5cue/pdb 
WWPDB D_1000212205 ?            ?                   
# 
loop_
_pdbx_audit_revision_history.ordinal 
_pdbx_audit_revision_history.data_content_type 
_pdbx_audit_revision_history.major_revision 
_pdbx_audit_revision_history.minor_revision 
_pdbx_audit_revision_history.revision_date 
1 'Structure model' 1 0 2015-09-09 
2 'Structure model' 1 1 2024-05-08 
# 
_pdbx_audit_revision_details.ordinal             1 
_pdbx_audit_revision_details.revision_ordinal    1 
_pdbx_audit_revision_details.data_content_type   'Structure model' 
_pdbx_audit_revision_details.provider            repository 
_pdbx_audit_revision_details.type                'Initial release' 
_pdbx_audit_revision_details.description         ? 
_pdbx_audit_revision_details.details             ? 
# 
loop_
_pdbx_audit_revision_group.ordinal 
_pdbx_audit_revision_group.revision_ordinal 
_pdbx_audit_revision_group.data_content_type 
_pdbx_audit_revision_group.group 
1 2 'Structure model' 'Data collection'     
2 2 'Structure model' 'Database references' 
# 
loop_
_pdbx_audit_revision_category.ordinal 
_pdbx_audit_revision_category.revision_ordinal 
_pdbx_audit_revision_category.data_content_type 
_pdbx_audit_revision_category.category 
1 2 'Structure model' chem_comp_atom              
2 2 'Structure model' chem_comp_bond              
3 2 'Structure model' database_2                  
4 2 'Structure model' diffrn_radiation_wavelength 
# 
loop_
_pdbx_audit_revision_item.ordinal 
_pdbx_audit_revision_item.revision_ordinal 
_pdbx_audit_revision_item.data_content_type 
_pdbx_audit_revision_item.item 
1 2 'Structure model' '_database_2.pdbx_DOI'                
2 2 'Structure model' '_database_2.pdbx_database_accession' 
# 
_pdbx_database_status.status_code                     REL 
_pdbx_database_status.status_code_sf                  REL 
_pdbx_database_status.status_code_mr                  ? 
_pdbx_database_status.entry_id                        5CUE 
_pdbx_database_status.recvd_initial_deposition_date   2015-07-24 
_pdbx_database_status.SG_entry                        Y 
_pdbx_database_status.deposit_site                    RCSB 
_pdbx_database_status.process_site                    PDBE 
_pdbx_database_status.status_code_cs                  ? 
_pdbx_database_status.methods_development_category    ? 
_pdbx_database_status.pdb_format_compatible           Y 
_pdbx_database_status.status_code_nmr_data            ? 
# 
loop_
_audit_author.name 
_audit_author.pdbx_ordinal 
'Bradley, A.'                          1  
'Pearce, N.'                           2  
'Krojer, T.'                           3  
'Ng, J.'                               4  
'Talon, R.'                            5  
'Vollmar, M.'                          6  
'Jose, B.'                             7  
'von Delft, F.'                        8  
'Bountra, C.'                          9  
'Arrowsmith, C.H.'                     10 
'Edwards, A.'                          11 
'Knapp, S.'                            12 
'Structural Genomics Consortium (SGC)' 13 
# 
_citation.abstract                  ? 
_citation.abstract_id_CAS           ? 
_citation.book_id_ISBN              ? 
_citation.book_publisher            ? 
_citation.book_publisher_city       ? 
_citation.book_title                ? 
_citation.coordinate_linkage        ? 
_citation.country                   ? 
_citation.database_id_Medline       ? 
_citation.details                   ? 
_citation.id                        primary 
_citation.journal_abbrev            'To be published' 
_citation.journal_id_ASTM           ? 
_citation.journal_id_CSD            0353 
_citation.journal_id_ISSN           ? 
_citation.journal_full              ? 
_citation.journal_issue             ? 
_citation.journal_volume            ? 
_citation.language                  ? 
_citation.page_first                ? 
_citation.page_last                 ? 
_citation.title                     
;Crystal structure of the second bromodomain of bromodomain adjancent to zinc finger domain protein 2B (BAZ2B) in complex with AGN-PC-04G0SS (SGC - Diamond I04-1 fragment screening)
;
_citation.year                      ? 
_citation.database_id_CSD           ? 
_citation.pdbx_database_id_DOI      ? 
_citation.pdbx_database_id_PubMed   ? 
_citation.unpublished_flag          ? 
# 
loop_
_citation_author.citation_id 
_citation_author.name 
_citation_author.ordinal 
_citation_author.identifier_ORCID 
primary 'Bradley, A.'                          1  ? 
primary 'Pearce, N.'                           2  ? 
primary 'Krojer, T.'                           3  ? 
primary 'Ng, J.'                               4  ? 
primary 'Talon, R.'                            5  ? 
primary 'Vollmar, M.'                          6  ? 
primary 'Jose, B.'                             7  ? 
primary 'von Delft, F.'                        8  ? 
primary 'Bountra, C.'                          9  ? 
primary 'Arrowsmith, C.H.'                     10 ? 
primary 'Edwards, A.'                          11 ? 
primary 'Knapp, S.'                            12 ? 
primary 'Structural Genomics Consortium (SGC)' 13 ? 
# 
loop_
_entity.id 
_entity.type 
_entity.src_method 
_entity.pdbx_description 
_entity.formula_weight 
_entity.pdbx_number_of_molecules 
_entity.pdbx_ec 
_entity.pdbx_mutation 
_entity.pdbx_fragment 
_entity.details 
1 polymer     man 'Bromodomain adjacent to zinc finger domain protein 2B' 13432.443 1   ? ? 'bromodomain, UNP residues 1858-1970' 
? 
2 non-polymer syn 5-chloro-N,1-dimethyl-1H-pyrazole-4-carboxamide         173.600   1   ? ? ?                                     
? 
3 non-polymer syn 1,2-ETHANEDIOL                                          62.068    1   ? ? ?                                     
? 
4 water       nat water                                                   18.015    172 ? ? ?                                     
? 
# 
_entity_name_com.entity_id   1 
_entity_name_com.name        hWALp4 
# 
_entity_poly.entity_id                      1 
_entity_poly.type                           'polypeptide(L)' 
_entity_poly.nstd_linkage                   no 
_entity_poly.nstd_monomer                   no 
_entity_poly.pdbx_seq_one_letter_code       
;SMSVKKPKRDDSKDLALCSMILTEMETHEDAWPFLLPVNLKLVPGYKKVIKKPMDFSTIREKLSSGQYPNLETFALDVRL
VFDNCETFNEDDSDIGRAGHNMRKYFEKKWTDTFK
;
_entity_poly.pdbx_seq_one_letter_code_can   
;SMSVKKPKRDDSKDLALCSMILTEMETHEDAWPFLLPVNLKLVPGYKKVIKKPMDFSTIREKLSSGQYPNLETFALDVRL
VFDNCETFNEDDSDIGRAGHNMRKYFEKKWTDTFK
;
_entity_poly.pdbx_strand_id                 A 
_entity_poly.pdbx_target_identifier         ? 
# 
loop_
_pdbx_entity_nonpoly.entity_id 
_pdbx_entity_nonpoly.name 
_pdbx_entity_nonpoly.comp_id 
2 5-chloro-N,1-dimethyl-1H-pyrazole-4-carboxamide 54Y 
3 1,2-ETHANEDIOL                                  EDO 
4 water                                           HOH 
# 
loop_
_entity_poly_seq.entity_id 
_entity_poly_seq.num 
_entity_poly_seq.mon_id 
_entity_poly_seq.hetero 
1 1   SER n 
1 2   MET n 
1 3   SER n 
1 4   VAL n 
1 5   LYS n 
1 6   LYS n 
1 7   PRO n 
1 8   LYS n 
1 9   ARG n 
1 10  ASP n 
1 11  ASP n 
1 12  SER n 
1 13  LYS n 
1 14  ASP n 
1 15  LEU n 
1 16  ALA n 
1 17  LEU n 
1 18  CYS n 
1 19  SER n 
1 20  MET n 
1 21  ILE n 
1 22  LEU n 
1 23  THR n 
1 24  GLU n 
1 25  MET n 
1 26  GLU n 
1 27  THR n 
1 28  HIS n 
1 29  GLU n 
1 30  ASP n 
1 31  ALA n 
1 32  TRP n 
1 33  PRO n 
1 34  PHE n 
1 35  LEU n 
1 36  LEU n 
1 37  PRO n 
1 38  VAL n 
1 39  ASN n 
1 40  LEU n 
1 41  LYS n 
1 42  LEU n 
1 43  VAL n 
1 44  PRO n 
1 45  GLY n 
1 46  TYR n 
1 47  LYS n 
1 48  LYS n 
1 49  VAL n 
1 50  ILE n 
1 51  LYS n 
1 52  LYS n 
1 53  PRO n 
1 54  MET n 
1 55  ASP n 
1 56  PHE n 
1 57  SER n 
1 58  THR n 
1 59  ILE n 
1 60  ARG n 
1 61  GLU n 
1 62  LYS n 
1 63  LEU n 
1 64  SER n 
1 65  SER n 
1 66  GLY n 
1 67  GLN n 
1 68  TYR n 
1 69  PRO n 
1 70  ASN n 
1 71  LEU n 
1 72  GLU n 
1 73  THR n 
1 74  PHE n 
1 75  ALA n 
1 76  LEU n 
1 77  ASP n 
1 78  VAL n 
1 79  ARG n 
1 80  LEU n 
1 81  VAL n 
1 82  PHE n 
1 83  ASP n 
1 84  ASN n 
1 85  CYS n 
1 86  GLU n 
1 87  THR n 
1 88  PHE n 
1 89  ASN n 
1 90  GLU n 
1 91  ASP n 
1 92  ASP n 
1 93  SER n 
1 94  ASP n 
1 95  ILE n 
1 96  GLY n 
1 97  ARG n 
1 98  ALA n 
1 99  GLY n 
1 100 HIS n 
1 101 ASN n 
1 102 MET n 
1 103 ARG n 
1 104 LYS n 
1 105 TYR n 
1 106 PHE n 
1 107 GLU n 
1 108 LYS n 
1 109 LYS n 
1 110 TRP n 
1 111 THR n 
1 112 ASP n 
1 113 THR n 
1 114 PHE n 
1 115 LYS n 
# 
_entity_src_gen.entity_id                          1 
_entity_src_gen.pdbx_src_id                        1 
_entity_src_gen.pdbx_alt_source_flag               sample 
_entity_src_gen.pdbx_seq_type                      'Biological sequence' 
_entity_src_gen.pdbx_beg_seq_num                   1 
_entity_src_gen.pdbx_end_seq_num                   115 
_entity_src_gen.gene_src_common_name               Human 
_entity_src_gen.gene_src_genus                     ? 
_entity_src_gen.pdbx_gene_src_gene                 'BAZ2B, KIAA1476' 
_entity_src_gen.gene_src_species                   ? 
_entity_src_gen.gene_src_strain                    ? 
_entity_src_gen.gene_src_tissue                    ? 
_entity_src_gen.gene_src_tissue_fraction           ? 
_entity_src_gen.gene_src_details                   ? 
_entity_src_gen.pdbx_gene_src_fragment             ? 
_entity_src_gen.pdbx_gene_src_scientific_name      'Homo sapiens' 
_entity_src_gen.pdbx_gene_src_ncbi_taxonomy_id     9606 
_entity_src_gen.pdbx_gene_src_variant              ? 
_entity_src_gen.pdbx_gene_src_cell_line            ? 
_entity_src_gen.pdbx_gene_src_atcc                 ? 
_entity_src_gen.pdbx_gene_src_organ                ? 
_entity_src_gen.pdbx_gene_src_organelle            ? 
_entity_src_gen.pdbx_gene_src_cell                 ? 
_entity_src_gen.pdbx_gene_src_cellular_location    ? 
_entity_src_gen.host_org_common_name               ? 
_entity_src_gen.pdbx_host_org_scientific_name      'Escherichia coli' 
_entity_src_gen.pdbx_host_org_ncbi_taxonomy_id     562 
_entity_src_gen.host_org_genus                     ? 
_entity_src_gen.pdbx_host_org_gene                 ? 
_entity_src_gen.pdbx_host_org_organ                ? 
_entity_src_gen.host_org_species                   ? 
_entity_src_gen.pdbx_host_org_tissue               ? 
_entity_src_gen.pdbx_host_org_tissue_fraction      ? 
_entity_src_gen.pdbx_host_org_strain               ? 
_entity_src_gen.pdbx_host_org_variant              ? 
_entity_src_gen.pdbx_host_org_cell_line            ? 
_entity_src_gen.pdbx_host_org_atcc                 ? 
_entity_src_gen.pdbx_host_org_culture_collection   ? 
_entity_src_gen.pdbx_host_org_cell                 ? 
_entity_src_gen.pdbx_host_org_organelle            ? 
_entity_src_gen.pdbx_host_org_cellular_location    ? 
_entity_src_gen.pdbx_host_org_vector_type          plasmid 
_entity_src_gen.pdbx_host_org_vector               ? 
_entity_src_gen.host_org_details                   ? 
_entity_src_gen.expression_system_id               ? 
_entity_src_gen.plasmid_name                       pNIC28 
_entity_src_gen.plasmid_details                    ? 
_entity_src_gen.pdbx_description                   ? 
# 
loop_
_chem_comp.id 
_chem_comp.type 
_chem_comp.mon_nstd_flag 
_chem_comp.name 
_chem_comp.pdbx_synonyms 
_chem_comp.formula 
_chem_comp.formula_weight 
54Y non-polymer         . 5-chloro-N,1-dimethyl-1H-pyrazole-4-carboxamide ?                 'C6 H8 Cl N3 O'  173.600 
ALA 'L-peptide linking' y ALANINE                                         ?                 'C3 H7 N O2'     89.093  
ARG 'L-peptide linking' y ARGININE                                        ?                 'C6 H15 N4 O2 1' 175.209 
ASN 'L-peptide linking' y ASPARAGINE                                      ?                 'C4 H8 N2 O3'    132.118 
ASP 'L-peptide linking' y 'ASPARTIC ACID'                                 ?                 'C4 H7 N O4'     133.103 
CYS 'L-peptide linking' y CYSTEINE                                        ?                 'C3 H7 N O2 S'   121.158 
EDO non-polymer         . 1,2-ETHANEDIOL                                  'ETHYLENE GLYCOL' 'C2 H6 O2'       62.068  
GLN 'L-peptide linking' y GLUTAMINE                                       ?                 'C5 H10 N2 O3'   146.144 
GLU 'L-peptide linking' y 'GLUTAMIC ACID'                                 ?                 'C5 H9 N O4'     147.129 
GLY 'peptide linking'   y GLYCINE                                         ?                 'C2 H5 N O2'     75.067  
HIS 'L-peptide linking' y HISTIDINE                                       ?                 'C6 H10 N3 O2 1' 156.162 
HOH non-polymer         . WATER                                           ?                 'H2 O'           18.015  
ILE 'L-peptide linking' y ISOLEUCINE                                      ?                 'C6 H13 N O2'    131.173 
LEU 'L-peptide linking' y LEUCINE                                         ?                 'C6 H13 N O2'    131.173 
LYS 'L-peptide linking' y LYSINE                                          ?                 'C6 H15 N2 O2 1' 147.195 
MET 'L-peptide linking' y METHIONINE                                      ?                 'C5 H11 N O2 S'  149.211 
PHE 'L-peptide linking' y PHENYLALANINE                                   ?                 'C9 H11 N O2'    165.189 
PRO 'L-peptide linking' y PROLINE                                         ?                 'C5 H9 N O2'     115.130 
SER 'L-peptide linking' y SERINE                                          ?                 'C3 H7 N O3'     105.093 
THR 'L-peptide linking' y THREONINE                                       ?                 'C4 H9 N O3'     119.119 
TRP 'L-peptide linking' y TRYPTOPHAN                                      ?                 'C11 H12 N2 O2'  204.225 
TYR 'L-peptide linking' y TYROSINE                                        ?                 'C9 H11 N O3'    181.189 
VAL 'L-peptide linking' y VALINE                                          ?                 'C5 H11 N O2'    117.146 
# 
loop_
_pdbx_poly_seq_scheme.asym_id 
_pdbx_poly_seq_scheme.entity_id 
_pdbx_poly_seq_scheme.seq_id 
_pdbx_poly_seq_scheme.mon_id 
_pdbx_poly_seq_scheme.ndb_seq_num 
_pdbx_poly_seq_scheme.pdb_seq_num 
_pdbx_poly_seq_scheme.auth_seq_num 
_pdbx_poly_seq_scheme.pdb_mon_id 
_pdbx_poly_seq_scheme.auth_mon_id 
_pdbx_poly_seq_scheme.pdb_strand_id 
_pdbx_poly_seq_scheme.pdb_ins_code 
_pdbx_poly_seq_scheme.hetero 
A 1 1   SER 1   1856 1856 SER SER A . n 
A 1 2   MET 2   1857 1857 MET MET A . n 
A 1 3   SER 3   1858 1858 SER SER A . n 
A 1 4   VAL 4   1859 1859 VAL VAL A . n 
A 1 5   LYS 5   1860 1860 LYS LYS A . n 
A 1 6   LYS 6   1861 1861 LYS LYS A . n 
A 1 7   PRO 7   1862 1862 PRO PRO A . n 
A 1 8   LYS 8   1863 1863 LYS LYS A . n 
A 1 9   ARG 9   1864 1864 ARG ARG A . n 
A 1 10  ASP 10  1865 1865 ASP ASP A . n 
A 1 11  ASP 11  1866 1866 ASP ASP A . n 
A 1 12  SER 12  1867 1867 SER SER A . n 
A 1 13  LYS 13  1868 1868 LYS LYS A . n 
A 1 14  ASP 14  1869 1869 ASP ASP A . n 
A 1 15  LEU 15  1870 1870 LEU LEU A . n 
A 1 16  ALA 16  1871 1871 ALA ALA A . n 
A 1 17  LEU 17  1872 1872 LEU LEU A . n 
A 1 18  CYS 18  1873 1873 CYS CYS A . n 
A 1 19  SER 19  1874 1874 SER SER A . n 
A 1 20  MET 20  1875 1875 MET MET A . n 
A 1 21  ILE 21  1876 1876 ILE ILE A . n 
A 1 22  LEU 22  1877 1877 LEU LEU A . n 
A 1 23  THR 23  1878 1878 THR THR A . n 
A 1 24  GLU 24  1879 1879 GLU GLU A . n 
A 1 25  MET 25  1880 1880 MET MET A . n 
A 1 26  GLU 26  1881 1881 GLU GLU A . n 
A 1 27  THR 27  1882 1882 THR THR A . n 
A 1 28  HIS 28  1883 1883 HIS HIS A . n 
A 1 29  GLU 29  1884 1884 GLU GLU A . n 
A 1 30  ASP 30  1885 1885 ASP ASP A . n 
A 1 31  ALA 31  1886 1886 ALA ALA A . n 
A 1 32  TRP 32  1887 1887 TRP TRP A . n 
A 1 33  PRO 33  1888 1888 PRO PRO A . n 
A 1 34  PHE 34  1889 1889 PHE PHE A . n 
A 1 35  LEU 35  1890 1890 LEU LEU A . n 
A 1 36  LEU 36  1891 1891 LEU LEU A . n 
A 1 37  PRO 37  1892 1892 PRO PRO A . n 
A 1 38  VAL 38  1893 1893 VAL VAL A . n 
A 1 39  ASN 39  1894 1894 ASN ASN A . n 
A 1 40  LEU 40  1895 1895 LEU LEU A . n 
A 1 41  LYS 41  1896 1896 LYS LYS A . n 
A 1 42  LEU 42  1897 1897 LEU LEU A . n 
A 1 43  VAL 43  1898 1898 VAL VAL A . n 
A 1 44  PRO 44  1899 1899 PRO PRO A . n 
A 1 45  GLY 45  1900 1900 GLY GLY A . n 
A 1 46  TYR 46  1901 1901 TYR TYR A . n 
A 1 47  LYS 47  1902 1902 LYS LYS A . n 
A 1 48  LYS 48  1903 1903 LYS LYS A . n 
A 1 49  VAL 49  1904 1904 VAL VAL A . n 
A 1 50  ILE 50  1905 1905 ILE ILE A . n 
A 1 51  LYS 51  1906 1906 LYS LYS A . n 
A 1 52  LYS 52  1907 1907 LYS LYS A . n 
A 1 53  PRO 53  1908 1908 PRO PRO A . n 
A 1 54  MET 54  1909 1909 MET MET A . n 
A 1 55  ASP 55  1910 1910 ASP ASP A . n 
A 1 56  PHE 56  1911 1911 PHE PHE A . n 
A 1 57  SER 57  1912 1912 SER SER A . n 
A 1 58  THR 58  1913 1913 THR THR A . n 
A 1 59  ILE 59  1914 1914 ILE ILE A . n 
A 1 60  ARG 60  1915 1915 ARG ARG A . n 
A 1 61  GLU 61  1916 1916 GLU GLU A . n 
A 1 62  LYS 62  1917 1917 LYS LYS A . n 
A 1 63  LEU 63  1918 1918 LEU LEU A . n 
A 1 64  SER 64  1919 1919 SER SER A . n 
A 1 65  SER 65  1920 1920 SER SER A . n 
A 1 66  GLY 66  1921 1921 GLY GLY A . n 
A 1 67  GLN 67  1922 1922 GLN GLN A . n 
A 1 68  TYR 68  1923 1923 TYR TYR A . n 
A 1 69  PRO 69  1924 1924 PRO PRO A . n 
A 1 70  ASN 70  1925 1925 ASN ASN A . n 
A 1 71  LEU 71  1926 1926 LEU LEU A . n 
A 1 72  GLU 72  1927 1927 GLU GLU A . n 
A 1 73  THR 73  1928 1928 THR THR A . n 
A 1 74  PHE 74  1929 1929 PHE PHE A . n 
A 1 75  ALA 75  1930 1930 ALA ALA A . n 
A 1 76  LEU 76  1931 1931 LEU LEU A . n 
A 1 77  ASP 77  1932 1932 ASP ASP A . n 
A 1 78  VAL 78  1933 1933 VAL VAL A . n 
A 1 79  ARG 79  1934 1934 ARG ARG A . n 
A 1 80  LEU 80  1935 1935 LEU LEU A . n 
A 1 81  VAL 81  1936 1936 VAL VAL A . n 
A 1 82  PHE 82  1937 1937 PHE PHE A . n 
A 1 83  ASP 83  1938 1938 ASP ASP A . n 
A 1 84  ASN 84  1939 1939 ASN ASN A . n 
A 1 85  CYS 85  1940 1940 CYS CYS A . n 
A 1 86  GLU 86  1941 1941 GLU GLU A . n 
A 1 87  THR 87  1942 1942 THR THR A . n 
A 1 88  PHE 88  1943 1943 PHE PHE A . n 
A 1 89  ASN 89  1944 1944 ASN ASN A . n 
A 1 90  GLU 90  1945 1945 GLU GLU A . n 
A 1 91  ASP 91  1946 1946 ASP ASP A . n 
A 1 92  ASP 92  1947 1947 ASP ASP A . n 
A 1 93  SER 93  1948 1948 SER SER A . n 
A 1 94  ASP 94  1949 1949 ASP ASP A . n 
A 1 95  ILE 95  1950 1950 ILE ILE A . n 
A 1 96  GLY 96  1951 1951 GLY GLY A . n 
A 1 97  ARG 97  1952 1952 ARG ARG A . n 
A 1 98  ALA 98  1953 1953 ALA ALA A . n 
A 1 99  GLY 99  1954 1954 GLY GLY A . n 
A 1 100 HIS 100 1955 1955 HIS HIS A . n 
A 1 101 ASN 101 1956 1956 ASN ASN A . n 
A 1 102 MET 102 1957 1957 MET MET A . n 
A 1 103 ARG 103 1958 1958 ARG ARG A . n 
A 1 104 LYS 104 1959 1959 LYS LYS A . n 
A 1 105 TYR 105 1960 1960 TYR TYR A . n 
A 1 106 PHE 106 1961 1961 PHE PHE A . n 
A 1 107 GLU 107 1962 1962 GLU GLU A . n 
A 1 108 LYS 108 1963 1963 LYS LYS A . n 
A 1 109 LYS 109 1964 1964 LYS LYS A . n 
A 1 110 TRP 110 1965 1965 TRP TRP A . n 
A 1 111 THR 111 1966 1966 THR THR A . n 
A 1 112 ASP 112 1967 1967 ASP ASP A . n 
A 1 113 THR 113 1968 1968 THR THR A . n 
A 1 114 PHE 114 1969 1969 PHE PHE A . n 
A 1 115 LYS 115 1970 1970 LYS LYS A . n 
# 
loop_
_pdbx_nonpoly_scheme.asym_id 
_pdbx_nonpoly_scheme.entity_id 
_pdbx_nonpoly_scheme.mon_id 
_pdbx_nonpoly_scheme.ndb_seq_num 
_pdbx_nonpoly_scheme.pdb_seq_num 
_pdbx_nonpoly_scheme.auth_seq_num 
_pdbx_nonpoly_scheme.pdb_mon_id 
_pdbx_nonpoly_scheme.auth_mon_id 
_pdbx_nonpoly_scheme.pdb_strand_id 
_pdbx_nonpoly_scheme.pdb_ins_code 
B 2 54Y 1   2001 1   54Y LIG A . 
C 3 EDO 1   2002 1   EDO EDO A . 
D 4 HOH 1   2101 105 HOH HOH A . 
D 4 HOH 2   2102 97  HOH HOH A . 
D 4 HOH 3   2103 93  HOH HOH A . 
D 4 HOH 4   2104 34  HOH HOH A . 
D 4 HOH 5   2105 112 HOH HOH A . 
D 4 HOH 6   2106 140 HOH HOH A . 
D 4 HOH 7   2107 20  HOH HOH A . 
D 4 HOH 8   2108 133 HOH HOH A . 
D 4 HOH 9   2109 91  HOH HOH A . 
D 4 HOH 10  2110 102 HOH HOH A . 
D 4 HOH 11  2111 2   HOH HOH A . 
D 4 HOH 12  2112 37  HOH HOH A . 
D 4 HOH 13  2113 35  HOH HOH A . 
D 4 HOH 14  2114 36  HOH HOH A . 
D 4 HOH 15  2115 108 HOH HOH A . 
D 4 HOH 16  2116 71  HOH HOH A . 
D 4 HOH 17  2117 22  HOH HOH A . 
D 4 HOH 18  2118 29  HOH HOH A . 
D 4 HOH 19  2119 32  HOH HOH A . 
D 4 HOH 20  2120 44  HOH HOH A . 
D 4 HOH 21  2121 132 HOH HOH A . 
D 4 HOH 22  2122 43  HOH HOH A . 
D 4 HOH 23  2123 5   HOH HOH A . 
D 4 HOH 24  2124 70  HOH HOH A . 
D 4 HOH 25  2125 99  HOH HOH A . 
D 4 HOH 26  2126 27  HOH HOH A . 
D 4 HOH 27  2127 6   HOH HOH A . 
D 4 HOH 28  2128 67  HOH HOH A . 
D 4 HOH 29  2129 23  HOH HOH A . 
D 4 HOH 30  2130 26  HOH HOH A . 
D 4 HOH 31  2131 14  HOH HOH A . 
D 4 HOH 32  2132 19  HOH HOH A . 
D 4 HOH 33  2133 12  HOH HOH A . 
D 4 HOH 34  2134 8   HOH HOH A . 
D 4 HOH 35  2135 58  HOH HOH A . 
D 4 HOH 36  2136 49  HOH HOH A . 
D 4 HOH 37  2137 128 HOH HOH A . 
D 4 HOH 38  2138 65  HOH HOH A . 
D 4 HOH 39  2139 33  HOH HOH A . 
D 4 HOH 40  2140 101 HOH HOH A . 
D 4 HOH 41  2141 9   HOH HOH A . 
D 4 HOH 42  2142 25  HOH HOH A . 
D 4 HOH 43  2143 41  HOH HOH A . 
D 4 HOH 44  2144 60  HOH HOH A . 
D 4 HOH 45  2145 38  HOH HOH A . 
D 4 HOH 46  2146 24  HOH HOH A . 
D 4 HOH 47  2147 82  HOH HOH A . 
D 4 HOH 48  2148 87  HOH HOH A . 
D 4 HOH 49  2149 155 HOH HOH A . 
D 4 HOH 50  2150 90  HOH HOH A . 
D 4 HOH 51  2151 69  HOH HOH A . 
D 4 HOH 52  2152 11  HOH HOH A . 
D 4 HOH 53  2153 120 HOH HOH A . 
D 4 HOH 54  2154 73  HOH HOH A . 
D 4 HOH 55  2155 18  HOH HOH A . 
D 4 HOH 56  2156 39  HOH HOH A . 
D 4 HOH 57  2157 79  HOH HOH A . 
D 4 HOH 58  2158 78  HOH HOH A . 
D 4 HOH 59  2159 62  HOH HOH A . 
D 4 HOH 60  2160 74  HOH HOH A . 
D 4 HOH 61  2161 137 HOH HOH A . 
D 4 HOH 62  2162 15  HOH HOH A . 
D 4 HOH 63  2163 50  HOH HOH A . 
D 4 HOH 64  2164 4   HOH HOH A . 
D 4 HOH 65  2165 13  HOH HOH A . 
D 4 HOH 66  2166 121 HOH HOH A . 
D 4 HOH 67  2167 17  HOH HOH A . 
D 4 HOH 68  2168 80  HOH HOH A . 
D 4 HOH 69  2169 147 HOH HOH A . 
D 4 HOH 70  2170 1   HOH HOH A . 
D 4 HOH 71  2171 98  HOH HOH A . 
D 4 HOH 72  2172 3   HOH HOH A . 
D 4 HOH 73  2173 7   HOH HOH A . 
D 4 HOH 74  2174 42  HOH HOH A . 
D 4 HOH 75  2175 75  HOH HOH A . 
D 4 HOH 76  2176 51  HOH HOH A . 
D 4 HOH 77  2177 153 HOH HOH A . 
D 4 HOH 78  2178 54  HOH HOH A . 
D 4 HOH 79  2179 56  HOH HOH A . 
D 4 HOH 80  2180 21  HOH HOH A . 
D 4 HOH 81  2181 86  HOH HOH A . 
D 4 HOH 82  2182 172 HOH HOH A . 
D 4 HOH 83  2183 96  HOH HOH A . 
D 4 HOH 84  2184 111 HOH HOH A . 
D 4 HOH 85  2185 92  HOH HOH A . 
D 4 HOH 86  2186 81  HOH HOH A . 
D 4 HOH 87  2187 72  HOH HOH A . 
D 4 HOH 88  2188 84  HOH HOH A . 
D 4 HOH 89  2189 61  HOH HOH A . 
D 4 HOH 90  2190 47  HOH HOH A . 
D 4 HOH 91  2191 94  HOH HOH A . 
D 4 HOH 92  2192 123 HOH HOH A . 
D 4 HOH 93  2193 89  HOH HOH A . 
D 4 HOH 94  2194 142 HOH HOH A . 
D 4 HOH 95  2195 53  HOH HOH A . 
D 4 HOH 96  2196 162 HOH HOH A . 
D 4 HOH 97  2197 16  HOH HOH A . 
D 4 HOH 98  2198 28  HOH HOH A . 
D 4 HOH 99  2199 134 HOH HOH A . 
D 4 HOH 100 2200 127 HOH HOH A . 
D 4 HOH 101 2201 113 HOH HOH A . 
D 4 HOH 102 2202 164 HOH HOH A . 
D 4 HOH 103 2203 10  HOH HOH A . 
D 4 HOH 104 2204 31  HOH HOH A . 
D 4 HOH 105 2205 59  HOH HOH A . 
D 4 HOH 106 2206 150 HOH HOH A . 
D 4 HOH 107 2207 48  HOH HOH A . 
D 4 HOH 108 2208 95  HOH HOH A . 
D 4 HOH 109 2209 46  HOH HOH A . 
D 4 HOH 110 2210 143 HOH HOH A . 
D 4 HOH 111 2211 103 HOH HOH A . 
D 4 HOH 112 2212 151 HOH HOH A . 
D 4 HOH 113 2213 144 HOH HOH A . 
D 4 HOH 114 2214 149 HOH HOH A . 
D 4 HOH 115 2215 156 HOH HOH A . 
D 4 HOH 116 2216 122 HOH HOH A . 
D 4 HOH 117 2217 138 HOH HOH A . 
D 4 HOH 118 2218 66  HOH HOH A . 
D 4 HOH 119 2219 170 HOH HOH A . 
D 4 HOH 120 2220 135 HOH HOH A . 
D 4 HOH 121 2221 119 HOH HOH A . 
D 4 HOH 122 2222 107 HOH HOH A . 
D 4 HOH 123 2223 141 HOH HOH A . 
D 4 HOH 124 2224 154 HOH HOH A . 
D 4 HOH 125 2225 131 HOH HOH A . 
D 4 HOH 126 2226 40  HOH HOH A . 
D 4 HOH 127 2227 30  HOH HOH A . 
D 4 HOH 128 2228 130 HOH HOH A . 
D 4 HOH 129 2229 100 HOH HOH A . 
D 4 HOH 130 2230 63  HOH HOH A . 
D 4 HOH 131 2231 57  HOH HOH A . 
D 4 HOH 132 2232 45  HOH HOH A . 
D 4 HOH 133 2233 116 HOH HOH A . 
D 4 HOH 134 2234 68  HOH HOH A . 
D 4 HOH 135 2235 136 HOH HOH A . 
D 4 HOH 136 2236 125 HOH HOH A . 
D 4 HOH 137 2237 106 HOH HOH A . 
D 4 HOH 138 2238 114 HOH HOH A . 
D 4 HOH 139 2239 157 HOH HOH A . 
D 4 HOH 140 2240 55  HOH HOH A . 
D 4 HOH 141 2241 158 HOH HOH A . 
D 4 HOH 142 2242 167 HOH HOH A . 
D 4 HOH 143 2243 104 HOH HOH A . 
D 4 HOH 144 2244 85  HOH HOH A . 
D 4 HOH 145 2245 165 HOH HOH A . 
D 4 HOH 146 2246 145 HOH HOH A . 
D 4 HOH 147 2247 148 HOH HOH A . 
D 4 HOH 148 2248 88  HOH HOH A . 
D 4 HOH 149 2249 77  HOH HOH A . 
D 4 HOH 150 2250 126 HOH HOH A . 
D 4 HOH 151 2251 115 HOH HOH A . 
D 4 HOH 152 2252 152 HOH HOH A . 
D 4 HOH 153 2253 124 HOH HOH A . 
D 4 HOH 154 2254 52  HOH HOH A . 
D 4 HOH 155 2255 171 HOH HOH A . 
D 4 HOH 156 2256 76  HOH HOH A . 
D 4 HOH 157 2257 168 HOH HOH A . 
D 4 HOH 158 2258 169 HOH HOH A . 
D 4 HOH 159 2259 117 HOH HOH A . 
D 4 HOH 160 2260 139 HOH HOH A . 
D 4 HOH 161 2261 146 HOH HOH A . 
D 4 HOH 162 2262 161 HOH HOH A . 
D 4 HOH 163 2263 163 HOH HOH A . 
D 4 HOH 164 2264 109 HOH HOH A . 
D 4 HOH 165 2265 118 HOH HOH A . 
D 4 HOH 166 2266 83  HOH HOH A . 
D 4 HOH 167 2267 64  HOH HOH A . 
D 4 HOH 168 2268 160 HOH HOH A . 
D 4 HOH 169 2269 110 HOH HOH A . 
D 4 HOH 170 2270 166 HOH HOH A . 
D 4 HOH 171 2271 129 HOH HOH A . 
D 4 HOH 172 2272 159 HOH HOH A . 
# 
loop_
_pdbx_unobs_or_zero_occ_atoms.id 
_pdbx_unobs_or_zero_occ_atoms.PDB_model_num 
_pdbx_unobs_or_zero_occ_atoms.polymer_flag 
_pdbx_unobs_or_zero_occ_atoms.occupancy_flag 
_pdbx_unobs_or_zero_occ_atoms.auth_asym_id 
_pdbx_unobs_or_zero_occ_atoms.auth_comp_id 
_pdbx_unobs_or_zero_occ_atoms.auth_seq_id 
_pdbx_unobs_or_zero_occ_atoms.PDB_ins_code 
_pdbx_unobs_or_zero_occ_atoms.auth_atom_id 
_pdbx_unobs_or_zero_occ_atoms.label_alt_id 
_pdbx_unobs_or_zero_occ_atoms.label_asym_id 
_pdbx_unobs_or_zero_occ_atoms.label_comp_id 
_pdbx_unobs_or_zero_occ_atoms.label_seq_id 
_pdbx_unobs_or_zero_occ_atoms.label_atom_id 
1  1 Y 1 A LYS 1863 ? CG  ? A LYS 8   CG  
2  1 Y 1 A LYS 1863 ? CD  ? A LYS 8   CD  
3  1 Y 1 A LYS 1863 ? CE  ? A LYS 8   CE  
4  1 Y 1 A LYS 1863 ? NZ  ? A LYS 8   NZ  
5  1 Y 1 A LYS 1868 ? CE  ? A LYS 13  CE  
6  1 Y 1 A LYS 1868 ? NZ  ? A LYS 13  NZ  
7  1 Y 1 A GLU 1927 ? CD  ? A GLU 72  CD  
8  1 Y 1 A GLU 1927 ? OE1 ? A GLU 72  OE1 
9  1 Y 1 A GLU 1927 ? OE2 ? A GLU 72  OE2 
10 1 Y 1 A LYS 1970 ? CG  ? A LYS 115 CG  
11 1 Y 1 A LYS 1970 ? CD  ? A LYS 115 CD  
12 1 Y 1 A LYS 1970 ? CE  ? A LYS 115 CE  
13 1 Y 1 A LYS 1970 ? NZ  ? A LYS 115 NZ  
# 
loop_
_software.citation_id 
_software.classification 
_software.compiler_name 
_software.compiler_version 
_software.contact_author 
_software.contact_author_email 
_software.date 
_software.description 
_software.dependencies 
_software.hardware 
_software.language 
_software.location 
_software.mods 
_software.name 
_software.os 
_software.os_version 
_software.type 
_software.version 
_software.pdbx_ordinal 
? 'data scaling'    ? ? ? ? ? ? ? ? ? ? ? Aimless     ? ? ? 0.2.17 1 
? refinement        ? ? ? ? ? ? ? ? ? ? ? PHENIX      ? ? ? .      2 
? 'data extraction' ? ? ? ? ? ? ? ? ? ? ? PDB_EXTRACT ? ? ? 3.15   3 
# 
_cell.angle_alpha                  90.000 
_cell.angle_alpha_esd              ? 
_cell.angle_beta                   90.000 
_cell.angle_beta_esd               ? 
_cell.angle_gamma                  90.000 
_cell.angle_gamma_esd              ? 
_cell.entry_id                     5CUE 
_cell.details                      ? 
_cell.formula_units_Z              ? 
_cell.length_a                     82.480 
_cell.length_a_esd                 ? 
_cell.length_b                     96.990 
_cell.length_b_esd                 ? 
_cell.length_c                     58.200 
_cell.length_c_esd                 ? 
_cell.volume                       ? 
_cell.volume_esd                   ? 
_cell.Z_PDB                        8 
_cell.reciprocal_angle_alpha       ? 
_cell.reciprocal_angle_beta        ? 
_cell.reciprocal_angle_gamma       ? 
_cell.reciprocal_angle_alpha_esd   ? 
_cell.reciprocal_angle_beta_esd    ? 
_cell.reciprocal_angle_gamma_esd   ? 
_cell.reciprocal_length_a          ? 
_cell.reciprocal_length_b          ? 
_cell.reciprocal_length_c          ? 
_cell.reciprocal_length_a_esd      ? 
_cell.reciprocal_length_b_esd      ? 
_cell.reciprocal_length_c_esd      ? 
_cell.pdbx_unique_axis             ? 
# 
_symmetry.entry_id                         5CUE 
_symmetry.cell_setting                     ? 
_symmetry.Int_Tables_number                20 
_symmetry.space_group_name_Hall            ? 
_symmetry.space_group_name_H-M             'C 2 2 21' 
_symmetry.pdbx_full_space_group_name_H-M   ? 
# 
_exptl.absorpt_coefficient_mu     ? 
_exptl.absorpt_correction_T_max   ? 
_exptl.absorpt_correction_T_min   ? 
_exptl.absorpt_correction_type    ? 
_exptl.absorpt_process_details    ? 
_exptl.entry_id                   5CUE 
_exptl.crystals_number            1 
_exptl.details                    ? 
_exptl.method                     'X-RAY DIFFRACTION' 
_exptl.method_details             ? 
# 
_exptl_crystal.colour                      ? 
_exptl_crystal.density_diffrn              ? 
_exptl_crystal.density_Matthews            4.53 
_exptl_crystal.density_method              ? 
_exptl_crystal.density_percent_sol         72.87 
_exptl_crystal.description                 ? 
_exptl_crystal.F_000                       ? 
_exptl_crystal.id                          1 
_exptl_crystal.preparation                 ? 
_exptl_crystal.size_max                    ? 
_exptl_crystal.size_mid                    ? 
_exptl_crystal.size_min                    ? 
_exptl_crystal.size_rad                    ? 
_exptl_crystal.colour_lustre               ? 
_exptl_crystal.colour_modifier             ? 
_exptl_crystal.colour_primary              ? 
_exptl_crystal.density_meas                ? 
_exptl_crystal.density_meas_esd            ? 
_exptl_crystal.density_meas_gt             ? 
_exptl_crystal.density_meas_lt             ? 
_exptl_crystal.density_meas_temp           ? 
_exptl_crystal.density_meas_temp_esd       ? 
_exptl_crystal.density_meas_temp_gt        ? 
_exptl_crystal.density_meas_temp_lt        ? 
_exptl_crystal.pdbx_crystal_image_url      ? 
_exptl_crystal.pdbx_crystal_image_format   ? 
_exptl_crystal.pdbx_mosaicity              ? 
_exptl_crystal.pdbx_mosaicity_esd          ? 
# 
_exptl_crystal_grow.apparatus       ? 
_exptl_crystal_grow.atmosphere      ? 
_exptl_crystal_grow.crystal_id      1 
_exptl_crystal_grow.details         ? 
_exptl_crystal_grow.method          'VAPOR DIFFUSION, SITTING DROP' 
_exptl_crystal_grow.method_ref      ? 
_exptl_crystal_grow.pH              6.0 
_exptl_crystal_grow.pressure        ? 
_exptl_crystal_grow.pressure_esd    ? 
_exptl_crystal_grow.seeding         ? 
_exptl_crystal_grow.seeding_ref     ? 
_exptl_crystal_grow.temp            277 
_exptl_crystal_grow.temp_details    ? 
_exptl_crystal_grow.temp_esd        ? 
_exptl_crystal_grow.time            ? 
_exptl_crystal_grow.pdbx_details    '20% PEG6000, 10% ethylene glycol, 0.1M MES pH 6.0, 0.1M calcium chloride' 
_exptl_crystal_grow.pdbx_pH_range   ? 
# 
_diffrn.ambient_environment    ? 
_diffrn.ambient_temp           100 
_diffrn.ambient_temp_details   ? 
_diffrn.ambient_temp_esd       ? 
_diffrn.crystal_id             1 
_diffrn.crystal_support        ? 
_diffrn.crystal_treatment      ? 
_diffrn.details                ? 
_diffrn.id                     1 
_diffrn.ambient_pressure       ? 
_diffrn.ambient_pressure_esd   ? 
_diffrn.ambient_pressure_gt    ? 
_diffrn.ambient_pressure_lt    ? 
_diffrn.ambient_temp_gt        ? 
_diffrn.ambient_temp_lt        ? 
# 
_diffrn_detector.details                      ? 
_diffrn_detector.detector                     PIXEL 
_diffrn_detector.diffrn_id                    1 
_diffrn_detector.type                         'PSI PILATUS 6M' 
_diffrn_detector.area_resol_mean              ? 
_diffrn_detector.dtime                        ? 
_diffrn_detector.pdbx_frames_total            ? 
_diffrn_detector.pdbx_collection_time_total   ? 
_diffrn_detector.pdbx_collection_date         2014-05-20 
# 
_diffrn_radiation.collimation                      ? 
_diffrn_radiation.diffrn_id                        1 
_diffrn_radiation.filter_edge                      ? 
_diffrn_radiation.inhomogeneity                    ? 
_diffrn_radiation.monochromator                    ? 
_diffrn_radiation.polarisn_norm                    ? 
_diffrn_radiation.polarisn_ratio                   ? 
_diffrn_radiation.probe                            ? 
_diffrn_radiation.type                             ? 
_diffrn_radiation.xray_symbol                      ? 
_diffrn_radiation.wavelength_id                    1 
_diffrn_radiation.pdbx_monochromatic_or_laue_m_l   M 
_diffrn_radiation.pdbx_wavelength_list             ? 
_diffrn_radiation.pdbx_wavelength                  ? 
_diffrn_radiation.pdbx_diffrn_protocol             'SINGLE WAVELENGTH' 
_diffrn_radiation.pdbx_analyzer                    ? 
_diffrn_radiation.pdbx_scattering_type             x-ray 
# 
_diffrn_radiation_wavelength.id           1 
_diffrn_radiation_wavelength.wavelength   0.92001 
_diffrn_radiation_wavelength.wt           1.0 
# 
_diffrn_source.current                     ? 
_diffrn_source.details                     ? 
_diffrn_source.diffrn_id                   1 
_diffrn_source.power                       ? 
_diffrn_source.size                        ? 
_diffrn_source.source                      SYNCHROTRON 
_diffrn_source.target                      ? 
_diffrn_source.type                        'DIAMOND BEAMLINE I04-1' 
_diffrn_source.voltage                     ? 
_diffrn_source.take-off_angle              ? 
_diffrn_source.pdbx_wavelength_list        0.92001 
_diffrn_source.pdbx_wavelength             ? 
_diffrn_source.pdbx_synchrotron_beamline   I04-1 
_diffrn_source.pdbx_synchrotron_site       Diamond 
# 
_reflns.B_iso_Wilson_estimate            ? 
_reflns.entry_id                         5CUE 
_reflns.data_reduction_details           ? 
_reflns.data_reduction_method            ? 
_reflns.d_resolution_high                2.080 
_reflns.d_resolution_low                 42.700 
_reflns.details                          ? 
_reflns.limit_h_max                      ? 
_reflns.limit_h_min                      ? 
_reflns.limit_k_max                      ? 
_reflns.limit_k_min                      ? 
_reflns.limit_l_max                      ? 
_reflns.limit_l_min                      ? 
_reflns.number_all                       ? 
_reflns.number_obs                       14239 
_reflns.observed_criterion               ? 
_reflns.observed_criterion_F_max         ? 
_reflns.observed_criterion_F_min         ? 
_reflns.observed_criterion_I_max         ? 
_reflns.observed_criterion_I_min         ? 
_reflns.observed_criterion_sigma_F       ? 
_reflns.observed_criterion_sigma_I       ? 
_reflns.percent_possible_obs             99.100 
_reflns.R_free_details                   ? 
_reflns.Rmerge_F_all                     ? 
_reflns.Rmerge_F_obs                     ? 
_reflns.Friedel_coverage                 ? 
_reflns.number_gt                        ? 
_reflns.threshold_expression             ? 
_reflns.pdbx_redundancy                  6.500 
_reflns.pdbx_Rmerge_I_obs                0.112 
_reflns.pdbx_Rmerge_I_all                ? 
_reflns.pdbx_Rsym_value                  ? 
_reflns.pdbx_netI_over_av_sigmaI         ? 
_reflns.pdbx_netI_over_sigmaI            11.100 
_reflns.pdbx_res_netI_over_av_sigmaI_2   ? 
_reflns.pdbx_res_netI_over_sigmaI_2      ? 
_reflns.pdbx_chi_squared                 ? 
_reflns.pdbx_scaling_rejects             ? 
_reflns.pdbx_d_res_high_opt              ? 
_reflns.pdbx_d_res_low_opt               ? 
_reflns.pdbx_d_res_opt_method            ? 
_reflns.phase_calculation_details        ? 
_reflns.pdbx_Rrim_I_all                  ? 
_reflns.pdbx_Rpim_I_all                  0.047 
_reflns.pdbx_d_opt                       ? 
_reflns.pdbx_number_measured_all         92813 
_reflns.pdbx_diffrn_id                   1 
_reflns.pdbx_ordinal                     1 
_reflns.pdbx_CC_half                     0.998 
_reflns.pdbx_R_split                     ? 
# 
loop_
_reflns_shell.d_res_high 
_reflns_shell.d_res_low 
_reflns_shell.meanI_over_sigI_all 
_reflns_shell.meanI_over_sigI_obs 
_reflns_shell.number_measured_all 
_reflns_shell.number_measured_obs 
_reflns_shell.number_possible 
_reflns_shell.number_unique_all 
_reflns_shell.number_unique_obs 
_reflns_shell.percent_possible_all 
_reflns_shell.percent_possible_obs 
_reflns_shell.Rmerge_F_all 
_reflns_shell.Rmerge_F_obs 
_reflns_shell.Rmerge_I_all 
_reflns_shell.Rmerge_I_obs 
_reflns_shell.meanI_over_sigI_gt 
_reflns_shell.meanI_over_uI_all 
_reflns_shell.meanI_over_uI_gt 
_reflns_shell.number_measured_gt 
_reflns_shell.number_unique_gt 
_reflns_shell.percent_possible_gt 
_reflns_shell.Rmerge_F_gt 
_reflns_shell.Rmerge_I_gt 
_reflns_shell.pdbx_redundancy 
_reflns_shell.pdbx_Rsym_value 
_reflns_shell.pdbx_chi_squared 
_reflns_shell.pdbx_netI_over_sigmaI_all 
_reflns_shell.pdbx_netI_over_sigmaI_obs 
_reflns_shell.pdbx_Rrim_I_all 
_reflns_shell.pdbx_Rpim_I_all 
_reflns_shell.pdbx_rejects 
_reflns_shell.pdbx_ordinal 
_reflns_shell.pdbx_diffrn_id 
_reflns_shell.pdbx_CC_half 
_reflns_shell.pdbx_R_split 
2.080 2.130  ? 2.700  6808 ? ? 1038 ? 99.600 ? ? ? ? 0.672 ? ? ? ? ? ? ? ? 6.600 ? ? ? ? ? 0.280 0 1 1 0.886 ? 
9.300 42.700 ? 25.200 1153 ? ? 195  ? 99.300 ? ? ? ? 0.066 ? ? ? ? ? ? ? ? 5.900 ? ? ? ? ? 0.028 0 2 1 0.999 ? 
# 
_refine.aniso_B[1][1]                            ? 
_refine.aniso_B[1][2]                            ? 
_refine.aniso_B[1][3]                            ? 
_refine.aniso_B[2][2]                            ? 
_refine.aniso_B[2][3]                            ? 
_refine.aniso_B[3][3]                            ? 
_refine.B_iso_max                                71.880 
_refine.B_iso_mean                               32.8748 
_refine.B_iso_min                                16.550 
_refine.correlation_coeff_Fo_to_Fc               ? 
_refine.correlation_coeff_Fo_to_Fc_free          ? 
_refine.details                                  ? 
_refine.diff_density_max                         ? 
_refine.diff_density_max_esd                     ? 
_refine.diff_density_min                         ? 
_refine.diff_density_min_esd                     ? 
_refine.diff_density_rms                         ? 
_refine.diff_density_rms_esd                     ? 
_refine.entry_id                                 5CUE 
_refine.pdbx_refine_id                           'X-RAY DIFFRACTION' 
_refine.ls_abs_structure_details                 ? 
_refine.ls_abs_structure_Flack                   ? 
_refine.ls_abs_structure_Flack_esd               ? 
_refine.ls_abs_structure_Rogers                  ? 
_refine.ls_abs_structure_Rogers_esd              ? 
_refine.ls_d_res_high                            2.0800 
_refine.ls_d_res_low                             42.6970 
_refine.ls_extinction_coef                       ? 
_refine.ls_extinction_coef_esd                   ? 
_refine.ls_extinction_expression                 ? 
_refine.ls_extinction_method                     ? 
_refine.ls_goodness_of_fit_all                   ? 
_refine.ls_goodness_of_fit_all_esd               ? 
_refine.ls_goodness_of_fit_obs                   ? 
_refine.ls_goodness_of_fit_obs_esd               ? 
_refine.ls_hydrogen_treatment                    ? 
_refine.ls_matrix_type                           ? 
_refine.ls_number_constraints                    ? 
_refine.ls_number_parameters                     ? 
_refine.ls_number_reflns_all                     ? 
_refine.ls_number_reflns_obs                     14226 
_refine.ls_number_reflns_R_free                  713 
_refine.ls_number_reflns_R_work                  ? 
_refine.ls_number_restraints                     ? 
_refine.ls_percent_reflns_obs                    98.9100 
_refine.ls_percent_reflns_R_free                 5.0100 
_refine.ls_R_factor_all                          ? 
_refine.ls_R_factor_obs                          0.1857 
_refine.ls_R_factor_R_free                       0.2151 
_refine.ls_R_factor_R_free_error                 ? 
_refine.ls_R_factor_R_free_error_details         ? 
_refine.ls_R_factor_R_work                       0.1842 
_refine.ls_R_Fsqd_factor_obs                     ? 
_refine.ls_R_I_factor_obs                        ? 
_refine.ls_redundancy_reflns_all                 ? 
_refine.ls_redundancy_reflns_obs                 ? 
_refine.ls_restrained_S_all                      ? 
_refine.ls_restrained_S_obs                      ? 
_refine.ls_shift_over_esd_max                    ? 
_refine.ls_shift_over_esd_mean                   ? 
_refine.ls_structure_factor_coef                 ? 
_refine.ls_weighting_details                     ? 
_refine.ls_weighting_scheme                      ? 
_refine.ls_wR_factor_all                         ? 
_refine.ls_wR_factor_obs                         ? 
_refine.ls_wR_factor_R_free                      ? 
_refine.ls_wR_factor_R_work                      ? 
_refine.occupancy_max                            ? 
_refine.occupancy_min                            ? 
_refine.solvent_model_details                    'FLAT BULK SOLVENT MODEL' 
_refine.solvent_model_param_bsol                 ? 
_refine.solvent_model_param_ksol                 ? 
_refine.ls_R_factor_gt                           ? 
_refine.ls_goodness_of_fit_gt                    ? 
_refine.ls_goodness_of_fit_ref                   ? 
_refine.ls_shift_over_su_max                     ? 
_refine.ls_shift_over_su_max_lt                  ? 
_refine.ls_shift_over_su_mean                    ? 
_refine.ls_shift_over_su_mean_lt                 ? 
_refine.pdbx_ls_sigma_I                          ? 
_refine.pdbx_ls_sigma_F                          1.340 
_refine.pdbx_ls_sigma_Fsqd                       ? 
_refine.pdbx_data_cutoff_high_absF               ? 
_refine.pdbx_data_cutoff_high_rms_absF           ? 
_refine.pdbx_data_cutoff_low_absF                ? 
_refine.pdbx_isotropic_thermal_model             ? 
_refine.pdbx_ls_cross_valid_method               'FREE R-VALUE' 
_refine.pdbx_method_to_determine_struct          'MOLECULAR REPLACEMENT' 
_refine.pdbx_starting_model                      ? 
_refine.pdbx_stereochemistry_target_values       ML 
_refine.pdbx_R_Free_selection_details            ? 
_refine.pdbx_stereochem_target_val_spec_case     ? 
_refine.pdbx_overall_ESU_R                       ? 
_refine.pdbx_overall_ESU_R_Free                  ? 
_refine.pdbx_solvent_vdw_probe_radii             1.1100 
_refine.pdbx_solvent_ion_probe_radii             ? 
_refine.pdbx_solvent_shrinkage_radii             0.9000 
_refine.pdbx_real_space_R                        ? 
_refine.pdbx_density_correlation                 ? 
_refine.pdbx_pd_number_of_powder_patterns        ? 
_refine.pdbx_pd_number_of_points                 ? 
_refine.pdbx_pd_meas_number_of_points            ? 
_refine.pdbx_pd_proc_ls_prof_R_factor            ? 
_refine.pdbx_pd_proc_ls_prof_wR_factor           ? 
_refine.pdbx_pd_Marquardt_correlation_coeff      ? 
_refine.pdbx_pd_Fsqrd_R_factor                   ? 
_refine.pdbx_pd_ls_matrix_band_width             ? 
_refine.pdbx_overall_phase_error                 22.1200 
_refine.pdbx_overall_SU_R_free_Cruickshank_DPI   ? 
_refine.pdbx_overall_SU_R_free_Blow_DPI          ? 
_refine.pdbx_overall_SU_R_Blow_DPI               ? 
_refine.pdbx_TLS_residual_ADP_flag               ? 
_refine.pdbx_diffrn_id                           1 
_refine.overall_SU_B                             ? 
_refine.overall_SU_ML                            0.2300 
_refine.overall_SU_R_Cruickshank_DPI             ? 
_refine.overall_SU_R_free                        ? 
_refine.overall_FOM_free_R_set                   ? 
_refine.overall_FOM_work_R_set                   ? 
_refine.pdbx_average_fsc_overall                 ? 
_refine.pdbx_average_fsc_work                    ? 
_refine.pdbx_average_fsc_free                    ? 
# 
_refine_hist.cycle_id                         final 
_refine_hist.pdbx_refine_id                   'X-RAY DIFFRACTION' 
_refine_hist.d_res_high                       2.0800 
_refine_hist.d_res_low                        42.6970 
_refine_hist.pdbx_number_atoms_ligand         15 
_refine_hist.number_atoms_solvent             172 
_refine_hist.number_atoms_total               1114 
_refine_hist.pdbx_number_residues_total       115 
_refine_hist.pdbx_B_iso_mean_ligand           36.12 
_refine_hist.pdbx_B_iso_mean_solvent          41.13 
_refine_hist.pdbx_number_atoms_protein        927 
_refine_hist.pdbx_number_atoms_nucleic_acid   0 
# 
_struct.entry_id                     5CUE 
_struct.title                        
;Crystal structure of the bromodomain of bromodomain adjacent to zinc finger domain protein 2B (BAZ2B) in complex with AGN-PC-04G0SS (SGC - Diamond I04-1 fragment screening)
;
_struct.pdbx_model_details           ? 
_struct.pdbx_formula_weight          ? 
_struct.pdbx_formula_weight_method   ? 
_struct.pdbx_model_type_details      ? 
_struct.pdbx_CASP_flag               ? 
# 
_struct_keywords.entry_id        5CUE 
_struct_keywords.text            'Structural Genomics, Structural Genomics Consortium, SGC, transcription' 
_struct_keywords.pdbx_keywords   TRANSCRIPTION 
# 
loop_
_struct_asym.id 
_struct_asym.pdbx_blank_PDB_chainid_flag 
_struct_asym.pdbx_modified 
_struct_asym.entity_id 
_struct_asym.details 
A N N 1 ? 
B N N 2 ? 
C N N 3 ? 
D N N 4 ? 
# 
_struct_ref.id                         1 
_struct_ref.db_name                    UNP 
_struct_ref.db_code                    BAZ2B_HUMAN 
_struct_ref.pdbx_db_accession          Q9UIF8 
_struct_ref.pdbx_db_isoform            Q9UIF8-4 
_struct_ref.entity_id                  1 
_struct_ref.pdbx_seq_one_letter_code   
;SVKKPKRDDSKDLALCSMILTEMETHEDAWPFLLPVNLKLVPGYKKVIKKPMDFSTIREKLSSGQYPNLETFALDVRLVF
DNCETFNEDDSDIGRAGHNMRKYFEKKWTDTFK
;
_struct_ref.pdbx_align_begin           1858 
# 
_struct_ref_seq.align_id                      1 
_struct_ref_seq.ref_id                        1 
_struct_ref_seq.pdbx_PDB_id_code              5CUE 
_struct_ref_seq.pdbx_strand_id                A 
_struct_ref_seq.seq_align_beg                 3 
_struct_ref_seq.pdbx_seq_align_beg_ins_code   ? 
_struct_ref_seq.seq_align_end                 115 
_struct_ref_seq.pdbx_seq_align_end_ins_code   ? 
_struct_ref_seq.pdbx_db_accession             Q9UIF8 
_struct_ref_seq.db_align_beg                  1858 
_struct_ref_seq.pdbx_db_align_beg_ins_code    ? 
_struct_ref_seq.db_align_end                  1970 
_struct_ref_seq.pdbx_db_align_end_ins_code    ? 
_struct_ref_seq.pdbx_auth_seq_align_beg       1858 
_struct_ref_seq.pdbx_auth_seq_align_end       1970 
# 
loop_
_struct_ref_seq_dif.align_id 
_struct_ref_seq_dif.pdbx_pdb_id_code 
_struct_ref_seq_dif.mon_id 
_struct_ref_seq_dif.pdbx_pdb_strand_id 
_struct_ref_seq_dif.seq_num 
_struct_ref_seq_dif.pdbx_pdb_ins_code 
_struct_ref_seq_dif.pdbx_seq_db_name 
_struct_ref_seq_dif.pdbx_seq_db_accession_code 
_struct_ref_seq_dif.db_mon_id 
_struct_ref_seq_dif.pdbx_seq_db_seq_num 
_struct_ref_seq_dif.details 
_struct_ref_seq_dif.pdbx_auth_seq_num 
_struct_ref_seq_dif.pdbx_ordinal 
1 5CUE SER A 1 ? UNP Q9UIF8 ? ? 'expression tag' 1856 1 
1 5CUE MET A 2 ? UNP Q9UIF8 ? ? 'expression tag' 1857 2 
# 
_pdbx_struct_assembly.id                   1 
_pdbx_struct_assembly.details              author_and_software_defined_assembly 
_pdbx_struct_assembly.method_details       PISA 
_pdbx_struct_assembly.oligomeric_details   monomeric 
_pdbx_struct_assembly.oligomeric_count     1 
# 
loop_
_pdbx_struct_assembly_prop.biol_id 
_pdbx_struct_assembly_prop.type 
_pdbx_struct_assembly_prop.value 
_pdbx_struct_assembly_prop.details 
1 'ABSA (A^2)' 210  ? 
1 MORE         3    ? 
1 'SSA (A^2)'  7790 ? 
# 
_pdbx_struct_assembly_gen.assembly_id       1 
_pdbx_struct_assembly_gen.oper_expression   1 
_pdbx_struct_assembly_gen.asym_id_list      A,B,C,D 
# 
_pdbx_struct_oper_list.id                   1 
_pdbx_struct_oper_list.type                 'identity operation' 
_pdbx_struct_oper_list.name                 1_555 
_pdbx_struct_oper_list.symmetry_operation   x,y,z 
_pdbx_struct_oper_list.matrix[1][1]         1.0000000000 
_pdbx_struct_oper_list.matrix[1][2]         0.0000000000 
_pdbx_struct_oper_list.matrix[1][3]         0.0000000000 
_pdbx_struct_oper_list.vector[1]            0.0000000000 
_pdbx_struct_oper_list.matrix[2][1]         0.0000000000 
_pdbx_struct_oper_list.matrix[2][2]         1.0000000000 
_pdbx_struct_oper_list.matrix[2][3]         0.0000000000 
_pdbx_struct_oper_list.vector[2]            0.0000000000 
_pdbx_struct_oper_list.matrix[3][1]         0.0000000000 
_pdbx_struct_oper_list.matrix[3][2]         0.0000000000 
_pdbx_struct_oper_list.matrix[3][3]         1.0000000000 
_pdbx_struct_oper_list.vector[3]            0.0000000000 
# 
loop_
_struct_conf.conf_type_id 
_struct_conf.id 
_struct_conf.pdbx_PDB_helix_id 
_struct_conf.beg_label_comp_id 
_struct_conf.beg_label_asym_id 
_struct_conf.beg_label_seq_id 
_struct_conf.pdbx_beg_PDB_ins_code 
_struct_conf.end_label_comp_id 
_struct_conf.end_label_asym_id 
_struct_conf.end_label_seq_id 
_struct_conf.pdbx_end_PDB_ins_code 
_struct_conf.beg_auth_comp_id 
_struct_conf.beg_auth_asym_id 
_struct_conf.beg_auth_seq_id 
_struct_conf.end_auth_comp_id 
_struct_conf.end_auth_asym_id 
_struct_conf.end_auth_seq_id 
_struct_conf.pdbx_PDB_helix_class 
_struct_conf.details 
_struct_conf.pdbx_PDB_helix_length 
HELX_P HELX_P1 AA1 LYS A 13 ? HIS A 28  ? LYS A 1868 HIS A 1883 1 ? 16 
HELX_P HELX_P2 AA2 GLU A 29 ? LEU A 35  ? GLU A 1884 LEU A 1890 5 ? 7  
HELX_P HELX_P3 AA3 GLY A 45 ? ILE A 50  ? GLY A 1900 ILE A 1905 1 ? 6  
HELX_P HELX_P4 AA4 ASP A 55 ? SER A 65  ? ASP A 1910 SER A 1920 1 ? 11 
HELX_P HELX_P5 AA5 ASN A 70 ? ASN A 89  ? ASN A 1925 ASN A 1944 1 ? 20 
HELX_P HELX_P6 AA6 SER A 93 ? LYS A 115 ? SER A 1948 LYS A 1970 1 ? 23 
# 
_struct_conf_type.id          HELX_P 
_struct_conf_type.criteria    ? 
_struct_conf_type.reference   ? 
# 
loop_
_struct_site.id 
_struct_site.pdbx_evidence_code 
_struct_site.pdbx_auth_asym_id 
_struct_site.pdbx_auth_comp_id 
_struct_site.pdbx_auth_seq_id 
_struct_site.pdbx_auth_ins_code 
_struct_site.pdbx_num_residues 
_struct_site.details 
AC1 Software A 54Y 2001 ? 7 'binding site for residue 54Y A 2001' 
AC2 Software A EDO 2002 ? 5 'binding site for residue EDO A 2002' 
# 
loop_
_struct_site_gen.id 
_struct_site_gen.site_id 
_struct_site_gen.pdbx_num_res 
_struct_site_gen.label_comp_id 
_struct_site_gen.label_asym_id 
_struct_site_gen.label_seq_id 
_struct_site_gen.pdbx_auth_ins_code 
_struct_site_gen.auth_comp_id 
_struct_site_gen.auth_asym_id 
_struct_site_gen.auth_seq_id 
_struct_site_gen.label_atom_id 
_struct_site_gen.label_alt_id 
_struct_site_gen.symmetry 
_struct_site_gen.details 
1  AC1 7 PRO A 33  ? PRO A 1888 . ? 1_555 ? 
2  AC1 7 VAL A 38  ? VAL A 1893 . ? 1_555 ? 
3  AC1 7 PHE A 88  ? PHE A 1943 . ? 1_555 ? 
4  AC1 7 ASN A 89  ? ASN A 1944 . ? 1_555 ? 
5  AC1 7 ILE A 95  ? ILE A 1950 . ? 1_555 ? 
6  AC1 7 HOH D .   ? HOH A 2114 . ? 1_555 ? 
7  AC1 7 HOH D .   ? HOH A 2140 . ? 1_555 ? 
8  AC2 5 MET A 20  ? MET A 1875 . ? 1_555 ? 
9  AC2 5 GLU A 24  ? GLU A 1879 . ? 1_555 ? 
10 AC2 5 THR A 113 ? THR A 1968 . ? 1_555 ? 
11 AC2 5 HOH D .   ? HOH A 2166 . ? 1_555 ? 
12 AC2 5 HOH D .   ? HOH A 2191 . ? 1_555 ? 
# 
loop_
_pdbx_validate_close_contact.id 
_pdbx_validate_close_contact.PDB_model_num 
_pdbx_validate_close_contact.auth_atom_id_1 
_pdbx_validate_close_contact.auth_asym_id_1 
_pdbx_validate_close_contact.auth_comp_id_1 
_pdbx_validate_close_contact.auth_seq_id_1 
_pdbx_validate_close_contact.PDB_ins_code_1 
_pdbx_validate_close_contact.label_alt_id_1 
_pdbx_validate_close_contact.auth_atom_id_2 
_pdbx_validate_close_contact.auth_asym_id_2 
_pdbx_validate_close_contact.auth_comp_id_2 
_pdbx_validate_close_contact.auth_seq_id_2 
_pdbx_validate_close_contact.PDB_ins_code_2 
_pdbx_validate_close_contact.label_alt_id_2 
_pdbx_validate_close_contact.dist 
1 1 O A HOH 2213 ? ? O A HOH 2229 ? ? 1.88 
2 1 O A PRO 1862 ? ? O A HOH 2101 ? ? 2.00 
3 1 O A HOH 2126 ? ? O A HOH 2234 ? ? 2.06 
# 
_pdbx_SG_project.id                    1 
_pdbx_SG_project.project_name          ? 
_pdbx_SG_project.full_name_of_center   'Structural Genomics Consortium' 
_pdbx_SG_project.initial_of_center     SGC 
# 
_phasing.method   MR 
# 
loop_
_pdbx_distant_solvent_atoms.id 
_pdbx_distant_solvent_atoms.PDB_model_num 
_pdbx_distant_solvent_atoms.auth_atom_id 
_pdbx_distant_solvent_atoms.label_alt_id 
_pdbx_distant_solvent_atoms.auth_asym_id 
_pdbx_distant_solvent_atoms.auth_comp_id 
_pdbx_distant_solvent_atoms.auth_seq_id 
_pdbx_distant_solvent_atoms.PDB_ins_code 
_pdbx_distant_solvent_atoms.neighbor_macromolecule_distance 
_pdbx_distant_solvent_atoms.neighbor_ligand_distance 
1 1 O ? A HOH 2270 ? 6.18 . 
2 1 O ? A HOH 2271 ? 6.76 . 
3 1 O ? A HOH 2272 ? 6.81 . 
# 
loop_
_chem_comp_atom.comp_id 
_chem_comp_atom.atom_id 
_chem_comp_atom.type_symbol 
_chem_comp_atom.pdbx_aromatic_flag 
_chem_comp_atom.pdbx_stereo_config 
_chem_comp_atom.pdbx_ordinal 
54Y N1   N  Y N 1   
54Y C4   C  N N 2   
54Y C5   C  Y N 3   
54Y O    O  N N 4   
54Y C1   C  N N 5   
54Y N    N  N N 6   
54Y C    C  N N 7   
54Y C2   C  Y N 8   
54Y CL   CL N N 9   
54Y N2   N  Y N 10  
54Y C3   C  Y N 11  
54Y H1   H  N N 12  
54Y H2   H  N N 13  
54Y H3   H  N N 14  
54Y H4   H  N N 15  
54Y H5   H  N N 16  
54Y H6   H  N N 17  
54Y H7   H  N N 18  
54Y H8   H  N N 19  
ALA N    N  N N 20  
ALA CA   C  N S 21  
ALA C    C  N N 22  
ALA O    O  N N 23  
ALA CB   C  N N 24  
ALA OXT  O  N N 25  
ALA H    H  N N 26  
ALA H2   H  N N 27  
ALA HA   H  N N 28  
ALA HB1  H  N N 29  
ALA HB2  H  N N 30  
ALA HB3  H  N N 31  
ALA HXT  H  N N 32  
ARG N    N  N N 33  
ARG CA   C  N S 34  
ARG C    C  N N 35  
ARG O    O  N N 36  
ARG CB   C  N N 37  
ARG CG   C  N N 38  
ARG CD   C  N N 39  
ARG NE   N  N N 40  
ARG CZ   C  N N 41  
ARG NH1  N  N N 42  
ARG NH2  N  N N 43  
ARG OXT  O  N N 44  
ARG H    H  N N 45  
ARG H2   H  N N 46  
ARG HA   H  N N 47  
ARG HB2  H  N N 48  
ARG HB3  H  N N 49  
ARG HG2  H  N N 50  
ARG HG3  H  N N 51  
ARG HD2  H  N N 52  
ARG HD3  H  N N 53  
ARG HE   H  N N 54  
ARG HH11 H  N N 55  
ARG HH12 H  N N 56  
ARG HH21 H  N N 57  
ARG HH22 H  N N 58  
ARG HXT  H  N N 59  
ASN N    N  N N 60  
ASN CA   C  N S 61  
ASN C    C  N N 62  
ASN O    O  N N 63  
ASN CB   C  N N 64  
ASN CG   C  N N 65  
ASN OD1  O  N N 66  
ASN ND2  N  N N 67  
ASN OXT  O  N N 68  
ASN H    H  N N 69  
ASN H2   H  N N 70  
ASN HA   H  N N 71  
ASN HB2  H  N N 72  
ASN HB3  H  N N 73  
ASN HD21 H  N N 74  
ASN HD22 H  N N 75  
ASN HXT  H  N N 76  
ASP N    N  N N 77  
ASP CA   C  N S 78  
ASP C    C  N N 79  
ASP O    O  N N 80  
ASP CB   C  N N 81  
ASP CG   C  N N 82  
ASP OD1  O  N N 83  
ASP OD2  O  N N 84  
ASP OXT  O  N N 85  
ASP H    H  N N 86  
ASP H2   H  N N 87  
ASP HA   H  N N 88  
ASP HB2  H  N N 89  
ASP HB3  H  N N 90  
ASP HD2  H  N N 91  
ASP HXT  H  N N 92  
CYS N    N  N N 93  
CYS CA   C  N R 94  
CYS C    C  N N 95  
CYS O    O  N N 96  
CYS CB   C  N N 97  
CYS SG   S  N N 98  
CYS OXT  O  N N 99  
CYS H    H  N N 100 
CYS H2   H  N N 101 
CYS HA   H  N N 102 
CYS HB2  H  N N 103 
CYS HB3  H  N N 104 
CYS HG   H  N N 105 
CYS HXT  H  N N 106 
EDO C1   C  N N 107 
EDO O1   O  N N 108 
EDO C2   C  N N 109 
EDO O2   O  N N 110 
EDO H11  H  N N 111 
EDO H12  H  N N 112 
EDO HO1  H  N N 113 
EDO H21  H  N N 114 
EDO H22  H  N N 115 
EDO HO2  H  N N 116 
GLN N    N  N N 117 
GLN CA   C  N S 118 
GLN C    C  N N 119 
GLN O    O  N N 120 
GLN CB   C  N N 121 
GLN CG   C  N N 122 
GLN CD   C  N N 123 
GLN OE1  O  N N 124 
GLN NE2  N  N N 125 
GLN OXT  O  N N 126 
GLN H    H  N N 127 
GLN H2   H  N N 128 
GLN HA   H  N N 129 
GLN HB2  H  N N 130 
GLN HB3  H  N N 131 
GLN HG2  H  N N 132 
GLN HG3  H  N N 133 
GLN HE21 H  N N 134 
GLN HE22 H  N N 135 
GLN HXT  H  N N 136 
GLU N    N  N N 137 
GLU CA   C  N S 138 
GLU C    C  N N 139 
GLU O    O  N N 140 
GLU CB   C  N N 141 
GLU CG   C  N N 142 
GLU CD   C  N N 143 
GLU OE1  O  N N 144 
GLU OE2  O  N N 145 
GLU OXT  O  N N 146 
GLU H    H  N N 147 
GLU H2   H  N N 148 
GLU HA   H  N N 149 
GLU HB2  H  N N 150 
GLU HB3  H  N N 151 
GLU HG2  H  N N 152 
GLU HG3  H  N N 153 
GLU HE2  H  N N 154 
GLU HXT  H  N N 155 
GLY N    N  N N 156 
GLY CA   C  N N 157 
GLY C    C  N N 158 
GLY O    O  N N 159 
GLY OXT  O  N N 160 
GLY H    H  N N 161 
GLY H2   H  N N 162 
GLY HA2  H  N N 163 
GLY HA3  H  N N 164 
GLY HXT  H  N N 165 
HIS N    N  N N 166 
HIS CA   C  N S 167 
HIS C    C  N N 168 
HIS O    O  N N 169 
HIS CB   C  N N 170 
HIS CG   C  Y N 171 
HIS ND1  N  Y N 172 
HIS CD2  C  Y N 173 
HIS CE1  C  Y N 174 
HIS NE2  N  Y N 175 
HIS OXT  O  N N 176 
HIS H    H  N N 177 
HIS H2   H  N N 178 
HIS HA   H  N N 179 
HIS HB2  H  N N 180 
HIS HB3  H  N N 181 
HIS HD1  H  N N 182 
HIS HD2  H  N N 183 
HIS HE1  H  N N 184 
HIS HE2  H  N N 185 
HIS HXT  H  N N 186 
HOH O    O  N N 187 
HOH H1   H  N N 188 
HOH H2   H  N N 189 
ILE N    N  N N 190 
ILE CA   C  N S 191 
ILE C    C  N N 192 
ILE O    O  N N 193 
ILE CB   C  N S 194 
ILE CG1  C  N N 195 
ILE CG2  C  N N 196 
ILE CD1  C  N N 197 
ILE OXT  O  N N 198 
ILE H    H  N N 199 
ILE H2   H  N N 200 
ILE HA   H  N N 201 
ILE HB   H  N N 202 
ILE HG12 H  N N 203 
ILE HG13 H  N N 204 
ILE HG21 H  N N 205 
ILE HG22 H  N N 206 
ILE HG23 H  N N 207 
ILE HD11 H  N N 208 
ILE HD12 H  N N 209 
ILE HD13 H  N N 210 
ILE HXT  H  N N 211 
LEU N    N  N N 212 
LEU CA   C  N S 213 
LEU C    C  N N 214 
LEU O    O  N N 215 
LEU CB   C  N N 216 
LEU CG   C  N N 217 
LEU CD1  C  N N 218 
LEU CD2  C  N N 219 
LEU OXT  O  N N 220 
LEU H    H  N N 221 
LEU H2   H  N N 222 
LEU HA   H  N N 223 
LEU HB2  H  N N 224 
LEU HB3  H  N N 225 
LEU HG   H  N N 226 
LEU HD11 H  N N 227 
LEU HD12 H  N N 228 
LEU HD13 H  N N 229 
LEU HD21 H  N N 230 
LEU HD22 H  N N 231 
LEU HD23 H  N N 232 
LEU HXT  H  N N 233 
LYS N    N  N N 234 
LYS CA   C  N S 235 
LYS C    C  N N 236 
LYS O    O  N N 237 
LYS CB   C  N N 238 
LYS CG   C  N N 239 
LYS CD   C  N N 240 
LYS CE   C  N N 241 
LYS NZ   N  N N 242 
LYS OXT  O  N N 243 
LYS H    H  N N 244 
LYS H2   H  N N 245 
LYS HA   H  N N 246 
LYS HB2  H  N N 247 
LYS HB3  H  N N 248 
LYS HG2  H  N N 249 
LYS HG3  H  N N 250 
LYS HD2  H  N N 251 
LYS HD3  H  N N 252 
LYS HE2  H  N N 253 
LYS HE3  H  N N 254 
LYS HZ1  H  N N 255 
LYS HZ2  H  N N 256 
LYS HZ3  H  N N 257 
LYS HXT  H  N N 258 
MET N    N  N N 259 
MET CA   C  N S 260 
MET C    C  N N 261 
MET O    O  N N 262 
MET CB   C  N N 263 
MET CG   C  N N 264 
MET SD   S  N N 265 
MET CE   C  N N 266 
MET OXT  O  N N 267 
MET H    H  N N 268 
MET H2   H  N N 269 
MET HA   H  N N 270 
MET HB2  H  N N 271 
MET HB3  H  N N 272 
MET HG2  H  N N 273 
MET HG3  H  N N 274 
MET HE1  H  N N 275 
MET HE2  H  N N 276 
MET HE3  H  N N 277 
MET HXT  H  N N 278 
PHE N    N  N N 279 
PHE CA   C  N S 280 
PHE C    C  N N 281 
PHE O    O  N N 282 
PHE CB   C  N N 283 
PHE CG   C  Y N 284 
PHE CD1  C  Y N 285 
PHE CD2  C  Y N 286 
PHE CE1  C  Y N 287 
PHE CE2  C  Y N 288 
PHE CZ   C  Y N 289 
PHE OXT  O  N N 290 
PHE H    H  N N 291 
PHE H2   H  N N 292 
PHE HA   H  N N 293 
PHE HB2  H  N N 294 
PHE HB3  H  N N 295 
PHE HD1  H  N N 296 
PHE HD2  H  N N 297 
PHE HE1  H  N N 298 
PHE HE2  H  N N 299 
PHE HZ   H  N N 300 
PHE HXT  H  N N 301 
PRO N    N  N N 302 
PRO CA   C  N S 303 
PRO C    C  N N 304 
PRO O    O  N N 305 
PRO CB   C  N N 306 
PRO CG   C  N N 307 
PRO CD   C  N N 308 
PRO OXT  O  N N 309 
PRO H    H  N N 310 
PRO HA   H  N N 311 
PRO HB2  H  N N 312 
PRO HB3  H  N N 313 
PRO HG2  H  N N 314 
PRO HG3  H  N N 315 
PRO HD2  H  N N 316 
PRO HD3  H  N N 317 
PRO HXT  H  N N 318 
SER N    N  N N 319 
SER CA   C  N S 320 
SER C    C  N N 321 
SER O    O  N N 322 
SER CB   C  N N 323 
SER OG   O  N N 324 
SER OXT  O  N N 325 
SER H    H  N N 326 
SER H2   H  N N 327 
SER HA   H  N N 328 
SER HB2  H  N N 329 
SER HB3  H  N N 330 
SER HG   H  N N 331 
SER HXT  H  N N 332 
THR N    N  N N 333 
THR CA   C  N S 334 
THR C    C  N N 335 
THR O    O  N N 336 
THR CB   C  N R 337 
THR OG1  O  N N 338 
THR CG2  C  N N 339 
THR OXT  O  N N 340 
THR H    H  N N 341 
THR H2   H  N N 342 
THR HA   H  N N 343 
THR HB   H  N N 344 
THR HG1  H  N N 345 
THR HG21 H  N N 346 
THR HG22 H  N N 347 
THR HG23 H  N N 348 
THR HXT  H  N N 349 
TRP N    N  N N 350 
TRP CA   C  N S 351 
TRP C    C  N N 352 
TRP O    O  N N 353 
TRP CB   C  N N 354 
TRP CG   C  Y N 355 
TRP CD1  C  Y N 356 
TRP CD2  C  Y N 357 
TRP NE1  N  Y N 358 
TRP CE2  C  Y N 359 
TRP CE3  C  Y N 360 
TRP CZ2  C  Y N 361 
TRP CZ3  C  Y N 362 
TRP CH2  C  Y N 363 
TRP OXT  O  N N 364 
TRP H    H  N N 365 
TRP H2   H  N N 366 
TRP HA   H  N N 367 
TRP HB2  H  N N 368 
TRP HB3  H  N N 369 
TRP HD1  H  N N 370 
TRP HE1  H  N N 371 
TRP HE3  H  N N 372 
TRP HZ2  H  N N 373 
TRP HZ3  H  N N 374 
TRP HH2  H  N N 375 
TRP HXT  H  N N 376 
TYR N    N  N N 377 
TYR CA   C  N S 378 
TYR C    C  N N 379 
TYR O    O  N N 380 
TYR CB   C  N N 381 
TYR CG   C  Y N 382 
TYR CD1  C  Y N 383 
TYR CD2  C  Y N 384 
TYR CE1  C  Y N 385 
TYR CE2  C  Y N 386 
TYR CZ   C  Y N 387 
TYR OH   O  N N 388 
TYR OXT  O  N N 389 
TYR H    H  N N 390 
TYR H2   H  N N 391 
TYR HA   H  N N 392 
TYR HB2  H  N N 393 
TYR HB3  H  N N 394 
TYR HD1  H  N N 395 
TYR HD2  H  N N 396 
TYR HE1  H  N N 397 
TYR HE2  H  N N 398 
TYR HH   H  N N 399 
TYR HXT  H  N N 400 
VAL N    N  N N 401 
VAL CA   C  N S 402 
VAL C    C  N N 403 
VAL O    O  N N 404 
VAL CB   C  N N 405 
VAL CG1  C  N N 406 
VAL CG2  C  N N 407 
VAL OXT  O  N N 408 
VAL H    H  N N 409 
VAL H2   H  N N 410 
VAL HA   H  N N 411 
VAL HB   H  N N 412 
VAL HG11 H  N N 413 
VAL HG12 H  N N 414 
VAL HG13 H  N N 415 
VAL HG21 H  N N 416 
VAL HG22 H  N N 417 
VAL HG23 H  N N 418 
VAL HXT  H  N N 419 
# 
loop_
_chem_comp_bond.comp_id 
_chem_comp_bond.atom_id_1 
_chem_comp_bond.atom_id_2 
_chem_comp_bond.value_order 
_chem_comp_bond.pdbx_aromatic_flag 
_chem_comp_bond.pdbx_stereo_config 
_chem_comp_bond.pdbx_ordinal 
54Y CL  C5   sing N N 1   
54Y C   N    sing N N 2   
54Y N   C1   sing N N 3   
54Y C5  N2   sing Y N 4   
54Y C5  C2   doub Y N 5   
54Y C4  N2   sing N N 6   
54Y C1  C2   sing N N 7   
54Y C1  O    doub N N 8   
54Y N2  N1   sing Y N 9   
54Y C2  C3   sing Y N 10  
54Y C3  N1   doub Y N 11  
54Y C4  H1   sing N N 12  
54Y C4  H2   sing N N 13  
54Y C4  H3   sing N N 14  
54Y N   H4   sing N N 15  
54Y C   H5   sing N N 16  
54Y C   H6   sing N N 17  
54Y C   H7   sing N N 18  
54Y C3  H8   sing N N 19  
ALA N   CA   sing N N 20  
ALA N   H    sing N N 21  
ALA N   H2   sing N N 22  
ALA CA  C    sing N N 23  
ALA CA  CB   sing N N 24  
ALA CA  HA   sing N N 25  
ALA C   O    doub N N 26  
ALA C   OXT  sing N N 27  
ALA CB  HB1  sing N N 28  
ALA CB  HB2  sing N N 29  
ALA CB  HB3  sing N N 30  
ALA OXT HXT  sing N N 31  
ARG N   CA   sing N N 32  
ARG N   H    sing N N 33  
ARG N   H2   sing N N 34  
ARG CA  C    sing N N 35  
ARG CA  CB   sing N N 36  
ARG CA  HA   sing N N 37  
ARG C   O    doub N N 38  
ARG C   OXT  sing N N 39  
ARG CB  CG   sing N N 40  
ARG CB  HB2  sing N N 41  
ARG CB  HB3  sing N N 42  
ARG CG  CD   sing N N 43  
ARG CG  HG2  sing N N 44  
ARG CG  HG3  sing N N 45  
ARG CD  NE   sing N N 46  
ARG CD  HD2  sing N N 47  
ARG CD  HD3  sing N N 48  
ARG NE  CZ   sing N N 49  
ARG NE  HE   sing N N 50  
ARG CZ  NH1  sing N N 51  
ARG CZ  NH2  doub N N 52  
ARG NH1 HH11 sing N N 53  
ARG NH1 HH12 sing N N 54  
ARG NH2 HH21 sing N N 55  
ARG NH2 HH22 sing N N 56  
ARG OXT HXT  sing N N 57  
ASN N   CA   sing N N 58  
ASN N   H    sing N N 59  
ASN N   H2   sing N N 60  
ASN CA  C    sing N N 61  
ASN CA  CB   sing N N 62  
ASN CA  HA   sing N N 63  
ASN C   O    doub N N 64  
ASN C   OXT  sing N N 65  
ASN CB  CG   sing N N 66  
ASN CB  HB2  sing N N 67  
ASN CB  HB3  sing N N 68  
ASN CG  OD1  doub N N 69  
ASN CG  ND2  sing N N 70  
ASN ND2 HD21 sing N N 71  
ASN ND2 HD22 sing N N 72  
ASN OXT HXT  sing N N 73  
ASP N   CA   sing N N 74  
ASP N   H    sing N N 75  
ASP N   H2   sing N N 76  
ASP CA  C    sing N N 77  
ASP CA  CB   sing N N 78  
ASP CA  HA   sing N N 79  
ASP C   O    doub N N 80  
ASP C   OXT  sing N N 81  
ASP CB  CG   sing N N 82  
ASP CB  HB2  sing N N 83  
ASP CB  HB3  sing N N 84  
ASP CG  OD1  doub N N 85  
ASP CG  OD2  sing N N 86  
ASP OD2 HD2  sing N N 87  
ASP OXT HXT  sing N N 88  
CYS N   CA   sing N N 89  
CYS N   H    sing N N 90  
CYS N   H2   sing N N 91  
CYS CA  C    sing N N 92  
CYS CA  CB   sing N N 93  
CYS CA  HA   sing N N 94  
CYS C   O    doub N N 95  
CYS C   OXT  sing N N 96  
CYS CB  SG   sing N N 97  
CYS CB  HB2  sing N N 98  
CYS CB  HB3  sing N N 99  
CYS SG  HG   sing N N 100 
CYS OXT HXT  sing N N 101 
EDO C1  O1   sing N N 102 
EDO C1  C2   sing N N 103 
EDO C1  H11  sing N N 104 
EDO C1  H12  sing N N 105 
EDO O1  HO1  sing N N 106 
EDO C2  O2   sing N N 107 
EDO C2  H21  sing N N 108 
EDO C2  H22  sing N N 109 
EDO O2  HO2  sing N N 110 
GLN N   CA   sing N N 111 
GLN N   H    sing N N 112 
GLN N   H2   sing N N 113 
GLN CA  C    sing N N 114 
GLN CA  CB   sing N N 115 
GLN CA  HA   sing N N 116 
GLN C   O    doub N N 117 
GLN C   OXT  sing N N 118 
GLN CB  CG   sing N N 119 
GLN CB  HB2  sing N N 120 
GLN CB  HB3  sing N N 121 
GLN CG  CD   sing N N 122 
GLN CG  HG2  sing N N 123 
GLN CG  HG3  sing N N 124 
GLN CD  OE1  doub N N 125 
GLN CD  NE2  sing N N 126 
GLN NE2 HE21 sing N N 127 
GLN NE2 HE22 sing N N 128 
GLN OXT HXT  sing N N 129 
GLU N   CA   sing N N 130 
GLU N   H    sing N N 131 
GLU N   H2   sing N N 132 
GLU CA  C    sing N N 133 
GLU CA  CB   sing N N 134 
GLU CA  HA   sing N N 135 
GLU C   O    doub N N 136 
GLU C   OXT  sing N N 137 
GLU CB  CG   sing N N 138 
GLU CB  HB2  sing N N 139 
GLU CB  HB3  sing N N 140 
GLU CG  CD   sing N N 141 
GLU CG  HG2  sing N N 142 
GLU CG  HG3  sing N N 143 
GLU CD  OE1  doub N N 144 
GLU CD  OE2  sing N N 145 
GLU OE2 HE2  sing N N 146 
GLU OXT HXT  sing N N 147 
GLY N   CA   sing N N 148 
GLY N   H    sing N N 149 
GLY N   H2   sing N N 150 
GLY CA  C    sing N N 151 
GLY CA  HA2  sing N N 152 
GLY CA  HA3  sing N N 153 
GLY C   O    doub N N 154 
GLY C   OXT  sing N N 155 
GLY OXT HXT  sing N N 156 
HIS N   CA   sing N N 157 
HIS N   H    sing N N 158 
HIS N   H2   sing N N 159 
HIS CA  C    sing N N 160 
HIS CA  CB   sing N N 161 
HIS CA  HA   sing N N 162 
HIS C   O    doub N N 163 
HIS C   OXT  sing N N 164 
HIS CB  CG   sing N N 165 
HIS CB  HB2  sing N N 166 
HIS CB  HB3  sing N N 167 
HIS CG  ND1  sing Y N 168 
HIS CG  CD2  doub Y N 169 
HIS ND1 CE1  doub Y N 170 
HIS ND1 HD1  sing N N 171 
HIS CD2 NE2  sing Y N 172 
HIS CD2 HD2  sing N N 173 
HIS CE1 NE2  sing Y N 174 
HIS CE1 HE1  sing N N 175 
HIS NE2 HE2  sing N N 176 
HIS OXT HXT  sing N N 177 
HOH O   H1   sing N N 178 
HOH O   H2   sing N N 179 
ILE N   CA   sing N N 180 
ILE N   H    sing N N 181 
ILE N   H2   sing N N 182 
ILE CA  C    sing N N 183 
ILE CA  CB   sing N N 184 
ILE CA  HA   sing N N 185 
ILE C   O    doub N N 186 
ILE C   OXT  sing N N 187 
ILE CB  CG1  sing N N 188 
ILE CB  CG2  sing N N 189 
ILE CB  HB   sing N N 190 
ILE CG1 CD1  sing N N 191 
ILE CG1 HG12 sing N N 192 
ILE CG1 HG13 sing N N 193 
ILE CG2 HG21 sing N N 194 
ILE CG2 HG22 sing N N 195 
ILE CG2 HG23 sing N N 196 
ILE CD1 HD11 sing N N 197 
ILE CD1 HD12 sing N N 198 
ILE CD1 HD13 sing N N 199 
ILE OXT HXT  sing N N 200 
LEU N   CA   sing N N 201 
LEU N   H    sing N N 202 
LEU N   H2   sing N N 203 
LEU CA  C    sing N N 204 
LEU CA  CB   sing N N 205 
LEU CA  HA   sing N N 206 
LEU C   O    doub N N 207 
LEU C   OXT  sing N N 208 
LEU CB  CG   sing N N 209 
LEU CB  HB2  sing N N 210 
LEU CB  HB3  sing N N 211 
LEU CG  CD1  sing N N 212 
LEU CG  CD2  sing N N 213 
LEU CG  HG   sing N N 214 
LEU CD1 HD11 sing N N 215 
LEU CD1 HD12 sing N N 216 
LEU CD1 HD13 sing N N 217 
LEU CD2 HD21 sing N N 218 
LEU CD2 HD22 sing N N 219 
LEU CD2 HD23 sing N N 220 
LEU OXT HXT  sing N N 221 
LYS N   CA   sing N N 222 
LYS N   H    sing N N 223 
LYS N   H2   sing N N 224 
LYS CA  C    sing N N 225 
LYS CA  CB   sing N N 226 
LYS CA  HA   sing N N 227 
LYS C   O    doub N N 228 
LYS C   OXT  sing N N 229 
LYS CB  CG   sing N N 230 
LYS CB  HB2  sing N N 231 
LYS CB  HB3  sing N N 232 
LYS CG  CD   sing N N 233 
LYS CG  HG2  sing N N 234 
LYS CG  HG3  sing N N 235 
LYS CD  CE   sing N N 236 
LYS CD  HD2  sing N N 237 
LYS CD  HD3  sing N N 238 
LYS CE  NZ   sing N N 239 
LYS CE  HE2  sing N N 240 
LYS CE  HE3  sing N N 241 
LYS NZ  HZ1  sing N N 242 
LYS NZ  HZ2  sing N N 243 
LYS NZ  HZ3  sing N N 244 
LYS OXT HXT  sing N N 245 
MET N   CA   sing N N 246 
MET N   H    sing N N 247 
MET N   H2   sing N N 248 
MET CA  C    sing N N 249 
MET CA  CB   sing N N 250 
MET CA  HA   sing N N 251 
MET C   O    doub N N 252 
MET C   OXT  sing N N 253 
MET CB  CG   sing N N 254 
MET CB  HB2  sing N N 255 
MET CB  HB3  sing N N 256 
MET CG  SD   sing N N 257 
MET CG  HG2  sing N N 258 
MET CG  HG3  sing N N 259 
MET SD  CE   sing N N 260 
MET CE  HE1  sing N N 261 
MET CE  HE2  sing N N 262 
MET CE  HE3  sing N N 263 
MET OXT HXT  sing N N 264 
PHE N   CA   sing N N 265 
PHE N   H    sing N N 266 
PHE N   H2   sing N N 267 
PHE CA  C    sing N N 268 
PHE CA  CB   sing N N 269 
PHE CA  HA   sing N N 270 
PHE C   O    doub N N 271 
PHE C   OXT  sing N N 272 
PHE CB  CG   sing N N 273 
PHE CB  HB2  sing N N 274 
PHE CB  HB3  sing N N 275 
PHE CG  CD1  doub Y N 276 
PHE CG  CD2  sing Y N 277 
PHE CD1 CE1  sing Y N 278 
PHE CD1 HD1  sing N N 279 
PHE CD2 CE2  doub Y N 280 
PHE CD2 HD2  sing N N 281 
PHE CE1 CZ   doub Y N 282 
PHE CE1 HE1  sing N N 283 
PHE CE2 CZ   sing Y N 284 
PHE CE2 HE2  sing N N 285 
PHE CZ  HZ   sing N N 286 
PHE OXT HXT  sing N N 287 
PRO N   CA   sing N N 288 
PRO N   CD   sing N N 289 
PRO N   H    sing N N 290 
PRO CA  C    sing N N 291 
PRO CA  CB   sing N N 292 
PRO CA  HA   sing N N 293 
PRO C   O    doub N N 294 
PRO C   OXT  sing N N 295 
PRO CB  CG   sing N N 296 
PRO CB  HB2  sing N N 297 
PRO CB  HB3  sing N N 298 
PRO CG  CD   sing N N 299 
PRO CG  HG2  sing N N 300 
PRO CG  HG3  sing N N 301 
PRO CD  HD2  sing N N 302 
PRO CD  HD3  sing N N 303 
PRO OXT HXT  sing N N 304 
SER N   CA   sing N N 305 
SER N   H    sing N N 306 
SER N   H2   sing N N 307 
SER CA  C    sing N N 308 
SER CA  CB   sing N N 309 
SER CA  HA   sing N N 310 
SER C   O    doub N N 311 
SER C   OXT  sing N N 312 
SER CB  OG   sing N N 313 
SER CB  HB2  sing N N 314 
SER CB  HB3  sing N N 315 
SER OG  HG   sing N N 316 
SER OXT HXT  sing N N 317 
THR N   CA   sing N N 318 
THR N   H    sing N N 319 
THR N   H2   sing N N 320 
THR CA  C    sing N N 321 
THR CA  CB   sing N N 322 
THR CA  HA   sing N N 323 
THR C   O    doub N N 324 
THR C   OXT  sing N N 325 
THR CB  OG1  sing N N 326 
THR CB  CG2  sing N N 327 
THR CB  HB   sing N N 328 
THR OG1 HG1  sing N N 329 
THR CG2 HG21 sing N N 330 
THR CG2 HG22 sing N N 331 
THR CG2 HG23 sing N N 332 
THR OXT HXT  sing N N 333 
TRP N   CA   sing N N 334 
TRP N   H    sing N N 335 
TRP N   H2   sing N N 336 
TRP CA  C    sing N N 337 
TRP CA  CB   sing N N 338 
TRP CA  HA   sing N N 339 
TRP C   O    doub N N 340 
TRP C   OXT  sing N N 341 
TRP CB  CG   sing N N 342 
TRP CB  HB2  sing N N 343 
TRP CB  HB3  sing N N 344 
TRP CG  CD1  doub Y N 345 
TRP CG  CD2  sing Y N 346 
TRP CD1 NE1  sing Y N 347 
TRP CD1 HD1  sing N N 348 
TRP CD2 CE2  doub Y N 349 
TRP CD2 CE3  sing Y N 350 
TRP NE1 CE2  sing Y N 351 
TRP NE1 HE1  sing N N 352 
TRP CE2 CZ2  sing Y N 353 
TRP CE3 CZ3  doub Y N 354 
TRP CE3 HE3  sing N N 355 
TRP CZ2 CH2  doub Y N 356 
TRP CZ2 HZ2  sing N N 357 
TRP CZ3 CH2  sing Y N 358 
TRP CZ3 HZ3  sing N N 359 
TRP CH2 HH2  sing N N 360 
TRP OXT HXT  sing N N 361 
TYR N   CA   sing N N 362 
TYR N   H    sing N N 363 
TYR N   H2   sing N N 364 
TYR CA  C    sing N N 365 
TYR CA  CB   sing N N 366 
TYR CA  HA   sing N N 367 
TYR C   O    doub N N 368 
TYR C   OXT  sing N N 369 
TYR CB  CG   sing N N 370 
TYR CB  HB2  sing N N 371 
TYR CB  HB3  sing N N 372 
TYR CG  CD1  doub Y N 373 
TYR CG  CD2  sing Y N 374 
TYR CD1 CE1  sing Y N 375 
TYR CD1 HD1  sing N N 376 
TYR CD2 CE2  doub Y N 377 
TYR CD2 HD2  sing N N 378 
TYR CE1 CZ   doub Y N 379 
TYR CE1 HE1  sing N N 380 
TYR CE2 CZ   sing Y N 381 
TYR CE2 HE2  sing N N 382 
TYR CZ  OH   sing N N 383 
TYR OH  HH   sing N N 384 
TYR OXT HXT  sing N N 385 
VAL N   CA   sing N N 386 
VAL N   H    sing N N 387 
VAL N   H2   sing N N 388 
VAL CA  C    sing N N 389 
VAL CA  CB   sing N N 390 
VAL CA  HA   sing N N 391 
VAL C   O    doub N N 392 
VAL C   OXT  sing N N 393 
VAL CB  CG1  sing N N 394 
VAL CB  CG2  sing N N 395 
VAL CB  HB   sing N N 396 
VAL CG1 HG11 sing N N 397 
VAL CG1 HG12 sing N N 398 
VAL CG1 HG13 sing N N 399 
VAL CG2 HG21 sing N N 400 
VAL CG2 HG22 sing N N 401 
VAL CG2 HG23 sing N N 402 
VAL OXT HXT  sing N N 403 
# 
_atom_sites.entry_id                    5CUE 
_atom_sites.fract_transf_matrix[1][1]   -0.00082974 
_atom_sites.fract_transf_matrix[1][2]   -0.00924753 
_atom_sites.fract_transf_matrix[1][3]   -0.00779654 
_atom_sites.fract_transf_matrix[2][1]   -0.00267216 
_atom_sites.fract_transf_matrix[2][2]   -0.00627728 
_atom_sites.fract_transf_matrix[2][3]   0.00772990 
_atom_sites.fract_transf_matrix[3][1]   -0.01655316 
_atom_sites.fract_transf_matrix[3][2]   0.00374536 
_atom_sites.fract_transf_matrix[3][3]   -0.00268075 
_atom_sites.fract_transf_vector[1]      0.284420 
_atom_sites.fract_transf_vector[2]      0.293952 
_atom_sites.fract_transf_vector[3]      0.462107 
# 
loop_
_atom_type.symbol 
C  
CL 
N  
O  
S  
# 
loop_
_atom_site.group_PDB 
_atom_site.id 
_atom_site.type_symbol 
_atom_site.label_atom_id 
_atom_site.label_alt_id 
_atom_site.label_comp_id 
_atom_site.label_asym_id 
_atom_site.label_entity_id 
_atom_site.label_seq_id 
_atom_site.pdbx_PDB_ins_code 
_atom_site.Cartn_x 
_atom_site.Cartn_y 
_atom_site.Cartn_z 
_atom_site.occupancy 
_atom_site.B_iso_or_equiv 
_atom_site.pdbx_formal_charge 
_atom_site.auth_seq_id 
_atom_site.auth_comp_id 
_atom_site.auth_asym_id 
_atom_site.auth_atom_id 
_atom_site.pdbx_PDB_model_num 
ATOM   1    N  N   . SER A 1 1   ? 9.954   -18.403 -23.581 1.00 32.61 ? 1856 SER A N   1 
ATOM   2    C  CA  . SER A 1 1   ? 10.963  -19.417 -23.293 1.00 35.84 ? 1856 SER A CA  1 
ATOM   3    C  C   . SER A 1 1   ? 12.302  -18.981 -23.869 1.00 36.64 ? 1856 SER A C   1 
ATOM   4    O  O   . SER A 1 1   ? 12.429  -17.872 -24.389 1.00 34.73 ? 1856 SER A O   1 
ATOM   5    C  CB  . SER A 1 1   ? 10.544  -20.775 -23.864 1.00 26.46 ? 1856 SER A CB  1 
ATOM   6    O  OG  . SER A 1 1   ? 10.640  -20.771 -25.273 1.00 29.59 ? 1856 SER A OG  1 
ATOM   7    N  N   . MET A 1 2   ? 13.292  -19.861 -23.782 1.00 34.70 ? 1857 MET A N   1 
ATOM   8    C  CA  . MET A 1 2   ? 14.663  -19.536 -24.159 1.00 34.27 ? 1857 MET A CA  1 
ATOM   9    C  C   . MET A 1 2   ? 14.755  -18.941 -25.555 1.00 36.96 ? 1857 MET A C   1 
ATOM   10   O  O   . MET A 1 2   ? 14.408  -19.595 -26.547 1.00 32.72 ? 1857 MET A O   1 
ATOM   11   C  CB  . MET A 1 2   ? 15.552  -20.788 -24.070 1.00 34.72 ? 1857 MET A CB  1 
ATOM   12   C  CG  . MET A 1 2   ? 16.971  -20.499 -23.616 1.00 32.02 ? 1857 MET A CG  1 
ATOM   13   S  SD  . MET A 1 2   ? 18.122  -21.874 -23.879 1.00 30.98 ? 1857 MET A SD  1 
ATOM   14   C  CE  . MET A 1 2   ? 17.269  -23.245 -23.109 1.00 26.32 ? 1857 MET A CE  1 
ATOM   15   N  N   . SER A 1 3   ? 15.236  -17.698 -25.612 1.00 35.35 ? 1858 SER A N   1 
ATOM   16   C  CA  . SER A 1 3   ? 15.334  -16.929 -26.860 1.00 34.04 ? 1858 SER A CA  1 
ATOM   17   C  C   . SER A 1 3   ? 13.971  -16.647 -27.514 1.00 35.70 ? 1858 SER A C   1 
ATOM   18   O  O   . SER A 1 3   ? 13.878  -16.502 -28.736 1.00 41.45 ? 1858 SER A O   1 
ATOM   19   C  CB  . SER A 1 3   ? 16.248  -17.644 -27.861 1.00 36.82 ? 1858 SER A CB  1 
ATOM   20   O  OG  . SER A 1 3   ? 17.518  -17.921 -27.284 1.00 36.23 ? 1858 SER A OG  1 
ATOM   21   N  N   . VAL A 1 4   ? 12.916  -16.588 -26.711 1.00 35.63 ? 1859 VAL A N   1 
ATOM   22   C  CA  . VAL A 1 4   ? 11.595  -16.199 -27.211 1.00 39.03 ? 1859 VAL A CA  1 
ATOM   23   C  C   . VAL A 1 4   ? 10.971  -15.223 -26.224 1.00 40.90 ? 1859 VAL A C   1 
ATOM   24   O  O   . VAL A 1 4   ? 10.432  -15.631 -25.187 1.00 39.03 ? 1859 VAL A O   1 
ATOM   25   C  CB  . VAL A 1 4   ? 10.637  -17.402 -27.410 1.00 34.02 ? 1859 VAL A CB  1 
ATOM   26   C  CG1 . VAL A 1 4   ? 9.247   -16.916 -27.855 1.00 33.88 ? 1859 VAL A CG1 1 
ATOM   27   C  CG2 . VAL A 1 4   ? 11.203  -18.382 -28.418 1.00 31.88 ? 1859 VAL A CG2 1 
ATOM   28   N  N   . LYS A 1 5   ? 11.067  -13.939 -26.574 1.00 45.26 ? 1860 LYS A N   1 
ATOM   29   C  CA  . LYS A 1 5   ? 10.668  -12.809 -25.732 1.00 45.21 ? 1860 LYS A CA  1 
ATOM   30   C  C   . LYS A 1 5   ? 9.318   -12.217 -26.140 1.00 40.61 ? 1860 LYS A C   1 
ATOM   31   O  O   . LYS A 1 5   ? 9.161   -11.888 -27.311 1.00 39.75 ? 1860 LYS A O   1 
ATOM   32   C  CB  . LYS A 1 5   ? 11.741  -11.684 -25.819 1.00 45.17 ? 1860 LYS A CB  1 
ATOM   33   C  CG  . LYS A 1 5   ? 12.590  -11.742 -27.105 1.00 50.23 ? 1860 LYS A CG  1 
ATOM   34   C  CD  . LYS A 1 5   ? 13.488  -10.517 -27.358 1.00 58.01 ? 1860 LYS A CD  1 
ATOM   35   C  CE  . LYS A 1 5   ? 14.465  -10.663 -28.553 1.00 63.25 ? 1860 LYS A CE  1 
ATOM   36   N  NZ  . LYS A 1 5   ? 13.962  -10.850 -29.940 1.00 64.17 ? 1860 LYS A NZ  1 
ATOM   37   N  N   . LYS A 1 6   ? 8.358   -12.063 -25.215 1.00 42.53 ? 1861 LYS A N   1 
ATOM   38   C  CA  . LYS A 1 6   ? 7.255   -11.112 -25.477 1.00 44.60 ? 1861 LYS A CA  1 
ATOM   39   C  C   . LYS A 1 6   ? 7.815   -9.695  -25.518 1.00 43.29 ? 1861 LYS A C   1 
ATOM   40   O  O   . LYS A 1 6   ? 8.830   -9.422  -24.884 1.00 43.99 ? 1861 LYS A O   1 
ATOM   41   C  CB  . LYS A 1 6   ? 6.145   -11.103 -24.425 1.00 46.94 ? 1861 LYS A CB  1 
ATOM   42   C  CG  . LYS A 1 6   ? 5.802   -12.317 -23.628 1.00 44.00 ? 1861 LYS A CG  1 
ATOM   43   C  CD  . LYS A 1 6   ? 4.570   -11.872 -22.814 1.00 44.59 ? 1861 LYS A CD  1 
ATOM   44   C  CE  . LYS A 1 6   ? 3.920   -12.959 -22.014 1.00 41.87 ? 1861 LYS A CE  1 
ATOM   45   N  NZ  . LYS A 1 6   ? 4.909   -13.601 -21.111 1.00 55.50 ? 1861 LYS A NZ  1 
ATOM   46   N  N   . PRO A 1 7   ? 7.145   -8.779  -26.242 1.00 47.50 ? 1862 PRO A N   1 
ATOM   47   C  CA  . PRO A 1 7   ? 7.590   -7.375  -26.351 1.00 53.31 ? 1862 PRO A CA  1 
ATOM   48   C  C   . PRO A 1 7   ? 7.706   -6.656  -24.995 1.00 54.50 ? 1862 PRO A C   1 
ATOM   49   O  O   . PRO A 1 7   ? 6.906   -6.904  -24.084 1.00 46.90 ? 1862 PRO A O   1 
ATOM   50   C  CB  . PRO A 1 7   ? 6.500   -6.730  -27.216 1.00 48.83 ? 1862 PRO A CB  1 
ATOM   51   C  CG  . PRO A 1 7   ? 5.977   -7.854  -28.043 1.00 48.91 ? 1862 PRO A CG  1 
ATOM   52   C  CD  . PRO A 1 7   ? 6.028   -9.071  -27.160 1.00 46.28 ? 1862 PRO A CD  1 
ATOM   53   N  N   . LYS A 1 8   ? 8.694   -5.769  -24.872 1.00 55.24 ? 1863 LYS A N   1 
ATOM   54   C  CA  . LYS A 1 8   ? 9.036   -5.166  -23.578 1.00 61.89 ? 1863 LYS A CA  1 
ATOM   55   C  C   . LYS A 1 8   ? 8.100   -4.023  -23.129 1.00 52.75 ? 1863 LYS A C   1 
ATOM   56   O  O   . LYS A 1 8   ? 8.239   -2.897  -23.607 1.00 55.19 ? 1863 LYS A O   1 
ATOM   57   C  CB  . LYS A 1 8   ? 10.487  -4.653  -23.623 1.00 56.66 ? 1863 LYS A CB  1 
ATOM   58   N  N   . ARG A 1 9   ? 7.162   -4.305  -22.219 1.00 46.09 ? 1864 ARG A N   1 
ATOM   59   C  CA  . ARG A 1 9   ? 6.395   -3.224  -21.584 1.00 50.70 ? 1864 ARG A CA  1 
ATOM   60   C  C   . ARG A 1 9   ? 7.313   -2.202  -20.896 1.00 45.87 ? 1864 ARG A C   1 
ATOM   61   O  O   . ARG A 1 9   ? 8.150   -2.570  -20.076 1.00 48.51 ? 1864 ARG A O   1 
ATOM   62   C  CB  . ARG A 1 9   ? 5.408   -3.759  -20.558 1.00 51.22 ? 1864 ARG A CB  1 
ATOM   63   C  CG  . ARG A 1 9   ? 4.738   -2.625  -19.793 1.00 43.48 ? 1864 ARG A CG  1 
ATOM   64   C  CD  . ARG A 1 9   ? 4.192   -3.001  -18.410 1.00 41.42 ? 1864 ARG A CD  1 
ATOM   65   N  NE  . ARG A 1 9   ? 3.771   -1.769  -17.728 1.00 39.41 ? 1864 ARG A NE  1 
ATOM   66   C  CZ  . ARG A 1 9   ? 4.448   -1.175  -16.743 1.00 42.13 ? 1864 ARG A CZ  1 
ATOM   67   N  NH1 . ARG A 1 9   ? 5.548   -1.730  -16.247 1.00 35.63 ? 1864 ARG A NH1 1 
ATOM   68   N  NH2 . ARG A 1 9   ? 4.001   -0.036  -16.221 1.00 36.51 ? 1864 ARG A NH2 1 
ATOM   69   N  N   . ASP A 1 10  ? 7.161   -0.926  -21.242 1.00 43.44 ? 1865 ASP A N   1 
ATOM   70   C  CA  . ASP A 1 10  ? 8.044   0.121   -20.736 1.00 44.42 ? 1865 ASP A CA  1 
ATOM   71   C  C   . ASP A 1 10  ? 7.784   0.371   -19.246 1.00 40.44 ? 1865 ASP A C   1 
ATOM   72   O  O   . ASP A 1 10  ? 6.708   0.827   -18.856 1.00 37.14 ? 1865 ASP A O   1 
ATOM   73   C  CB  . ASP A 1 10  ? 7.854   1.412   -21.547 1.00 44.76 ? 1865 ASP A CB  1 
ATOM   74   C  CG  . ASP A 1 10  ? 8.791   2.532   -21.113 1.00 43.37 ? 1865 ASP A CG  1 
ATOM   75   O  OD1 . ASP A 1 10  ? 9.764   2.259   -20.377 1.00 43.59 ? 1865 ASP A OD1 1 
ATOM   76   O  OD2 . ASP A 1 10  ? 8.558   3.694   -21.521 1.00 48.70 ? 1865 ASP A OD2 1 
ATOM   77   N  N   . ASP A 1 11  ? 8.779   0.069   -18.424 1.00 37.25 ? 1866 ASP A N   1 
ATOM   78   C  CA  . ASP A 1 11  ? 8.636   0.181   -16.978 1.00 39.94 ? 1866 ASP A CA  1 
ATOM   79   C  C   . ASP A 1 11  ? 9.537   1.275   -16.399 1.00 39.13 ? 1866 ASP A C   1 
ATOM   80   O  O   . ASP A 1 11  ? 9.732   1.352   -15.182 1.00 34.31 ? 1866 ASP A O   1 
ATOM   81   C  CB  . ASP A 1 11  ? 8.963   -1.155  -16.314 1.00 37.44 ? 1866 ASP A CB  1 
ATOM   82   C  CG  . ASP A 1 11  ? 10.417  -1.555  -16.491 1.00 41.65 ? 1866 ASP A CG  1 
ATOM   83   O  OD1 . ASP A 1 11  ? 11.124  -0.917  -17.300 1.00 42.79 ? 1866 ASP A OD1 1 
ATOM   84   O  OD2 . ASP A 1 11  ? 10.853  -2.512  -15.818 1.00 45.91 ? 1866 ASP A OD2 1 
ATOM   85   N  N   . SER A 1 12  ? 10.097  2.105   -17.277 1.00 37.78 ? 1867 SER A N   1 
ATOM   86   C  CA  . SER A 1 12  ? 11.139  3.048   -16.878 1.00 38.80 ? 1867 SER A CA  1 
ATOM   87   C  C   . SER A 1 12  ? 10.614  4.166   -15.973 1.00 36.62 ? 1867 SER A C   1 
ATOM   88   O  O   . SER A 1 12  ? 11.379  4.796   -15.243 1.00 38.63 ? 1867 SER A O   1 
ATOM   89   C  CB  . SER A 1 12  ? 11.802  3.651   -18.121 1.00 38.99 ? 1867 SER A CB  1 
ATOM   90   O  OG  . SER A 1 12  ? 10.837  4.256   -18.967 1.00 43.69 ? 1867 SER A OG  1 
ATOM   91   N  N   . LYS A 1 13  ? 9.307   4.402   -16.013 1.00 36.55 ? 1868 LYS A N   1 
ATOM   92   C  CA  . LYS A 1 13  ? 8.717   5.478   -15.225 1.00 36.44 ? 1868 LYS A CA  1 
ATOM   93   C  C   . LYS A 1 13  ? 8.010   4.978   -13.959 1.00 34.41 ? 1868 LYS A C   1 
ATOM   94   O  O   . LYS A 1 13  ? 7.445   5.771   -13.207 1.00 34.07 ? 1868 LYS A O   1 
ATOM   95   C  CB  . LYS A 1 13  ? 7.732   6.275   -16.089 1.00 38.48 ? 1868 LYS A CB  1 
ATOM   96   C  CG  . LYS A 1 13  ? 8.393   7.093   -17.201 1.00 37.47 ? 1868 LYS A CG  1 
ATOM   97   C  CD  . LYS A 1 13  ? 7.359   7.976   -17.886 1.00 45.58 ? 1868 LYS A CD  1 
ATOM   98   N  N   . ASP A 1 14  ? 8.051   3.671   -13.721 1.00 31.87 ? 1869 ASP A N   1 
ATOM   99   C  CA  . ASP A 1 14  ? 7.275   3.070   -12.626 1.00 31.74 ? 1869 ASP A CA  1 
ATOM   100  C  C   . ASP A 1 14  ? 7.612   3.642   -11.236 1.00 28.96 ? 1869 ASP A C   1 
ATOM   101  O  O   . ASP A 1 14  ? 6.706   3.950   -10.456 1.00 28.74 ? 1869 ASP A O   1 
ATOM   102  C  CB  . ASP A 1 14  ? 7.456   1.551   -12.620 1.00 29.61 ? 1869 ASP A CB  1 
ATOM   103  C  CG  . ASP A 1 14  ? 6.745   0.866   -13.796 1.00 31.31 ? 1869 ASP A CG  1 
ATOM   104  O  OD1 . ASP A 1 14  ? 6.052   1.560   -14.565 1.00 31.77 ? 1869 ASP A OD1 1 
ATOM   105  O  OD2 . ASP A 1 14  ? 6.854   -0.370  -13.934 1.00 31.46 ? 1869 ASP A OD2 1 
ATOM   106  N  N   . LEU A 1 15  ? 8.903   3.783   -10.936 1.00 27.10 ? 1870 LEU A N   1 
ATOM   107  C  CA  . LEU A 1 15  ? 9.346   4.357   -9.667  1.00 34.83 ? 1870 LEU A CA  1 
ATOM   108  C  C   . LEU A 1 15  ? 8.717   5.731   -9.419  1.00 33.22 ? 1870 LEU A C   1 
ATOM   109  O  O   . LEU A 1 15  ? 8.085   5.953   -8.390  1.00 32.87 ? 1870 LEU A O   1 
ATOM   110  C  CB  . LEU A 1 15  ? 10.869  4.452   -9.631  1.00 35.25 ? 1870 LEU A CB  1 
ATOM   111  C  CG  . LEU A 1 15  ? 11.486  5.010   -8.349  1.00 40.23 ? 1870 LEU A CG  1 
ATOM   112  C  CD1 . LEU A 1 15  ? 11.041  4.196   -7.134  1.00 35.70 ? 1870 LEU A CD1 1 
ATOM   113  C  CD2 . LEU A 1 15  ? 13.009  5.028   -8.466  1.00 40.39 ? 1870 LEU A CD2 1 
ATOM   114  N  N   . ALA A 1 16  ? 8.863   6.630   -10.385 1.00 33.73 ? 1871 ALA A N   1 
ATOM   115  C  CA  . ALA A 1 16  ? 8.266   7.961   -10.331 1.00 32.45 ? 1871 ALA A CA  1 
ATOM   116  C  C   . ALA A 1 16  ? 6.745   7.936   -10.156 1.00 33.63 ? 1871 ALA A C   1 
ATOM   117  O  O   . ALA A 1 16  ? 6.185   8.671   -9.332  1.00 32.93 ? 1871 ALA A O   1 
ATOM   118  C  CB  . ALA A 1 16  ? 8.629   8.741   -11.604 1.00 31.30 ? 1871 ALA A CB  1 
ATOM   119  N  N   . LEU A 1 17  ? 6.073   7.105   -10.943 1.00 27.02 ? 1872 LEU A N   1 
ATOM   120  C  CA  . LEU A 1 17  ? 4.628   6.979   -10.841 1.00 30.32 ? 1872 LEU A CA  1 
ATOM   121  C  C   . LEU A 1 17  ? 4.142   6.389   -9.495  1.00 32.62 ? 1872 LEU A C   1 
ATOM   122  O  O   . LEU A 1 17  ? 3.181   6.885   -8.901  1.00 29.04 ? 1872 LEU A O   1 
ATOM   123  C  CB  . LEU A 1 17  ? 4.112   6.139   -12.005 1.00 30.84 ? 1872 LEU A CB  1 
ATOM   124  C  CG  . LEU A 1 17  ? 4.301   6.875   -13.339 1.00 35.75 ? 1872 LEU A CG  1 
ATOM   125  C  CD1 . LEU A 1 17  ? 4.181   5.944   -14.531 1.00 34.18 ? 1872 LEU A CD1 1 
ATOM   126  C  CD2 . LEU A 1 17  ? 3.300   8.019   -13.448 1.00 35.70 ? 1872 LEU A CD2 1 
ATOM   127  N  N   . CYS A 1 18  ? 4.794   5.335   -9.021  1.00 25.44 ? 1873 CYS A N   1 
ATOM   128  C  CA  . CYS A 1 18  ? 4.459   4.785   -7.704  1.00 27.66 ? 1873 CYS A CA  1 
ATOM   129  C  C   . CYS A 1 18  ? 4.660   5.819   -6.589  1.00 29.90 ? 1873 CYS A C   1 
ATOM   130  O  O   . CYS A 1 18  ? 3.854   5.906   -5.652  1.00 25.61 ? 1873 CYS A O   1 
ATOM   131  C  CB  . CYS A 1 18  ? 5.293   3.543   -7.414  1.00 22.88 ? 1873 CYS A CB  1 
ATOM   132  S  SG  . CYS A 1 18  ? 4.681   2.110   -8.331  1.00 23.56 ? 1873 CYS A SG  1 
ATOM   133  N  N   . SER A 1 19  ? 5.728   6.606   -6.711  1.00 29.69 ? 1874 SER A N   1 
ATOM   134  C  CA  . SER A 1 19  ? 6.032   7.643   -5.727  1.00 33.11 ? 1874 SER A CA  1 
ATOM   135  C  C   . SER A 1 19  ? 4.926   8.710   -5.709  1.00 29.89 ? 1874 SER A C   1 
ATOM   136  O  O   . SER A 1 19  ? 4.547   9.203   -4.646  1.00 29.88 ? 1874 SER A O   1 
ATOM   137  C  CB  . SER A 1 19  ? 7.407   8.266   -6.017  1.00 30.36 ? 1874 SER A CB  1 
ATOM   138  O  OG  . SER A 1 19  ? 7.668   9.363   -5.161  1.00 38.97 ? 1874 SER A OG  1 
ATOM   139  N  N   . MET A 1 20  ? 4.393   9.044   -6.882  1.00 29.41 ? 1875 MET A N   1 
ATOM   140  C  CA  . MET A 1 20  ? 3.304   10.016  -6.973  1.00 30.94 ? 1875 MET A CA  1 
ATOM   141  C  C   . MET A 1 20  ? 2.024   9.485   -6.354  1.00 28.83 ? 1875 MET A C   1 
ATOM   142  O  O   . MET A 1 20  ? 1.321   10.218  -5.664  1.00 28.11 ? 1875 MET A O   1 
ATOM   143  C  CB  . MET A 1 20  ? 3.020   10.411  -8.427  1.00 34.58 ? 1875 MET A CB  1 
ATOM   144  C  CG  . MET A 1 20  ? 3.858   11.570  -8.941  1.00 52.35 ? 1875 MET A CG  1 
ATOM   145  S  SD  . MET A 1 20  ? 3.441   12.023  -10.640 1.00 66.33 ? 1875 MET A SD  1 
ATOM   146  C  CE  . MET A 1 20  ? 1.739   12.565  -10.442 1.00 49.81 ? 1875 MET A CE  1 
ATOM   147  N  N   . ILE A 1 21  ? 1.702   8.219   -6.629  1.00 26.50 ? 1876 ILE A N   1 
ATOM   148  C  CA  . ILE A 1 21  ? 0.506   7.614   -6.063  1.00 26.78 ? 1876 ILE A CA  1 
ATOM   149  C  C   . ILE A 1 21  ? 0.618   7.582   -4.538  1.00 24.15 ? 1876 ILE A C   1 
ATOM   150  O  O   . ILE A 1 21  ? -0.327  7.922   -3.829  1.00 24.25 ? 1876 ILE A O   1 
ATOM   151  C  CB  . ILE A 1 21  ? 0.280   6.194   -6.596  1.00 29.19 ? 1876 ILE A CB  1 
ATOM   152  C  CG1 . ILE A 1 21  ? 0.025   6.230   -8.107  1.00 26.75 ? 1876 ILE A CG1 1 
ATOM   153  C  CG2 . ILE A 1 21  ? -0.877  5.552   -5.862  1.00 26.17 ? 1876 ILE A CG2 1 
ATOM   154  C  CD1 . ILE A 1 21  ? -0.085  4.858   -8.748  1.00 30.23 ? 1876 ILE A CD1 1 
ATOM   155  N  N   . LEU A 1 22  ? 1.786   7.190   -4.050  1.00 22.57 ? 1877 LEU A N   1 
ATOM   156  C  CA  . LEU A 1 22  ? 2.021   7.115   -2.617  1.00 24.48 ? 1877 LEU A CA  1 
ATOM   157  C  C   . LEU A 1 22  ? 1.866   8.499   -2.006  1.00 26.55 ? 1877 LEU A C   1 
ATOM   158  O  O   . LEU A 1 22  ? 1.227   8.634   -0.983  1.00 22.41 ? 1877 LEU A O   1 
ATOM   159  C  CB  . LEU A 1 22  ? 3.404   6.554   -2.294  1.00 24.39 ? 1877 LEU A CB  1 
ATOM   160  C  CG  . LEU A 1 22  ? 3.668   6.341   -0.788  1.00 24.69 ? 1877 LEU A CG  1 
ATOM   161  C  CD1 . LEU A 1 22  ? 2.657   5.397   -0.173  1.00 21.14 ? 1877 LEU A CD1 1 
ATOM   162  C  CD2 . LEU A 1 22  ? 5.081   5.812   -0.572  1.00 24.55 ? 1877 LEU A CD2 1 
ATOM   163  N  N   . THR A 1 23  ? 2.401   9.526   -2.671  1.00 24.87 ? 1878 THR A N   1 
ATOM   164  C  CA  . THR A 1 23  ? 2.265   10.909  -2.175  1.00 28.55 ? 1878 THR A CA  1 
ATOM   165  C  C   . THR A 1 23  ? 0.793   11.336  -2.055  1.00 27.75 ? 1878 THR A C   1 
ATOM   166  O  O   . THR A 1 23  ? 0.387   11.910  -1.041  1.00 30.03 ? 1878 THR A O   1 
ATOM   167  C  CB  . THR A 1 23  ? 3.021   11.916  -3.072  1.00 28.88 ? 1878 THR A CB  1 
ATOM   168  O  OG1 . THR A 1 23  ? 4.427   11.657  -2.992  1.00 30.22 ? 1878 THR A OG1 1 
ATOM   169  C  CG2 . THR A 1 23  ? 2.745   13.355  -2.618  1.00 32.52 ? 1878 THR A CG2 1 
ATOM   170  N  N   . GLU A 1 24  ? -0.008  11.022  -3.066  1.00 26.97 ? 1879 GLU A N   1 
ATOM   171  C  CA  . GLU A 1 24  ? -1.437  11.326  -3.034  1.00 27.78 ? 1879 GLU A CA  1 
ATOM   172  C  C   . GLU A 1 24  ? -2.176  10.569  -1.924  1.00 28.52 ? 1879 GLU A C   1 
ATOM   173  O  O   . GLU A 1 24  ? -3.127  11.081  -1.337  1.00 26.54 ? 1879 GLU A O   1 
ATOM   174  C  CB  . GLU A 1 24  ? -2.064  11.019  -4.399  1.00 29.07 ? 1879 GLU A CB  1 
ATOM   175  C  CG  . GLU A 1 24  ? -1.645  12.044  -5.463  1.00 35.56 ? 1879 GLU A CG  1 
ATOM   176  C  CD  . GLU A 1 24  ? -1.795  11.561  -6.899  1.00 44.40 ? 1879 GLU A CD  1 
ATOM   177  O  OE1 . GLU A 1 24  ? -2.482  10.547  -7.126  1.00 42.39 ? 1879 GLU A OE1 1 
ATOM   178  O  OE2 . GLU A 1 24  ? -1.208  12.204  -7.806  1.00 55.53 ? 1879 GLU A OE2 1 
ATOM   179  N  N   . MET A 1 25  ? -1.751  9.351   -1.631  1.00 25.29 ? 1880 MET A N   1 
ATOM   180  C  CA  . MET A 1 25  ? -2.382  8.633   -0.538  1.00 26.53 ? 1880 MET A CA  1 
ATOM   181  C  C   . MET A 1 25  ? -1.956  9.195   0.825   1.00 26.28 ? 1880 MET A C   1 
ATOM   182  O  O   . MET A 1 25  ? -2.787  9.290   1.724   1.00 24.65 ? 1880 MET A O   1 
ATOM   183  C  CB  . MET A 1 25  ? -2.077  7.150   -0.667  1.00 25.09 ? 1880 MET A CB  1 
ATOM   184  C  CG  . MET A 1 25  ? -2.892  6.575   -1.849  1.00 24.58 ? 1880 MET A CG  1 
ATOM   185  S  SD  . MET A 1 25  ? -3.088  4.872   -1.606  1.00 44.66 ? 1880 MET A SD  1 
ATOM   186  C  CE  . MET A 1 25  ? -1.353  4.411   -1.597  1.00 30.60 ? 1880 MET A CE  1 
ATOM   187  N  N   . GLU A 1 26  ? -0.684  9.595   0.954   1.00 25.91 ? 1881 GLU A N   1 
ATOM   188  C  CA  . GLU A 1 26  ? -0.166  10.231  2.175   1.00 26.58 ? 1881 GLU A CA  1 
ATOM   189  C  C   . GLU A 1 26  ? -0.905  11.520  2.551   1.00 30.51 ? 1881 GLU A C   1 
ATOM   190  O  O   . GLU A 1 26  ? -1.038  11.844  3.734   1.00 27.42 ? 1881 GLU A O   1 
ATOM   191  C  CB  . GLU A 1 26  ? 1.338   10.530  2.034   1.00 28.40 ? 1881 GLU A CB  1 
ATOM   192  C  CG  . GLU A 1 26  ? 2.262   9.345   2.321   1.00 27.94 ? 1881 GLU A CG  1 
ATOM   193  C  CD  . GLU A 1 26  ? 3.682   9.524   1.754   1.00 28.46 ? 1881 GLU A CD  1 
ATOM   194  O  OE1 . GLU A 1 26  ? 3.920   10.406  0.909   1.00 31.16 ? 1881 GLU A OE1 1 
ATOM   195  O  OE2 . GLU A 1 26  ? 4.569   8.752   2.140   1.00 32.27 ? 1881 GLU A OE2 1 
ATOM   196  N  N   . THR A 1 27  ? -1.392  12.253  1.549   1.00 30.15 ? 1882 THR A N   1 
ATOM   197  C  CA  . THR A 1 27  ? -2.039  13.546  1.796   1.00 30.64 ? 1882 THR A CA  1 
ATOM   198  C  C   . THR A 1 27  ? -3.569  13.469  1.815   1.00 30.94 ? 1882 THR A C   1 
ATOM   199  O  O   . THR A 1 27  ? -4.238  14.458  2.099   1.00 31.90 ? 1882 THR A O   1 
ATOM   200  C  CB  . THR A 1 27  ? -1.611  14.596  0.744   1.00 31.04 ? 1882 THR A CB  1 
ATOM   201  O  OG1 . THR A 1 27  ? -1.994  14.138  -0.554  1.00 31.49 ? 1882 THR A OG1 1 
ATOM   202  C  CG2 . THR A 1 27  ? -0.126  14.810  0.766   1.00 30.59 ? 1882 THR A CG2 1 
ATOM   203  N  N   . HIS A 1 28  ? -4.129  12.302  1.515   1.00 24.98 ? 1883 HIS A N   1 
ATOM   204  C  CA  . HIS A 1 28  ? -5.572  12.086  1.651   1.00 26.10 ? 1883 HIS A CA  1 
ATOM   205  C  C   . HIS A 1 28  ? -5.996  12.307  3.117   1.00 31.35 ? 1883 HIS A C   1 
ATOM   206  O  O   . HIS A 1 28  ? -5.301  11.865  4.031   1.00 29.49 ? 1883 HIS A O   1 
ATOM   207  C  CB  . HIS A 1 28  ? -5.907  10.670  1.171   1.00 27.47 ? 1883 HIS A CB  1 
ATOM   208  C  CG  . HIS A 1 28  ? -7.365  10.400  0.984   1.00 28.08 ? 1883 HIS A CG  1 
ATOM   209  N  ND1 . HIS A 1 28  ? -8.285  10.524  2.000   1.00 28.99 ? 1883 HIS A ND1 1 
ATOM   210  C  CD2 . HIS A 1 28  ? -8.056  9.970   -0.100  1.00 28.23 ? 1883 HIS A CD2 1 
ATOM   211  C  CE1 . HIS A 1 28  ? -9.481  10.188  1.552   1.00 28.12 ? 1883 HIS A CE1 1 
ATOM   212  N  NE2 . HIS A 1 28  ? -9.369  9.847   0.280   1.00 30.08 ? 1883 HIS A NE2 1 
ATOM   213  N  N   . GLU A 1 29  ? -7.120  12.987  3.358   1.00 30.59 ? 1884 GLU A N   1 
ATOM   214  C  CA  . GLU A 1 29  ? -7.479  13.328  4.737   1.00 28.96 ? 1884 GLU A CA  1 
ATOM   215  C  C   . GLU A 1 29  ? -7.843  12.094  5.566   1.00 29.29 ? 1884 GLU A C   1 
ATOM   216  O  O   . GLU A 1 29  ? -7.794  12.149  6.796   1.00 26.87 ? 1884 GLU A O   1 
ATOM   217  C  CB  . GLU A 1 29  ? -8.627  14.350  4.787   1.00 36.18 ? 1884 GLU A CB  1 
ATOM   218  C  CG  . GLU A 1 29  ? -9.997  13.813  4.465   1.00 36.38 ? 1884 GLU A CG  1 
ATOM   219  C  CD  . GLU A 1 29  ? -11.138 14.735  4.951   1.00 46.05 ? 1884 GLU A CD  1 
ATOM   220  O  OE1 . GLU A 1 29  ? -11.724 14.462  6.022   1.00 43.78 ? 1884 GLU A OE1 1 
ATOM   221  O  OE2 . GLU A 1 29  ? -11.455 15.729  4.262   1.00 49.88 ? 1884 GLU A OE2 1 
ATOM   222  N  N   . ASP A 1 30  ? -8.182  10.982  4.910   1.00 24.09 ? 1885 ASP A N   1 
ATOM   223  C  CA  . ASP A 1 30  ? -8.505  9.751   5.640   1.00 25.25 ? 1885 ASP A CA  1 
ATOM   224  C  C   . ASP A 1 30  ? -7.277  8.834   5.808   1.00 26.57 ? 1885 ASP A C   1 
ATOM   225  O  O   . ASP A 1 30  ? -7.413  7.669   6.167   1.00 26.07 ? 1885 ASP A O   1 
ATOM   226  C  CB  . ASP A 1 30  ? -9.625  8.957   4.941   1.00 29.25 ? 1885 ASP A CB  1 
ATOM   227  C  CG  . ASP A 1 30  ? -11.002 9.646   5.015   1.00 29.44 ? 1885 ASP A CG  1 
ATOM   228  O  OD1 . ASP A 1 30  ? -11.192 10.588  5.817   1.00 30.02 ? 1885 ASP A OD1 1 
ATOM   229  O  OD2 . ASP A 1 30  ? -11.899 9.222   4.260   1.00 29.61 ? 1885 ASP A OD2 1 
ATOM   230  N  N   . ALA A 1 31  ? -6.083  9.361   5.562   1.00 21.44 ? 1886 ALA A N   1 
ATOM   231  C  CA  . ALA A 1 31  ? -4.877  8.541   5.650   1.00 26.36 ? 1886 ALA A CA  1 
ATOM   232  C  C   . ALA A 1 31  ? -4.324  8.392   7.070   1.00 25.64 ? 1886 ALA A C   1 
ATOM   233  O  O   . ALA A 1 31  ? -3.409  7.581   7.292   1.00 23.19 ? 1886 ALA A O   1 
ATOM   234  C  CB  . ALA A 1 31  ? -3.781  9.111   4.733   1.00 23.26 ? 1886 ALA A CB  1 
ATOM   235  N  N   . TRP A 1 32  ? -4.857  9.168   8.019   1.00 25.82 ? 1887 TRP A N   1 
ATOM   236  C  CA  . TRP A 1 32  ? -4.281  9.250   9.358   1.00 26.20 ? 1887 TRP A CA  1 
ATOM   237  C  C   . TRP A 1 32  ? -4.110  7.902   10.093  1.00 23.32 ? 1887 TRP A C   1 
ATOM   238  O  O   . TRP A 1 32  ? -3.155  7.750   10.855  1.00 25.95 ? 1887 TRP A O   1 
ATOM   239  C  CB  . TRP A 1 32  ? -5.096  10.228  10.248  1.00 29.17 ? 1887 TRP A CB  1 
ATOM   240  C  CG  . TRP A 1 32  ? -6.555  9.922   10.366  1.00 26.82 ? 1887 TRP A CG  1 
ATOM   241  C  CD1 . TRP A 1 32  ? -7.563  10.438  9.599   1.00 28.79 ? 1887 TRP A CD1 1 
ATOM   242  C  CD2 . TRP A 1 32  ? -7.182  9.040   11.316  1.00 26.98 ? 1887 TRP A CD2 1 
ATOM   243  N  NE1 . TRP A 1 32  ? -8.770  9.922   10.001  1.00 29.07 ? 1887 TRP A NE1 1 
ATOM   244  C  CE2 . TRP A 1 32  ? -8.568  9.061   11.048  1.00 27.97 ? 1887 TRP A CE2 1 
ATOM   245  C  CE3 . TRP A 1 32  ? -6.705  8.231   12.355  1.00 27.80 ? 1887 TRP A CE3 1 
ATOM   246  C  CZ2 . TRP A 1 32  ? -9.488  8.299   11.783  1.00 29.44 ? 1887 TRP A CZ2 1 
ATOM   247  C  CZ3 . TRP A 1 32  ? -7.623  7.472   13.089  1.00 27.30 ? 1887 TRP A CZ3 1 
ATOM   248  C  CH2 . TRP A 1 32  ? -8.998  7.517   12.796  1.00 29.65 ? 1887 TRP A CH2 1 
ATOM   249  N  N   . PRO A 1 33  ? -5.001  6.913   9.879   1.00 22.42 ? 1888 PRO A N   1 
ATOM   250  C  CA  . PRO A 1 33  ? -4.668  5.672   10.604  1.00 22.69 ? 1888 PRO A CA  1 
ATOM   251  C  C   . PRO A 1 33  ? -3.441  4.924   10.044  1.00 24.97 ? 1888 PRO A C   1 
ATOM   252  O  O   . PRO A 1 33  ? -2.934  4.002   10.700  1.00 24.13 ? 1888 PRO A O   1 
ATOM   253  C  CB  . PRO A 1 33  ? -5.929  4.804   10.434  1.00 23.16 ? 1888 PRO A CB  1 
ATOM   254  C  CG  . PRO A 1 33  ? -7.020  5.749   9.969   1.00 23.86 ? 1888 PRO A CG  1 
ATOM   255  C  CD  . PRO A 1 33  ? -6.292  6.802   9.176   1.00 24.28 ? 1888 PRO A CD  1 
ATOM   256  N  N   . PHE A 1 34  ? -2.986  5.313   8.857   1.00 20.71 ? 1889 PHE A N   1 
ATOM   257  C  CA  . PHE A 1 34  ? -2.075  4.483   8.069   1.00 21.26 ? 1889 PHE A CA  1 
ATOM   258  C  C   . PHE A 1 34  ? -0.691  5.112   7.864   1.00 22.05 ? 1889 PHE A C   1 
ATOM   259  O  O   . PHE A 1 34  ? 0.181   4.497   7.246   1.00 21.98 ? 1889 PHE A O   1 
ATOM   260  C  CB  . PHE A 1 34  ? -2.727  4.160   6.708   1.00 19.68 ? 1889 PHE A CB  1 
ATOM   261  C  CG  . PHE A 1 34  ? -4.141  3.660   6.837   1.00 20.82 ? 1889 PHE A CG  1 
ATOM   262  C  CD1 . PHE A 1 34  ? -4.401  2.473   7.524   1.00 23.42 ? 1889 PHE A CD1 1 
ATOM   263  C  CD2 . PHE A 1 34  ? -5.209  4.381   6.310   1.00 22.44 ? 1889 PHE A CD2 1 
ATOM   264  C  CE1 . PHE A 1 34  ? -5.718  2.004   7.680   1.00 22.98 ? 1889 PHE A CE1 1 
ATOM   265  C  CE2 . PHE A 1 34  ? -6.537  3.921   6.450   1.00 21.81 ? 1889 PHE A CE2 1 
ATOM   266  C  CZ  . PHE A 1 34  ? -6.791  2.745   7.132   1.00 22.21 ? 1889 PHE A CZ  1 
ATOM   267  N  N   . LEU A 1 35  ? -0.501  6.319   8.402   1.00 22.79 ? 1890 LEU A N   1 
ATOM   268  C  CA  . LEU A 1 35  ? 0.727   7.092   8.208   1.00 23.91 ? 1890 LEU A CA  1 
ATOM   269  C  C   . LEU A 1 35  ? 1.951   6.488   8.902   1.00 25.71 ? 1890 LEU A C   1 
ATOM   270  O  O   . LEU A 1 35  ? 3.056   6.575   8.369   1.00 27.75 ? 1890 LEU A O   1 
ATOM   271  C  CB  . LEU A 1 35  ? 0.526   8.540   8.688   1.00 24.13 ? 1890 LEU A CB  1 
ATOM   272  C  CG  . LEU A 1 35  ? -0.492  9.396   7.898   1.00 27.09 ? 1890 LEU A CG  1 
ATOM   273  C  CD1 . LEU A 1 35  ? -0.708  10.774  8.531   1.00 30.44 ? 1890 LEU A CD1 1 
ATOM   274  C  CD2 . LEU A 1 35  ? -0.121  9.540   6.406   1.00 29.13 ? 1890 LEU A CD2 1 
ATOM   275  N  N   . LEU A 1 36  ? 1.757   5.889   10.080  1.00 21.18 ? 1891 LEU A N   1 
ATOM   276  C  CA  . LEU A 1 36  ? 2.864   5.353   10.875  1.00 22.83 ? 1891 LEU A CA  1 
ATOM   277  C  C   . LEU A 1 36  ? 2.562   3.917   11.318  1.00 22.17 ? 1891 LEU A C   1 
ATOM   278  O  O   . LEU A 1 36  ? 1.395   3.528   11.356  1.00 20.74 ? 1891 LEU A O   1 
ATOM   279  C  CB  . LEU A 1 36  ? 3.116   6.250   12.099  1.00 28.04 ? 1891 LEU A CB  1 
ATOM   280  C  CG  . LEU A 1 36  ? 3.603   7.680   11.873  1.00 25.32 ? 1891 LEU A CG  1 
ATOM   281  C  CD1 . LEU A 1 36  ? 3.740   8.417   13.214  1.00 32.65 ? 1891 LEU A CD1 1 
ATOM   282  C  CD2 . LEU A 1 36  ? 4.920   7.696   11.104  1.00 26.25 ? 1891 LEU A CD2 1 
ATOM   283  N  N   . PRO A 1 37  ? 3.603   3.122   11.648  1.00 24.18 ? 1892 PRO A N   1 
ATOM   284  C  CA  . PRO A 1 37  ? 3.329   1.750   12.101  1.00 27.16 ? 1892 PRO A CA  1 
ATOM   285  C  C   . PRO A 1 37  ? 2.427   1.753   13.323  1.00 26.69 ? 1892 PRO A C   1 
ATOM   286  O  O   . PRO A 1 37  ? 2.549   2.660   14.145  1.00 26.61 ? 1892 PRO A O   1 
ATOM   287  C  CB  . PRO A 1 37  ? 4.713   1.199   12.463  1.00 27.12 ? 1892 PRO A CB  1 
ATOM   288  C  CG  . PRO A 1 37  ? 5.690   2.087   11.753  1.00 28.74 ? 1892 PRO A CG  1 
ATOM   289  C  CD  . PRO A 1 37  ? 5.045   3.437   11.680  1.00 27.33 ? 1892 PRO A CD  1 
ATOM   290  N  N   . VAL A 1 38  ? 1.525   0.784   13.418  1.00 24.46 ? 1893 VAL A N   1 
ATOM   291  C  CA  . VAL A 1 38  ? 0.721   0.594   14.622  1.00 27.50 ? 1893 VAL A CA  1 
ATOM   292  C  C   . VAL A 1 38  ? 1.656   0.229   15.774  1.00 28.71 ? 1893 VAL A C   1 
ATOM   293  O  O   . VAL A 1 38  ? 2.565   -0.590  15.597  1.00 27.28 ? 1893 VAL A O   1 
ATOM   294  C  CB  . VAL A 1 38  ? -0.335  -0.524  14.439  1.00 29.73 ? 1893 VAL A CB  1 
ATOM   295  C  CG1 . VAL A 1 38  ? -1.065  -0.820  15.774  1.00 28.19 ? 1893 VAL A CG1 1 
ATOM   296  C  CG2 . VAL A 1 38  ? -1.316  -0.163  13.317  1.00 24.06 ? 1893 VAL A CG2 1 
ATOM   297  N  N   . ASN A 1 39  ? 1.440   0.838   16.939  1.00 30.87 ? 1894 ASN A N   1 
ATOM   298  C  CA  . ASN A 1 39  ? 2.312   0.616   18.092  1.00 32.82 ? 1894 ASN A CA  1 
ATOM   299  C  C   . ASN A 1 39  ? 2.013   -0.736  18.729  1.00 30.60 ? 1894 ASN A C   1 
ATOM   300  O  O   . ASN A 1 39  ? 1.008   -0.917  19.418  1.00 30.62 ? 1894 ASN A O   1 
ATOM   301  C  CB  . ASN A 1 39  ? 2.157   1.752   19.119  1.00 32.24 ? 1894 ASN A CB  1 
ATOM   302  C  CG  . ASN A 1 39  ? 3.186   1.672   20.246  1.00 38.46 ? 1894 ASN A CG  1 
ATOM   303  O  OD1 . ASN A 1 39  ? 3.654   0.590   20.611  1.00 38.85 ? 1894 ASN A OD1 1 
ATOM   304  N  ND2 . ASN A 1 39  ? 3.537   2.822   20.801  1.00 36.23 ? 1894 ASN A ND2 1 
ATOM   305  N  N   . LEU A 1 40  ? 2.901   -1.684  18.495  1.00 28.53 ? 1895 LEU A N   1 
ATOM   306  C  CA  . LEU A 1 40  ? 2.671   -3.061  18.911  1.00 32.24 ? 1895 LEU A CA  1 
ATOM   307  C  C   . LEU A 1 40  ? 2.671   -3.232  20.425  1.00 37.27 ? 1895 LEU A C   1 
ATOM   308  O  O   . LEU A 1 40  ? 2.109   -4.198  20.951  1.00 34.73 ? 1895 LEU A O   1 
ATOM   309  C  CB  . LEU A 1 40  ? 3.722   -3.972  18.277  1.00 32.65 ? 1895 LEU A CB  1 
ATOM   310  C  CG  . LEU A 1 40  ? 3.581   -4.021  16.750  1.00 33.09 ? 1895 LEU A CG  1 
ATOM   311  C  CD1 . LEU A 1 40  ? 4.594   -4.958  16.121  1.00 30.53 ? 1895 LEU A CD1 1 
ATOM   312  C  CD2 . LEU A 1 40  ? 2.149   -4.414  16.371  1.00 29.00 ? 1895 LEU A CD2 1 
ATOM   313  N  N   . LYS A 1 41  ? 3.285   -2.289  21.129  1.00 39.37 ? 1896 LYS A N   1 
ATOM   314  C  CA  . LYS A 1 41  ? 3.353   -2.387  22.576  1.00 38.40 ? 1896 LYS A CA  1 
ATOM   315  C  C   . LYS A 1 41  ? 2.092   -1.823  23.213  1.00 38.48 ? 1896 LYS A C   1 
ATOM   316  O  O   . LYS A 1 41  ? 1.729   -2.224  24.320  1.00 37.99 ? 1896 LYS A O   1 
ATOM   317  C  CB  . LYS A 1 41  ? 4.600   -1.675  23.112  1.00 40.05 ? 1896 LYS A CB  1 
ATOM   318  C  CG  . LYS A 1 41  ? 5.897   -2.404  22.757  1.00 45.20 ? 1896 LYS A CG  1 
ATOM   319  C  CD  . LYS A 1 41  ? 7.133   -1.786  23.428  1.00 54.13 ? 1896 LYS A CD  1 
ATOM   320  C  CE  . LYS A 1 41  ? 7.211   -0.274  23.215  1.00 60.50 ? 1896 LYS A CE  1 
ATOM   321  N  NZ  . LYS A 1 41  ? 7.058   0.138   21.772  1.00 65.04 ? 1896 LYS A NZ  1 
ATOM   322  N  N   . LEU A 1 42  ? 1.398   -0.933  22.505  1.00 35.33 ? 1897 LEU A N   1 
ATOM   323  C  CA  . LEU A 1 42  ? 0.247   -0.250  23.095  1.00 33.34 ? 1897 LEU A CA  1 
ATOM   324  C  C   . LEU A 1 42  ? -1.105  -0.718  22.561  1.00 35.88 ? 1897 LEU A C   1 
ATOM   325  O  O   . LEU A 1 42  ? -2.147  -0.370  23.125  1.00 38.60 ? 1897 LEU A O   1 
ATOM   326  C  CB  . LEU A 1 42  ? 0.366   1.261   22.897  1.00 36.53 ? 1897 LEU A CB  1 
ATOM   327  C  CG  . LEU A 1 42  ? 1.563   1.980   23.550  1.00 44.27 ? 1897 LEU A CG  1 
ATOM   328  C  CD1 . LEU A 1 42  ? 1.471   3.470   23.311  1.00 38.89 ? 1897 LEU A CD1 1 
ATOM   329  C  CD2 . LEU A 1 42  ? 1.692   1.692   25.052  1.00 37.82 ? 1897 LEU A CD2 1 
ATOM   330  N  N   . VAL A 1 43  ? -1.115  -1.493  21.482  1.00 31.68 ? 1898 VAL A N   1 
ATOM   331  C  CA  . VAL A 1 43  ? -2.393  -1.939  20.932  1.00 27.95 ? 1898 VAL A CA  1 
ATOM   332  C  C   . VAL A 1 43  ? -2.541  -3.436  21.159  1.00 32.74 ? 1898 VAL A C   1 
ATOM   333  O  O   . VAL A 1 43  ? -1.845  -4.235  20.540  1.00 32.35 ? 1898 VAL A O   1 
ATOM   334  C  CB  . VAL A 1 43  ? -2.534  -1.611  19.434  1.00 31.84 ? 1898 VAL A CB  1 
ATOM   335  C  CG1 . VAL A 1 43  ? -3.857  -2.170  18.884  1.00 30.08 ? 1898 VAL A CG1 1 
ATOM   336  C  CG2 . VAL A 1 43  ? -2.450  -0.101  19.206  1.00 29.87 ? 1898 VAL A CG2 1 
ATOM   337  N  N   . PRO A 1 44  ? -3.447  -3.817  22.070  1.00 36.58 ? 1899 PRO A N   1 
ATOM   338  C  CA  . PRO A 1 44  ? -3.738  -5.222  22.401  1.00 35.97 ? 1899 PRO A CA  1 
ATOM   339  C  C   . PRO A 1 44  ? -4.108  -6.036  21.171  1.00 30.28 ? 1899 PRO A C   1 
ATOM   340  O  O   . PRO A 1 44  ? -4.847  -5.553  20.318  1.00 31.23 ? 1899 PRO A O   1 
ATOM   341  C  CB  . PRO A 1 44  ? -4.942  -5.120  23.351  1.00 36.80 ? 1899 PRO A CB  1 
ATOM   342  C  CG  . PRO A 1 44  ? -4.849  -3.740  23.934  1.00 37.75 ? 1899 PRO A CG  1 
ATOM   343  C  CD  . PRO A 1 44  ? -4.301  -2.881  22.827  1.00 34.29 ? 1899 PRO A CD  1 
ATOM   344  N  N   . GLY A 1 45  ? -3.598  -7.254  21.070  1.00 31.89 ? 1900 GLY A N   1 
ATOM   345  C  CA  . GLY A 1 45  ? -3.993  -8.138  19.991  1.00 28.69 ? 1900 GLY A CA  1 
ATOM   346  C  C   . GLY A 1 45  ? -3.230  -7.968  18.688  1.00 29.41 ? 1900 GLY A C   1 
ATOM   347  O  O   . GLY A 1 45  ? -3.064  -8.947  17.945  1.00 26.88 ? 1900 GLY A O   1 
ATOM   348  N  N   . TYR A 1 46  ? -2.752  -6.754  18.407  1.00 29.50 ? 1901 TYR A N   1 
ATOM   349  C  CA  . TYR A 1 46  ? -2.237  -6.462  17.061  1.00 29.08 ? 1901 TYR A CA  1 
ATOM   350  C  C   . TYR A 1 46  ? -1.032  -7.327  16.703  1.00 27.72 ? 1901 TYR A C   1 
ATOM   351  O  O   . TYR A 1 46  ? -1.000  -7.921  15.615  1.00 27.98 ? 1901 TYR A O   1 
ATOM   352  C  CB  . TYR A 1 46  ? -1.871  -4.973  16.884  1.00 28.32 ? 1901 TYR A CB  1 
ATOM   353  C  CG  . TYR A 1 46  ? -2.043  -4.542  15.434  1.00 26.25 ? 1901 TYR A CG  1 
ATOM   354  C  CD1 . TYR A 1 46  ? -3.281  -4.150  14.949  1.00 25.14 ? 1901 TYR A CD1 1 
ATOM   355  C  CD2 . TYR A 1 46  ? -0.980  -4.592  14.542  1.00 23.94 ? 1901 TYR A CD2 1 
ATOM   356  C  CE1 . TYR A 1 46  ? -3.446  -3.779  13.604  1.00 28.66 ? 1901 TYR A CE1 1 
ATOM   357  C  CE2 . TYR A 1 46  ? -1.125  -4.220  13.215  1.00 25.60 ? 1901 TYR A CE2 1 
ATOM   358  C  CZ  . TYR A 1 46  ? -2.357  -3.821  12.738  1.00 29.53 ? 1901 TYR A CZ  1 
ATOM   359  O  OH  . TYR A 1 46  ? -2.493  -3.470  11.395  1.00 25.30 ? 1901 TYR A OH  1 
ATOM   360  N  N   . LYS A 1 47  ? -0.058  -7.424  17.601  1.00 28.16 ? 1902 LYS A N   1 
ATOM   361  C  CA  . LYS A 1 47  ? 1.155   -8.183  17.288  1.00 33.28 ? 1902 LYS A CA  1 
ATOM   362  C  C   . LYS A 1 47  ? 0.857   -9.655  16.974  1.00 31.22 ? 1902 LYS A C   1 
ATOM   363  O  O   . LYS A 1 47  ? 1.443   -10.230 16.048  1.00 33.74 ? 1902 LYS A O   1 
ATOM   364  C  CB  . LYS A 1 47  ? 2.176   -8.094  18.431  1.00 33.11 ? 1902 LYS A CB  1 
ATOM   365  C  CG  . LYS A 1 47  ? 3.608   -8.489  17.997  1.00 36.52 ? 1902 LYS A CG  1 
ATOM   366  C  CD  . LYS A 1 47  ? 4.620   -8.345  19.133  1.00 46.57 ? 1902 LYS A CD  1 
ATOM   367  C  CE  . LYS A 1 47  ? 6.069   -8.419  18.647  1.00 46.12 ? 1902 LYS A CE  1 
ATOM   368  N  NZ  . LYS A 1 47  ? 6.410   -9.751  18.097  1.00 56.02 ? 1902 LYS A NZ  1 
ATOM   369  N  N   . LYS A 1 48  ? -0.063  -10.257 17.724  1.00 29.68 ? 1903 LYS A N   1 
ATOM   370  C  CA  . LYS A 1 48  ? -0.359  -11.673 17.570  1.00 28.39 ? 1903 LYS A CA  1 
ATOM   371  C  C   . LYS A 1 48  ? -1.223  -11.954 16.351  1.00 30.25 ? 1903 LYS A C   1 
ATOM   372  O  O   . LYS A 1 48  ? -0.993  -12.911 15.623  1.00 31.36 ? 1903 LYS A O   1 
ATOM   373  C  CB  . LYS A 1 48  ? -1.055  -12.213 18.821  1.00 32.16 ? 1903 LYS A CB  1 
ATOM   374  C  CG  . LYS A 1 48  ? -1.412  -13.695 18.732  1.00 33.08 ? 1903 LYS A CG  1 
ATOM   375  C  CD  . LYS A 1 48  ? -0.161  -14.552 18.582  1.00 33.87 ? 1903 LYS A CD  1 
ATOM   376  C  CE  . LYS A 1 48  ? -0.475  -16.042 18.549  1.00 35.82 ? 1903 LYS A CE  1 
ATOM   377  N  NZ  . LYS A 1 48  ? -0.569  -16.610 19.924  1.00 32.56 ? 1903 LYS A NZ  1 
ATOM   378  N  N   . VAL A 1 49  ? -2.220  -11.109 16.136  1.00 29.00 ? 1904 VAL A N   1 
ATOM   379  C  CA  . VAL A 1 49  ? -3.197  -11.307 15.080  1.00 27.91 ? 1904 VAL A CA  1 
ATOM   380  C  C   . VAL A 1 49  ? -2.683  -10.925 13.680  1.00 29.58 ? 1904 VAL A C   1 
ATOM   381  O  O   . VAL A 1 49  ? -2.919  -11.652 12.715  1.00 27.27 ? 1904 VAL A O   1 
ATOM   382  C  CB  . VAL A 1 49  ? -4.481  -10.501 15.408  1.00 30.24 ? 1904 VAL A CB  1 
ATOM   383  C  CG1 . VAL A 1 49  ? -5.454  -10.511 14.252  1.00 25.44 ? 1904 VAL A CG1 1 
ATOM   384  C  CG2 . VAL A 1 49  ? -5.140  -11.061 16.671  1.00 29.72 ? 1904 VAL A CG2 1 
ATOM   385  N  N   . ILE A 1 50  ? -1.969  -9.804  13.580  1.00 28.03 ? 1905 ILE A N   1 
ATOM   386  C  CA  . ILE A 1 50  ? -1.569  -9.241  12.285  1.00 27.87 ? 1905 ILE A CA  1 
ATOM   387  C  C   . ILE A 1 50  ? -0.136  -9.639  11.964  1.00 25.63 ? 1905 ILE A C   1 
ATOM   388  O  O   . ILE A 1 50  ? 0.817   -9.020  12.433  1.00 25.48 ? 1905 ILE A O   1 
ATOM   389  C  CB  . ILE A 1 50  ? -1.718  -7.688  12.269  1.00 28.29 ? 1905 ILE A CB  1 
ATOM   390  C  CG1 . ILE A 1 50  ? -3.172  -7.293  12.547  1.00 23.41 ? 1905 ILE A CG1 1 
ATOM   391  C  CG2 . ILE A 1 50  ? -1.271  -7.096  10.921  1.00 24.97 ? 1905 ILE A CG2 1 
ATOM   392  C  CD1 . ILE A 1 50  ? -4.144  -7.770  11.500  1.00 23.45 ? 1905 ILE A CD1 1 
ATOM   393  N  N   . LYS A 1 51  ? 0.013   -10.689 11.164  1.00 29.52 ? 1906 LYS A N   1 
ATOM   394  C  CA  . LYS A 1 51  ? 1.326   -11.298 10.947  1.00 31.14 ? 1906 LYS A CA  1 
ATOM   395  C  C   . LYS A 1 51  ? 2.300   -10.398 10.181  1.00 33.57 ? 1906 LYS A C   1 
ATOM   396  O  O   . LYS A 1 51  ? 3.511   -10.445 10.421  1.00 32.01 ? 1906 LYS A O   1 
ATOM   397  C  CB  . LYS A 1 51  ? 1.180   -12.627 10.201  1.00 30.52 ? 1906 LYS A CB  1 
ATOM   398  C  CG  . LYS A 1 51  ? 0.198   -13.621 10.861  1.00 36.84 ? 1906 LYS A CG  1 
ATOM   399  C  CD  . LYS A 1 51  ? 0.604   -13.973 12.292  1.00 36.46 ? 1906 LYS A CD  1 
ATOM   400  C  CE  . LYS A 1 51  ? -0.514  -14.729 13.020  1.00 38.53 ? 1906 LYS A CE  1 
ATOM   401  N  NZ  . LYS A 1 51  ? -0.087  -15.212 14.375  1.00 42.53 ? 1906 LYS A NZ  1 
ATOM   402  N  N   . LYS A 1 52  ? 1.789   -9.592  9.251   1.00 27.15 ? 1907 LYS A N   1 
ATOM   403  C  CA  . LYS A 1 52  ? 2.663   -8.698  8.503   1.00 28.47 ? 1907 LYS A CA  1 
ATOM   404  C  C   . LYS A 1 52  ? 2.141   -7.260  8.543   1.00 24.71 ? 1907 LYS A C   1 
ATOM   405  O  O   . LYS A 1 52  ? 1.419   -6.832  7.653   1.00 24.30 ? 1907 LYS A O   1 
ATOM   406  C  CB  . LYS A 1 52  ? 2.817   -9.193  7.068   1.00 31.20 ? 1907 LYS A CB  1 
ATOM   407  C  CG  . LYS A 1 52  ? 3.468   -10.581 6.993   1.00 38.03 ? 1907 LYS A CG  1 
ATOM   408  C  CD  . LYS A 1 52  ? 3.223   -11.266 5.646   1.00 49.66 ? 1907 LYS A CD  1 
ATOM   409  C  CE  . LYS A 1 52  ? 3.738   -12.712 5.653   1.00 62.86 ? 1907 LYS A CE  1 
ATOM   410  N  NZ  . LYS A 1 52  ? 3.426   -13.453 4.393   1.00 71.88 ? 1907 LYS A NZ  1 
ATOM   411  N  N   . PRO A 1 53  ? 2.497   -6.520  9.601   1.00 26.00 ? 1908 PRO A N   1 
ATOM   412  C  CA  . PRO A 1 53  ? 2.110   -5.106  9.693   1.00 26.00 ? 1908 PRO A CA  1 
ATOM   413  C  C   . PRO A 1 53  ? 2.726   -4.289  8.560   1.00 25.56 ? 1908 PRO A C   1 
ATOM   414  O  O   . PRO A 1 53  ? 3.851   -4.573  8.135   1.00 23.22 ? 1908 PRO A O   1 
ATOM   415  C  CB  . PRO A 1 53  ? 2.664   -4.663  11.059  1.00 21.66 ? 1908 PRO A CB  1 
ATOM   416  C  CG  . PRO A 1 53  ? 2.896   -5.938  11.828  1.00 27.12 ? 1908 PRO A CG  1 
ATOM   417  C  CD  . PRO A 1 53  ? 3.290   -6.953  10.766  1.00 27.98 ? 1908 PRO A CD  1 
ATOM   418  N  N   . MET A 1 54  ? 1.986   -3.294  8.080   1.00 23.01 ? 1909 MET A N   1 
ATOM   419  C  CA  . MET A 1 54  ? 2.466   -2.426  7.001   1.00 21.21 ? 1909 MET A CA  1 
ATOM   420  C  C   . MET A 1 54  ? 1.752   -1.072  7.090   1.00 22.62 ? 1909 MET A C   1 
ATOM   421  O  O   . MET A 1 54  ? 0.597   -0.978  7.569   1.00 21.64 ? 1909 MET A O   1 
ATOM   422  C  CB  . MET A 1 54  ? 2.267   -3.110  5.625   1.00 18.13 ? 1909 MET A CB  1 
ATOM   423  C  CG  . MET A 1 54  ? 2.861   -2.358  4.404   1.00 21.37 ? 1909 MET A CG  1 
ATOM   424  S  SD  . MET A 1 54  ? 4.622   -1.944  4.608   1.00 25.41 ? 1909 MET A SD  1 
ATOM   425  C  CE  . MET A 1 54  ? 5.300   -3.584  4.914   1.00 20.72 ? 1909 MET A CE  1 
ATOM   426  N  N   . ASP A 1 55  ? 2.453   -0.025  6.667   1.00 19.26 ? 1910 ASP A N   1 
ATOM   427  C  CA  . ASP A 1 55  ? 1.948   1.352   6.741   1.00 21.41 ? 1910 ASP A CA  1 
ATOM   428  C  C   . ASP A 1 55  ? 2.654   2.205   5.689   1.00 22.09 ? 1910 ASP A C   1 
ATOM   429  O  O   . ASP A 1 55  ? 3.679   1.789   5.149   1.00 20.71 ? 1910 ASP A O   1 
ATOM   430  C  CB  . ASP A 1 55  ? 2.182   1.949   8.127   1.00 19.80 ? 1910 ASP A CB  1 
ATOM   431  C  CG  . ASP A 1 55  ? 3.657   2.178   8.401   1.00 25.31 ? 1910 ASP A CG  1 
ATOM   432  O  OD1 . ASP A 1 55  ? 4.349   1.185   8.717   1.00 26.63 ? 1910 ASP A OD1 1 
ATOM   433  O  OD2 . ASP A 1 55  ? 4.121   3.336   8.296   1.00 24.82 ? 1910 ASP A OD2 1 
ATOM   434  N  N   . PHE A 1 56  ? 2.128   3.399   5.428   1.00 19.79 ? 1911 PHE A N   1 
ATOM   435  C  CA  . PHE A 1 56  ? 2.622   4.230   4.333   1.00 19.31 ? 1911 PHE A CA  1 
ATOM   436  C  C   . PHE A 1 56  ? 4.079   4.658   4.523   1.00 22.31 ? 1911 PHE A C   1 
ATOM   437  O  O   . PHE A 1 56  ? 4.822   4.742   3.555   1.00 23.27 ? 1911 PHE A O   1 
ATOM   438  C  CB  . PHE A 1 56  ? 1.748   5.479   4.156   1.00 22.33 ? 1911 PHE A CB  1 
ATOM   439  C  CG  . PHE A 1 56  ? 0.326   5.192   3.712   1.00 21.62 ? 1911 PHE A CG  1 
ATOM   440  C  CD1 . PHE A 1 56  ? -0.048  3.930   3.265   1.00 19.64 ? 1911 PHE A CD1 1 
ATOM   441  C  CD2 . PHE A 1 56  ? -0.632  6.198   3.733   1.00 23.02 ? 1911 PHE A CD2 1 
ATOM   442  C  CE1 . PHE A 1 56  ? -1.352  3.677   2.848   1.00 22.72 ? 1911 PHE A CE1 1 
ATOM   443  C  CE2 . PHE A 1 56  ? -1.936  5.950   3.323   1.00 22.66 ? 1911 PHE A CE2 1 
ATOM   444  C  CZ  . PHE A 1 56  ? -2.297  4.681   2.883   1.00 22.99 ? 1911 PHE A CZ  1 
ATOM   445  N  N   . SER A 1 57  ? 4.495   4.929   5.756   1.00 21.87 ? 1912 SER A N   1 
ATOM   446  C  CA  . SER A 1 57  ? 5.857   5.409   5.979   1.00 24.75 ? 1912 SER A CA  1 
ATOM   447  C  C   . SER A 1 57  ? 6.861   4.289   5.730   1.00 25.91 ? 1912 SER A C   1 
ATOM   448  O  O   . SER A 1 57  ? 7.973   4.541   5.263   1.00 25.63 ? 1912 SER A O   1 
ATOM   449  C  CB  . SER A 1 57  ? 6.037   5.961   7.392   1.00 25.65 ? 1912 SER A CB  1 
ATOM   450  O  OG  . SER A 1 57  ? 6.072   4.900   8.326   1.00 25.94 ? 1912 SER A OG  1 
ATOM   451  N  N   . THR A 1 58  ? 6.463   3.054   6.027   1.00 20.76 ? 1913 THR A N   1 
ATOM   452  C  CA  . THR A 1 58  ? 7.314   1.898   5.758   1.00 23.52 ? 1913 THR A CA  1 
ATOM   453  C  C   . THR A 1 58  ? 7.398   1.658   4.253   1.00 25.74 ? 1913 THR A C   1 
ATOM   454  O  O   . THR A 1 58  ? 8.466   1.365   3.709   1.00 24.48 ? 1913 THR A O   1 
ATOM   455  C  CB  . THR A 1 58  ? 6.801   0.632   6.454   1.00 24.41 ? 1913 THR A CB  1 
ATOM   456  O  OG1 . THR A 1 58  ? 6.710   0.874   7.861   1.00 24.80 ? 1913 THR A OG1 1 
ATOM   457  C  CG2 . THR A 1 58  ? 7.754   -0.539  6.213   1.00 26.33 ? 1913 THR A CG2 1 
ATOM   458  N  N   . ILE A 1 59  ? 6.269   1.805   3.583   1.00 22.23 ? 1914 ILE A N   1 
ATOM   459  C  CA  . ILE A 1 59  ? 6.238   1.688   2.135   1.00 22.70 ? 1914 ILE A CA  1 
ATOM   460  C  C   . ILE A 1 59  ? 7.119   2.795   1.526   1.00 25.52 ? 1914 ILE A C   1 
ATOM   461  O  O   . ILE A 1 59  ? 7.838   2.553   0.562   1.00 23.50 ? 1914 ILE A O   1 
ATOM   462  C  CB  . ILE A 1 59  ? 4.782   1.775   1.587   1.00 21.31 ? 1914 ILE A CB  1 
ATOM   463  C  CG1 . ILE A 1 59  ? 3.936   0.607   2.125   1.00 18.91 ? 1914 ILE A CG1 1 
ATOM   464  C  CG2 . ILE A 1 59  ? 4.773   1.852   0.035   1.00 20.29 ? 1914 ILE A CG2 1 
ATOM   465  C  CD1 . ILE A 1 59  ? 2.461   0.624   1.653   1.00 18.13 ? 1914 ILE A CD1 1 
ATOM   466  N  N   . ARG A 1 60  ? 7.088   3.997   2.106   1.00 21.96 ? 1915 ARG A N   1 
ATOM   467  C  CA  . ARG A 1 60  ? 7.875   5.112   1.560   1.00 23.39 ? 1915 ARG A CA  1 
ATOM   468  C  C   . ARG A 1 60  ? 9.382   4.836   1.697   1.00 28.84 ? 1915 ARG A C   1 
ATOM   469  O  O   . ARG A 1 60  ? 10.163  5.056   0.752   1.00 27.01 ? 1915 ARG A O   1 
ATOM   470  C  CB  . ARG A 1 60  ? 7.501   6.433   2.247   1.00 25.60 ? 1915 ARG A CB  1 
ATOM   471  C  CG  . ARG A 1 60  ? 8.424   7.599   1.920   1.00 26.52 ? 1915 ARG A CG  1 
ATOM   472  C  CD  . ARG A 1 60  ? 8.347   8.046   0.470   1.00 22.94 ? 1915 ARG A CD  1 
ATOM   473  N  NE  . ARG A 1 60  ? 7.042   8.623   0.120   1.00 24.17 ? 1915 ARG A NE  1 
ATOM   474  C  CZ  . ARG A 1 60  ? 6.716   9.008   -1.111  1.00 28.36 ? 1915 ARG A CZ  1 
ATOM   475  N  NH1 . ARG A 1 60  ? 7.596   8.887   -2.091  1.00 31.45 ? 1915 ARG A NH1 1 
ATOM   476  N  NH2 . ARG A 1 60  ? 5.524   9.529   -1.371  1.00 31.53 ? 1915 ARG A NH2 1 
ATOM   477  N  N   . GLU A 1 61  ? 9.782   4.335   2.862   1.00 26.11 ? 1916 GLU A N   1 
ATOM   478  C  CA  . GLU A 1 61  ? 11.175  3.946   3.087   1.00 27.43 ? 1916 GLU A CA  1 
ATOM   479  C  C   . GLU A 1 61  ? 11.620  2.865   2.094   1.00 32.30 ? 1916 GLU A C   1 
ATOM   480  O  O   . GLU A 1 61  ? 12.672  2.977   1.464   1.00 28.83 ? 1916 GLU A O   1 
ATOM   481  C  CB  . GLU A 1 61  ? 11.368  3.445   4.521   1.00 28.68 ? 1916 GLU A CB  1 
ATOM   482  C  CG  . GLU A 1 61  ? 12.824  3.169   4.892   1.00 38.31 ? 1916 GLU A CG  1 
ATOM   483  C  CD  . GLU A 1 61  ? 13.721  4.405   4.782   1.00 39.24 ? 1916 GLU A CD  1 
ATOM   484  O  OE1 . GLU A 1 61  ? 13.293  5.508   5.177   1.00 37.82 ? 1916 GLU A OE1 1 
ATOM   485  O  OE2 . GLU A 1 61  ? 14.862  4.268   4.292   1.00 43.53 ? 1916 GLU A OE2 1 
ATOM   486  N  N   . LYS A 1 62  ? 10.817  1.814   1.956   1.00 29.49 ? 1917 LYS A N   1 
ATOM   487  C  CA  . LYS A 1 62  ? 11.160  0.730   1.045   1.00 26.89 ? 1917 LYS A CA  1 
ATOM   488  C  C   . LYS A 1 62  ? 11.261  1.210   -0.422  1.00 27.88 ? 1917 LYS A C   1 
ATOM   489  O  O   . LYS A 1 62  ? 12.134  0.753   -1.162  1.00 29.35 ? 1917 LYS A O   1 
ATOM   490  C  CB  . LYS A 1 62  ? 10.149  -0.415  1.177   1.00 27.20 ? 1917 LYS A CB  1 
ATOM   491  C  CG  . LYS A 1 62  ? 10.303  -1.237  2.455   1.00 27.07 ? 1917 LYS A CG  1 
ATOM   492  C  CD  . LYS A 1 62  ? 9.181   -2.263  2.612   1.00 25.95 ? 1917 LYS A CD  1 
ATOM   493  C  CE  . LYS A 1 62  ? 9.302   -3.386  1.578   1.00 29.19 ? 1917 LYS A CE  1 
ATOM   494  N  NZ  . LYS A 1 62  ? 8.405   -4.520  1.943   1.00 26.62 ? 1917 LYS A NZ  1 
ATOM   495  N  N   . LEU A 1 63  ? 10.397  2.136   -0.833  1.00 27.06 ? 1918 LEU A N   1 
ATOM   496  C  CA  . LEU A 1 63  ? 10.440  2.675   -2.195  1.00 29.62 ? 1918 LEU A CA  1 
ATOM   497  C  C   . LEU A 1 63  ? 11.694  3.535   -2.445  1.00 34.33 ? 1918 LEU A C   1 
ATOM   498  O  O   . LEU A 1 63  ? 12.293  3.477   -3.521  1.00 34.63 ? 1918 LEU A O   1 
ATOM   499  C  CB  . LEU A 1 63  ? 9.173   3.493   -2.484  1.00 29.00 ? 1918 LEU A CB  1 
ATOM   500  C  CG  . LEU A 1 63  ? 8.823   3.937   -3.912  1.00 30.02 ? 1918 LEU A CG  1 
ATOM   501  C  CD1 . LEU A 1 63  ? 8.613   2.744   -4.855  1.00 26.13 ? 1918 LEU A CD1 1 
ATOM   502  C  CD2 . LEU A 1 63  ? 7.582   4.846   -3.911  1.00 26.74 ? 1918 LEU A CD2 1 
ATOM   503  N  N   . SER A 1 64  ? 12.081  4.320   -1.443  1.00 30.99 ? 1919 SER A N   1 
ATOM   504  C  CA  . SER A 1 64  ? 13.236  5.220   -1.523  1.00 33.74 ? 1919 SER A CA  1 
ATOM   505  C  C   . SER A 1 64  ? 14.594  4.509   -1.465  1.00 31.56 ? 1919 SER A C   1 
ATOM   506  O  O   . SER A 1 64  ? 15.630  5.114   -1.716  1.00 33.19 ? 1919 SER A O   1 
ATOM   507  C  CB  . SER A 1 64  ? 13.168  6.247   -0.389  1.00 31.77 ? 1919 SER A CB  1 
ATOM   508  O  OG  . SER A 1 64  ? 12.080  7.137   -0.575  1.00 39.16 ? 1919 SER A OG  1 
ATOM   509  N  N   . SER A 1 65  ? 14.581  3.233   -1.120  1.00 27.76 ? 1920 SER A N   1 
ATOM   510  C  CA  . SER A 1 65  ? 15.800  2.483   -0.898  1.00 28.08 ? 1920 SER A CA  1 
ATOM   511  C  C   . SER A 1 65  ? 15.866  1.237   -1.776  1.00 29.46 ? 1920 SER A C   1 
ATOM   512  O  O   . SER A 1 65  ? 16.585  0.289   -1.455  1.00 30.65 ? 1920 SER A O   1 
ATOM   513  C  CB  . SER A 1 65  ? 15.910  2.095   0.576   1.00 31.26 ? 1920 SER A CB  1 
ATOM   514  O  OG  . SER A 1 65  ? 14.839  1.253   0.958   1.00 27.88 ? 1920 SER A OG  1 
ATOM   515  N  N   . GLY A 1 66  ? 15.107  1.229   -2.872  1.00 26.39 ? 1921 GLY A N   1 
ATOM   516  C  CA  . GLY A 1 66  ? 15.174  0.142   -3.836  1.00 24.44 ? 1921 GLY A CA  1 
ATOM   517  C  C   . GLY A 1 66  ? 14.760  -1.226  -3.339  1.00 28.44 ? 1921 GLY A C   1 
ATOM   518  O  O   . GLY A 1 66  ? 15.266  -2.245  -3.810  1.00 27.39 ? 1921 GLY A O   1 
ATOM   519  N  N   . GLN A 1 67  ? 13.820  -1.280  -2.400  1.00 28.13 ? 1922 GLN A N   1 
ATOM   520  C  CA  . GLN A 1 67  ? 13.409  -2.580  -1.882  1.00 26.37 ? 1922 GLN A CA  1 
ATOM   521  C  C   . GLN A 1 67  ? 12.181  -3.179  -2.598  1.00 28.58 ? 1922 GLN A C   1 
ATOM   522  O  O   . GLN A 1 67  ? 11.764  -4.293  -2.271  1.00 29.80 ? 1922 GLN A O   1 
ATOM   523  C  CB  . GLN A 1 67  ? 13.148  -2.485  -0.372  1.00 29.00 ? 1922 GLN A CB  1 
ATOM   524  C  CG  . GLN A 1 67  ? 14.370  -2.043  0.425   1.00 32.02 ? 1922 GLN A CG  1 
ATOM   525  C  CD  . GLN A 1 67  ? 14.178  -2.173  1.936   1.00 31.03 ? 1922 GLN A CD  1 
ATOM   526  O  OE1 . GLN A 1 67  ? 13.822  -3.232  2.439   1.00 32.00 ? 1922 GLN A OE1 1 
ATOM   527  N  NE2 . GLN A 1 67  ? 14.418  -1.089  2.656   1.00 30.87 ? 1922 GLN A NE2 1 
ATOM   528  N  N   . TYR A 1 68  ? 11.622  -2.465  -3.578  1.00 25.38 ? 1923 TYR A N   1 
ATOM   529  C  CA  . TYR A 1 68  ? 10.594  -3.055  -4.449  1.00 24.56 ? 1923 TYR A CA  1 
ATOM   530  C  C   . TYR A 1 68  ? 11.192  -3.445  -5.810  1.00 30.53 ? 1923 TYR A C   1 
ATOM   531  O  O   . TYR A 1 68  ? 11.588  -2.574  -6.588  1.00 27.57 ? 1923 TYR A O   1 
ATOM   532  C  CB  . TYR A 1 68  ? 9.407   -2.094  -4.651  1.00 23.86 ? 1923 TYR A CB  1 
ATOM   533  C  CG  . TYR A 1 68  ? 8.620   -1.877  -3.369  1.00 23.71 ? 1923 TYR A CG  1 
ATOM   534  C  CD1 . TYR A 1 68  ? 7.980   -2.941  -2.744  1.00 25.43 ? 1923 TYR A CD1 1 
ATOM   535  C  CD2 . TYR A 1 68  ? 8.537   -0.615  -2.780  1.00 24.84 ? 1923 TYR A CD2 1 
ATOM   536  C  CE1 . TYR A 1 68  ? 7.285   -2.766  -1.557  1.00 26.68 ? 1923 TYR A CE1 1 
ATOM   537  C  CE2 . TYR A 1 68  ? 7.845   -0.426  -1.585  1.00 23.73 ? 1923 TYR A CE2 1 
ATOM   538  C  CZ  . TYR A 1 68  ? 7.219   -1.509  -0.986  1.00 22.28 ? 1923 TYR A CZ  1 
ATOM   539  O  OH  . TYR A 1 68  ? 6.537   -1.353  0.187   1.00 20.83 ? 1923 TYR A OH  1 
ATOM   540  N  N   . PRO A 1 69  ? 11.286  -4.763  -6.089  1.00 30.56 ? 1924 PRO A N   1 
ATOM   541  C  CA  . PRO A 1 69  ? 11.855  -5.190  -7.371  1.00 31.26 ? 1924 PRO A CA  1 
ATOM   542  C  C   . PRO A 1 69  ? 11.010  -4.734  -8.546  1.00 32.06 ? 1924 PRO A C   1 
ATOM   543  O  O   . PRO A 1 69  ? 11.548  -4.511  -9.628  1.00 31.97 ? 1924 PRO A O   1 
ATOM   544  C  CB  . PRO A 1 69  ? 11.873  -6.721  -7.265  1.00 36.56 ? 1924 PRO A CB  1 
ATOM   545  C  CG  . PRO A 1 69  ? 11.022  -7.055  -6.093  1.00 33.49 ? 1924 PRO A CG  1 
ATOM   546  C  CD  . PRO A 1 69  ? 11.125  -5.891  -5.163  1.00 28.28 ? 1924 PRO A CD  1 
ATOM   547  N  N   . ASN A 1 70  ? 9.704   -4.586  -8.336  1.00 30.66 ? 1925 ASN A N   1 
ATOM   548  C  CA  . ASN A 1 70  ? 8.832   -4.126  -9.409  1.00 29.63 ? 1925 ASN A CA  1 
ATOM   549  C  C   . ASN A 1 70  ? 7.515   -3.531  -8.921  1.00 32.40 ? 1925 ASN A C   1 
ATOM   550  O  O   . ASN A 1 70  ? 7.211   -3.512  -7.720  1.00 26.65 ? 1925 ASN A O   1 
ATOM   551  C  CB  . ASN A 1 70  ? 8.509   -5.271  -10.376 1.00 27.74 ? 1925 ASN A CB  1 
ATOM   552  C  CG  . ASN A 1 70  ? 7.812   -6.427  -9.683  1.00 28.39 ? 1925 ASN A CG  1 
ATOM   553  O  OD1 . ASN A 1 70  ? 6.746   -6.259  -9.101  1.00 28.83 ? 1925 ASN A OD1 1 
ATOM   554  N  ND2 . ASN A 1 70  ? 8.405   -7.611  -9.754  1.00 30.35 ? 1925 ASN A ND2 1 
ATOM   555  N  N   . LEU A 1 71  ? 6.759   -3.054  -9.902  1.00 29.74 ? 1926 LEU A N   1 
ATOM   556  C  CA  . LEU A 1 71  ? 5.418   -2.515  -9.754  1.00 31.76 ? 1926 LEU A CA  1 
ATOM   557  C  C   . LEU A 1 71  ? 4.521   -3.257  -8.793  1.00 28.65 ? 1926 LEU A C   1 
ATOM   558  O  O   . LEU A 1 71  ? 3.909   -2.672  -7.896  1.00 27.08 ? 1926 LEU A O   1 
ATOM   559  C  CB  . LEU A 1 71  ? 4.734   -2.522  -11.133 1.00 38.75 ? 1926 LEU A CB  1 
ATOM   560  C  CG  . LEU A 1 71  ? 3.941   -1.264  -11.355 1.00 34.51 ? 1926 LEU A CG  1 
ATOM   561  C  CD1 . LEU A 1 71  ? 4.836   -0.116  -10.964 1.00 37.38 ? 1926 LEU A CD1 1 
ATOM   562  C  CD2 . LEU A 1 71  ? 3.488   -1.148  -12.794 1.00 31.39 ? 1926 LEU A CD2 1 
ATOM   563  N  N   . GLU A 1 72  ? 4.401   -4.552  -9.046  1.00 26.09 ? 1927 GLU A N   1 
ATOM   564  C  CA  . GLU A 1 72  ? 3.447   -5.392  -8.368  1.00 30.51 ? 1927 GLU A CA  1 
ATOM   565  C  C   . GLU A 1 72  ? 3.797   -5.591  -6.885  1.00 29.31 ? 1927 GLU A C   1 
ATOM   566  O  O   . GLU A 1 72  ? 2.909   -5.650  -6.040  1.00 29.15 ? 1927 GLU A O   1 
ATOM   567  C  CB  . GLU A 1 72  ? 3.360   -6.734  -9.098  1.00 30.38 ? 1927 GLU A CB  1 
ATOM   568  C  CG  . GLU A 1 72  ? 2.523   -7.773  -8.378  1.00 43.79 ? 1927 GLU A CG  1 
ATOM   569  N  N   . THR A 1 73  ? 5.083   -5.682  -6.562  1.00 24.19 ? 1928 THR A N   1 
ATOM   570  C  CA  . THR A 1 73  ? 5.468   -5.863  -5.171  1.00 25.42 ? 1928 THR A CA  1 
ATOM   571  C  C   . THR A 1 73  ? 5.078   -4.623  -4.372  1.00 24.83 ? 1928 THR A C   1 
ATOM   572  O  O   . THR A 1 73  ? 4.734   -4.724  -3.203  1.00 24.24 ? 1928 THR A O   1 
ATOM   573  C  CB  . THR A 1 73  ? 6.984   -6.130  -4.997  1.00 26.82 ? 1928 THR A CB  1 
ATOM   574  O  OG1 . THR A 1 73  ? 7.734   -5.051  -5.574  1.00 28.46 ? 1928 THR A OG1 1 
ATOM   575  C  CG2 . THR A 1 73  ? 7.388   -7.454  -5.649  1.00 28.15 ? 1928 THR A CG2 1 
ATOM   576  N  N   . PHE A 1 74  ? 5.134   -3.458  -5.014  1.00 24.04 ? 1929 PHE A N   1 
ATOM   577  C  CA  . PHE A 1 74  ? 4.684   -2.215  -4.387  1.00 24.05 ? 1929 PHE A CA  1 
ATOM   578  C  C   . PHE A 1 74  ? 3.175   -2.264  -4.120  1.00 24.71 ? 1929 PHE A C   1 
ATOM   579  O  O   . PHE A 1 74  ? 2.732   -2.004  -3.004  1.00 24.19 ? 1929 PHE A O   1 
ATOM   580  C  CB  . PHE A 1 74  ? 5.028   -1.019  -5.264  1.00 23.58 ? 1929 PHE A CB  1 
ATOM   581  C  CG  . PHE A 1 74  ? 4.342   0.266   -4.853  1.00 25.02 ? 1929 PHE A CG  1 
ATOM   582  C  CD1 . PHE A 1 74  ? 4.889   1.075   -3.863  1.00 21.41 ? 1929 PHE A CD1 1 
ATOM   583  C  CD2 . PHE A 1 74  ? 3.161   0.666   -5.471  1.00 22.38 ? 1929 PHE A CD2 1 
ATOM   584  C  CE1 . PHE A 1 74  ? 4.254   2.269   -3.480  1.00 22.10 ? 1929 PHE A CE1 1 
ATOM   585  C  CE2 . PHE A 1 74  ? 2.529   1.852   -5.110  1.00 25.50 ? 1929 PHE A CE2 1 
ATOM   586  C  CZ  . PHE A 1 74  ? 3.077   2.657   -4.111  1.00 24.86 ? 1929 PHE A CZ  1 
ATOM   587  N  N   . ALA A 1 75  ? 2.396   -2.616  -5.138  1.00 24.42 ? 1930 ALA A N   1 
ATOM   588  C  CA  . ALA A 1 75  ? 0.943   -2.694  -4.992  1.00 22.98 ? 1930 ALA A CA  1 
ATOM   589  C  C   . ALA A 1 75  ? 0.534   -3.719  -3.924  1.00 25.14 ? 1930 ALA A C   1 
ATOM   590  O  O   . ALA A 1 75  ? -0.432  -3.497  -3.188  1.00 23.17 ? 1930 ALA A O   1 
ATOM   591  C  CB  . ALA A 1 75  ? 0.298   -3.028  -6.322  1.00 23.86 ? 1930 ALA A CB  1 
ATOM   592  N  N   . LEU A 1 76  ? 1.265   -4.828  -3.821  1.00 23.94 ? 1931 LEU A N   1 
ATOM   593  C  CA  . LEU A 1 76  ? 0.960   -5.816  -2.781  1.00 25.56 ? 1931 LEU A CA  1 
ATOM   594  C  C   . LEU A 1 76  ? 1.099   -5.220  -1.358  1.00 24.27 ? 1931 LEU A C   1 
ATOM   595  O  O   . LEU A 1 76  ? 0.263   -5.483  -0.493  1.00 23.03 ? 1931 LEU A O   1 
ATOM   596  C  CB  . LEU A 1 76  ? 1.848   -7.050  -2.931  1.00 25.14 ? 1931 LEU A CB  1 
ATOM   597  C  CG  . LEU A 1 76  ? 1.578   -7.974  -4.127  1.00 32.11 ? 1931 LEU A CG  1 
ATOM   598  C  CD1 . LEU A 1 76  ? 2.659   -9.063  -4.205  1.00 29.99 ? 1931 LEU A CD1 1 
ATOM   599  C  CD2 . LEU A 1 76  ? 0.174   -8.585  -4.056  1.00 31.30 ? 1931 LEU A CD2 1 
ATOM   600  N  N   . ASP A 1 77  ? 2.137   -4.420  -1.121  1.00 23.33 ? 1932 ASP A N   1 
ATOM   601  C  CA  . ASP A 1 77  ? 2.289   -3.765  0.192   1.00 22.36 ? 1932 ASP A CA  1 
ATOM   602  C  C   . ASP A 1 77  ? 1.183   -2.756  0.472   1.00 19.85 ? 1932 ASP A C   1 
ATOM   603  O  O   . ASP A 1 77  ? 0.716   -2.660  1.599   1.00 21.66 ? 1932 ASP A O   1 
ATOM   604  C  CB  . ASP A 1 77  ? 3.649   -3.080  0.315   1.00 20.13 ? 1932 ASP A CB  1 
ATOM   605  C  CG  . ASP A 1 77  ? 4.660   -3.927  1.088   1.00 25.17 ? 1932 ASP A CG  1 
ATOM   606  O  OD1 . ASP A 1 77  ? 4.310   -5.060  1.494   1.00 23.34 ? 1932 ASP A OD1 1 
ATOM   607  O  OD2 . ASP A 1 77  ? 5.808   -3.471  1.273   1.00 23.18 ? 1932 ASP A OD2 1 
ATOM   608  N  N   . VAL A 1 78  ? 0.756   -2.006  -0.540  1.00 21.26 ? 1933 VAL A N   1 
ATOM   609  C  CA  . VAL A 1 78  ? -0.324  -1.058  -0.320  1.00 18.67 ? 1933 VAL A CA  1 
ATOM   610  C  C   . VAL A 1 78  ? -1.608  -1.805  0.092   1.00 22.65 ? 1933 VAL A C   1 
ATOM   611  O  O   . VAL A 1 78  ? -2.300  -1.411  1.024   1.00 21.19 ? 1933 VAL A O   1 
ATOM   612  C  CB  . VAL A 1 78  ? -0.587  -0.173  -1.583  1.00 21.77 ? 1933 VAL A CB  1 
ATOM   613  C  CG1 . VAL A 1 78  ? -1.866  0.666   -1.418  1.00 21.29 ? 1933 VAL A CG1 1 
ATOM   614  C  CG2 . VAL A 1 78  ? 0.616   0.752   -1.878  1.00 23.16 ? 1933 VAL A CG2 1 
ATOM   615  N  N   . ARG A 1 79  ? -1.922  -2.886  -0.611  1.00 21.89 ? 1934 ARG A N   1 
ATOM   616  C  CA  . ARG A 1 79  ? -3.131  -3.652  -0.328  1.00 20.62 ? 1934 ARG A CA  1 
ATOM   617  C  C   . ARG A 1 79  ? -3.033  -4.314  1.042   1.00 23.90 ? 1934 ARG A C   1 
ATOM   618  O  O   . ARG A 1 79  ? -4.039  -4.410  1.751   1.00 22.56 ? 1934 ARG A O   1 
ATOM   619  C  CB  . ARG A 1 79  ? -3.372  -4.685  -1.435  1.00 24.78 ? 1934 ARG A CB  1 
ATOM   620  C  CG  . ARG A 1 79  ? -3.760  -4.014  -2.758  1.00 25.20 ? 1934 ARG A CG  1 
ATOM   621  C  CD  . ARG A 1 79  ? -3.649  -4.926  -3.993  1.00 24.10 ? 1934 ARG A CD  1 
ATOM   622  N  NE  . ARG A 1 79  ? -4.009  -4.165  -5.186  1.00 26.47 ? 1934 ARG A NE  1 
ATOM   623  C  CZ  . ARG A 1 79  ? -3.544  -4.393  -6.412  1.00 31.94 ? 1934 ARG A CZ  1 
ATOM   624  N  NH1 . ARG A 1 79  ? -2.690  -5.388  -6.634  1.00 24.95 ? 1934 ARG A NH1 1 
ATOM   625  N  NH2 . ARG A 1 79  ? -3.939  -3.617  -7.415  1.00 27.67 ? 1934 ARG A NH2 1 
ATOM   626  N  N   . LEU A 1 80  ? -1.818  -4.723  1.428   1.00 20.41 ? 1935 LEU A N   1 
ATOM   627  C  CA  . LEU A 1 80  ? -1.595  -5.330  2.748   1.00 22.41 ? 1935 LEU A CA  1 
ATOM   628  C  C   . LEU A 1 80  ? -2.077  -4.401  3.861   1.00 23.62 ? 1935 LEU A C   1 
ATOM   629  O  O   . LEU A 1 80  ? -2.706  -4.845  4.838   1.00 22.93 ? 1935 LEU A O   1 
ATOM   630  C  CB  . LEU A 1 80  ? -0.120  -5.664  2.946   1.00 21.43 ? 1935 LEU A CB  1 
ATOM   631  C  CG  . LEU A 1 80  ? 0.328   -6.316  4.263   1.00 23.98 ? 1935 LEU A CG  1 
ATOM   632  C  CD1 . LEU A 1 80  ? -0.531  -7.542  4.659   1.00 26.95 ? 1935 LEU A CD1 1 
ATOM   633  C  CD2 . LEU A 1 80  ? 1.823   -6.677  4.204   1.00 21.11 ? 1935 LEU A CD2 1 
ATOM   634  N  N   . VAL A 1 81  ? -1.785  -3.109  3.709   1.00 21.09 ? 1936 VAL A N   1 
ATOM   635  C  CA  . VAL A 1 81  ? -2.259  -2.120  4.668   1.00 19.50 ? 1936 VAL A CA  1 
ATOM   636  C  C   . VAL A 1 81  ? -3.784  -2.220  4.853   1.00 20.80 ? 1936 VAL A C   1 
ATOM   637  O  O   . VAL A 1 81  ? -4.282  -2.258  5.970   1.00 20.61 ? 1936 VAL A O   1 
ATOM   638  C  CB  . VAL A 1 81  ? -1.904  -0.675  4.229   1.00 22.22 ? 1936 VAL A CB  1 
ATOM   639  C  CG1 . VAL A 1 81  ? -2.550  0.366   5.192   1.00 19.06 ? 1936 VAL A CG1 1 
ATOM   640  C  CG2 . VAL A 1 81  ? -0.362  -0.477  4.111   1.00 16.55 ? 1936 VAL A CG2 1 
ATOM   641  N  N   . PHE A 1 82  ? -4.514  -2.282  3.750   1.00 19.34 ? 1937 PHE A N   1 
ATOM   642  C  CA  . PHE A 1 82  ? -5.979  -2.250  3.832   1.00 22.54 ? 1937 PHE A CA  1 
ATOM   643  C  C   . PHE A 1 82  ? -6.557  -3.609  4.233   1.00 23.48 ? 1937 PHE A C   1 
ATOM   644  O  O   . PHE A 1 82  ? -7.567  -3.688  4.953   1.00 25.96 ? 1937 PHE A O   1 
ATOM   645  C  CB  . PHE A 1 82  ? -6.556  -1.747  2.496   1.00 21.50 ? 1937 PHE A CB  1 
ATOM   646  C  CG  . PHE A 1 82  ? -5.979  -0.409  2.074   1.00 24.84 ? 1937 PHE A CG  1 
ATOM   647  C  CD1 . PHE A 1 82  ? -5.796  0.612   3.025   1.00 18.56 ? 1937 PHE A CD1 1 
ATOM   648  C  CD2 . PHE A 1 82  ? -5.567  -0.189  0.765   1.00 19.51 ? 1937 PHE A CD2 1 
ATOM   649  C  CE1 . PHE A 1 82  ? -5.223  1.821   2.665   1.00 23.17 ? 1937 PHE A CE1 1 
ATOM   650  C  CE2 . PHE A 1 82  ? -5.013  1.026   0.387   1.00 20.90 ? 1937 PHE A CE2 1 
ATOM   651  C  CZ  . PHE A 1 82  ? -4.825  2.035   1.339   1.00 20.15 ? 1937 PHE A CZ  1 
ATOM   652  N  N   . ASP A 1 83  ? -5.893  -4.677  3.798   1.00 24.62 ? 1938 ASP A N   1 
ATOM   653  C  CA  . ASP A 1 83  ? -6.231  -6.031  4.239   1.00 24.27 ? 1938 ASP A CA  1 
ATOM   654  C  C   . ASP A 1 83  ? -6.045  -6.183  5.744   1.00 25.20 ? 1938 ASP A C   1 
ATOM   655  O  O   . ASP A 1 83  ? -6.894  -6.745  6.416   1.00 25.45 ? 1938 ASP A O   1 
ATOM   656  C  CB  . ASP A 1 83  ? -5.389  -7.064  3.489   1.00 25.14 ? 1938 ASP A CB  1 
ATOM   657  C  CG  . ASP A 1 83  ? -5.788  -7.191  2.025   1.00 28.07 ? 1938 ASP A CG  1 
ATOM   658  O  OD1 . ASP A 1 83  ? -6.824  -6.605  1.630   1.00 28.64 ? 1938 ASP A OD1 1 
ATOM   659  O  OD2 . ASP A 1 83  ? -5.064  -7.868  1.263   1.00 31.20 ? 1938 ASP A OD2 1 
ATOM   660  N  N   . ASN A 1 84  ? -4.938  -5.673  6.279   1.00 25.46 ? 1939 ASN A N   1 
ATOM   661  C  CA  . ASN A 1 84  ? -4.738  -5.678  7.727   1.00 24.11 ? 1939 ASN A CA  1 
ATOM   662  C  C   . ASN A 1 84  ? -5.841  -4.908  8.445   1.00 25.91 ? 1939 ASN A C   1 
ATOM   663  O  O   . ASN A 1 84  ? -6.336  -5.340  9.484   1.00 26.78 ? 1939 ASN A O   1 
ATOM   664  C  CB  . ASN A 1 84  ? -3.382  -5.071  8.094   1.00 24.37 ? 1939 ASN A CB  1 
ATOM   665  C  CG  . ASN A 1 84  ? -2.227  -5.976  7.740   1.00 28.37 ? 1939 ASN A CG  1 
ATOM   666  O  OD1 . ASN A 1 84  ? -2.418  -7.159  7.446   1.00 24.55 ? 1939 ASN A OD1 1 
ATOM   667  N  ND2 . ASN A 1 84  ? -1.008  -5.427  7.780   1.00 24.54 ? 1939 ASN A ND2 1 
ATOM   668  N  N   . CYS A 1 85  ? -6.211  -3.762  7.881   1.00 20.70 ? 1940 CYS A N   1 
ATOM   669  C  CA  . CYS A 1 85  ? -7.199  -2.884  8.492   1.00 24.64 ? 1940 CYS A CA  1 
ATOM   670  C  C   . CYS A 1 85  ? -8.545  -3.604  8.617   1.00 26.10 ? 1940 CYS A C   1 
ATOM   671  O  O   . CYS A 1 85  ? -9.213  -3.520  9.652   1.00 27.72 ? 1940 CYS A O   1 
ATOM   672  C  CB  . CYS A 1 85  ? -7.338  -1.597  7.674   1.00 22.92 ? 1940 CYS A CB  1 
ATOM   673  S  SG  . CYS A 1 85  ? -8.596  -0.383  8.272   1.00 24.44 ? 1940 CYS A SG  1 
ATOM   674  N  N   . GLU A 1 86  ? -8.919  -4.336  7.571   1.00 25.92 ? 1941 GLU A N   1 
ATOM   675  C  CA  . GLU A 1 86  ? -10.180 -5.078  7.559   1.00 27.79 ? 1941 GLU A CA  1 
ATOM   676  C  C   . GLU A 1 86  ? -10.215 -6.220  8.565   1.00 28.28 ? 1941 GLU A C   1 
ATOM   677  O  O   . GLU A 1 86  ? -11.258 -6.517  9.163   1.00 31.19 ? 1941 GLU A O   1 
ATOM   678  C  CB  . GLU A 1 86  ? -10.447 -5.648  6.181   1.00 28.77 ? 1941 GLU A CB  1 
ATOM   679  C  CG  . GLU A 1 86  ? -11.083 -4.692  5.253   1.00 36.64 ? 1941 GLU A CG  1 
ATOM   680  C  CD  . GLU A 1 86  ? -11.884 -5.409  4.200   1.00 44.97 ? 1941 GLU A CD  1 
ATOM   681  O  OE1 . GLU A 1 86  ? -12.663 -6.309  4.583   1.00 44.39 ? 1941 GLU A OE1 1 
ATOM   682  O  OE2 . GLU A 1 86  ? -11.717 -5.083  3.001   1.00 42.26 ? 1941 GLU A OE2 1 
ATOM   683  N  N   . THR A 1 87  ? -9.081  -6.881  8.725   1.00 22.82 ? 1942 THR A N   1 
ATOM   684  C  CA  . THR A 1 87  ? -8.963  -7.949  9.703   1.00 24.48 ? 1942 THR A CA  1 
ATOM   685  C  C   . THR A 1 87  ? -9.215  -7.436  11.126  1.00 30.88 ? 1942 THR A C   1 
ATOM   686  O  O   . THR A 1 87  ? -9.909  -8.090  11.905  1.00 30.85 ? 1942 THR A O   1 
ATOM   687  C  CB  . THR A 1 87  ? -7.569  -8.619  9.632   1.00 26.38 ? 1942 THR A CB  1 
ATOM   688  O  OG1 . THR A 1 87  ? -7.397  -9.208  8.340   1.00 28.79 ? 1942 THR A OG1 1 
ATOM   689  C  CG2 . THR A 1 87  ? -7.444  -9.728  10.681  1.00 26.90 ? 1942 THR A CG2 1 
ATOM   690  N  N   . PHE A 1 88  ? -8.687  -6.254  11.448  1.00 27.17 ? 1943 PHE A N   1 
ATOM   691  C  CA  . PHE A 1 88  ? -8.630  -5.792  12.840  1.00 30.81 ? 1943 PHE A CA  1 
ATOM   692  C  C   . PHE A 1 88  ? -9.760  -4.839  13.224  1.00 29.96 ? 1943 PHE A C   1 
ATOM   693  O  O   . PHE A 1 88  ? -9.992  -4.595  14.408  1.00 31.57 ? 1943 PHE A O   1 
ATOM   694  C  CB  . PHE A 1 88  ? -7.281  -5.105  13.118  1.00 25.79 ? 1943 PHE A CB  1 
ATOM   695  C  CG  . PHE A 1 88  ? -6.911  -5.046  14.581  1.00 27.10 ? 1943 PHE A CG  1 
ATOM   696  C  CD1 . PHE A 1 88  ? -6.365  -6.160  15.222  1.00 27.28 ? 1943 PHE A CD1 1 
ATOM   697  C  CD2 . PHE A 1 88  ? -7.067  -3.875  15.303  1.00 25.56 ? 1943 PHE A CD2 1 
ATOM   698  C  CE1 . PHE A 1 88  ? -5.994  -6.112  16.571  1.00 27.13 ? 1943 PHE A CE1 1 
ATOM   699  C  CE2 . PHE A 1 88  ? -6.700  -3.806  16.650  1.00 28.58 ? 1943 PHE A CE2 1 
ATOM   700  C  CZ  . PHE A 1 88  ? -6.164  -4.925  17.290  1.00 28.99 ? 1943 PHE A CZ  1 
ATOM   701  N  N   . ASN A 1 89  ? -10.451 -4.296  12.231  1.00 27.44 ? 1944 ASN A N   1 
ATOM   702  C  CA  . ASN A 1 89  ? -11.445 -3.258  12.466  1.00 29.77 ? 1944 ASN A CA  1 
ATOM   703  C  C   . ASN A 1 89  ? -12.827 -3.617  11.930  1.00 33.32 ? 1944 ASN A C   1 
ATOM   704  O  O   . ASN A 1 89  ? -12.959 -4.254  10.878  1.00 28.96 ? 1944 ASN A O   1 
ATOM   705  C  CB  . ASN A 1 89  ? -10.988 -1.941  11.838  1.00 29.51 ? 1944 ASN A CB  1 
ATOM   706  C  CG  . ASN A 1 89  ? -9.695  -1.427  12.442  1.00 29.59 ? 1944 ASN A CG  1 
ATOM   707  O  OD1 . ASN A 1 89  ? -9.712  -0.778  13.480  1.00 31.65 ? 1944 ASN A OD1 1 
ATOM   708  N  ND2 . ASN A 1 89  ? -8.564  -1.722  11.793  1.00 24.80 ? 1944 ASN A ND2 1 
ATOM   709  N  N   . GLU A 1 90  ? -13.853 -3.205  12.667  1.00 34.11 ? 1945 GLU A N   1 
ATOM   710  C  CA  . GLU A 1 90  ? -15.231 -3.314  12.197  1.00 36.85 ? 1945 GLU A CA  1 
ATOM   711  C  C   . GLU A 1 90  ? -15.440 -2.375  11.004  1.00 33.81 ? 1945 GLU A C   1 
ATOM   712  O  O   . GLU A 1 90  ? -14.927 -1.244  11.012  1.00 32.85 ? 1945 GLU A O   1 
ATOM   713  C  CB  A GLU A 1 90  ? -16.215 -2.976  13.327  0.64 37.61 ? 1945 GLU A CB  1 
ATOM   714  C  CB  B GLU A 1 90  ? -16.214 -2.979  13.319  0.36 38.61 ? 1945 GLU A CB  1 
ATOM   715  C  CG  A GLU A 1 90  ? -15.976 -3.734  14.638  0.64 39.24 ? 1945 GLU A CG  1 
ATOM   716  C  CG  B GLU A 1 90  ? -16.223 -3.971  14.472  0.36 39.11 ? 1945 GLU A CG  1 
ATOM   717  C  CD  A GLU A 1 90  ? -16.856 -3.239  15.782  0.64 39.42 ? 1945 GLU A CD  1 
ATOM   718  C  CD  B GLU A 1 90  ? -17.171 -5.132  14.238  0.36 40.21 ? 1945 GLU A CD  1 
ATOM   719  O  OE1 A GLU A 1 90  ? -18.096 -3.282  15.641  0.64 40.78 ? 1945 GLU A OE1 1 
ATOM   720  O  OE1 B GLU A 1 90  ? -17.037 -5.830  13.213  0.36 38.59 ? 1945 GLU A OE1 1 
ATOM   721  O  OE2 A GLU A 1 90  ? -16.310 -2.800  16.820  0.64 38.53 ? 1945 GLU A OE2 1 
ATOM   722  O  OE2 B GLU A 1 90  ? -18.066 -5.344  15.078  0.36 42.61 ? 1945 GLU A OE2 1 
ATOM   723  N  N   . ASP A 1 91  ? -16.174 -2.835  9.989   1.00 34.37 ? 1946 ASP A N   1 
ATOM   724  C  CA  . ASP A 1 91  ? -16.527 -1.988  8.843   1.00 38.45 ? 1946 ASP A CA  1 
ATOM   725  C  C   . ASP A 1 91  ? -17.183 -0.701  9.327   1.00 40.63 ? 1946 ASP A C   1 
ATOM   726  O  O   . ASP A 1 91  ? -16.927 0.383   8.812   1.00 41.64 ? 1946 ASP A O   1 
ATOM   727  C  CB  . ASP A 1 91  ? -17.475 -2.708  7.873   1.00 39.64 ? 1946 ASP A CB  1 
ATOM   728  C  CG  . ASP A 1 91  ? -16.825 -3.897  7.164   1.00 45.23 ? 1946 ASP A CG  1 
ATOM   729  O  OD1 . ASP A 1 91  ? -15.576 -3.959  7.048   1.00 44.24 ? 1946 ASP A OD1 1 
ATOM   730  O  OD2 . ASP A 1 91  ? -17.579 -4.780  6.707   1.00 45.26 ? 1946 ASP A OD2 1 
ATOM   731  N  N   . ASP A 1 92  ? -18.016 -0.828  10.347  1.00 43.61 ? 1947 ASP A N   1 
ATOM   732  C  CA  . ASP A 1 92  ? -18.688 0.321   10.934  1.00 43.62 ? 1947 ASP A CA  1 
ATOM   733  C  C   . ASP A 1 92  ? -17.843 0.893   12.091  1.00 48.52 ? 1947 ASP A C   1 
ATOM   734  O  O   . ASP A 1 92  ? -18.180 0.747   13.275  1.00 51.65 ? 1947 ASP A O   1 
ATOM   735  C  CB  . ASP A 1 92  ? -20.086 -0.101  11.394  1.00 49.80 ? 1947 ASP A CB  1 
ATOM   736  C  CG  . ASP A 1 92  ? -20.883 1.033   11.997  1.00 57.10 ? 1947 ASP A CG  1 
ATOM   737  O  OD1 . ASP A 1 92  ? -20.537 2.213   11.764  1.00 56.47 ? 1947 ASP A OD1 1 
ATOM   738  O  OD2 . ASP A 1 92  ? -21.877 0.732   12.700  1.00 60.55 ? 1947 ASP A OD2 1 
ATOM   739  N  N   . SER A 1 93  ? -16.717 1.501   11.733  1.00 39.60 ? 1948 SER A N   1 
ATOM   740  C  CA  . SER A 1 93  ? -15.874 2.246   12.665  1.00 35.67 ? 1948 SER A CA  1 
ATOM   741  C  C   . SER A 1 93  ? -15.162 3.249   11.808  1.00 35.40 ? 1948 SER A C   1 
ATOM   742  O  O   . SER A 1 93  ? -15.178 3.116   10.586  1.00 31.69 ? 1948 SER A O   1 
ATOM   743  C  CB  . SER A 1 93  ? -14.882 1.350   13.411  1.00 36.59 ? 1948 SER A CB  1 
ATOM   744  O  OG  . SER A 1 93  ? -13.999 0.700   12.509  1.00 33.79 ? 1948 SER A OG  1 
ATOM   745  N  N   . ASP A 1 94  ? -14.550 4.255   12.432  1.00 35.41 ? 1949 ASP A N   1 
ATOM   746  C  CA  . ASP A 1 94  ? -13.848 5.294   11.673  1.00 37.27 ? 1949 ASP A CA  1 
ATOM   747  C  C   . ASP A 1 94  ? -12.666 4.697   10.914  1.00 31.75 ? 1949 ASP A C   1 
ATOM   748  O  O   . ASP A 1 94  ? -12.472 4.981   9.725   1.00 30.78 ? 1949 ASP A O   1 
ATOM   749  C  CB  . ASP A 1 94  ? -13.362 6.424   12.574  1.00 35.24 ? 1949 ASP A CB  1 
ATOM   750  C  CG  . ASP A 1 94  ? -14.516 7.160   13.278  1.00 44.72 ? 1949 ASP A CG  1 
ATOM   751  O  OD1 . ASP A 1 94  ? -15.344 7.773   12.575  1.00 39.80 ? 1949 ASP A OD1 1 
ATOM   752  O  OD2 . ASP A 1 94  ? -14.529 7.152   14.515  1.00 46.41 ? 1949 ASP A OD2 1 
ATOM   753  N  N   . ILE A 1 95  ? -11.887 3.862   11.600  1.00 28.23 ? 1950 ILE A N   1 
ATOM   754  C  CA  . ILE A 1 95  ? -10.694 3.293   10.984  1.00 30.77 ? 1950 ILE A CA  1 
ATOM   755  C  C   . ILE A 1 95  ? -11.126 2.357   9.868   1.00 28.39 ? 1950 ILE A C   1 
ATOM   756  O  O   . ILE A 1 95  ? -10.595 2.418   8.765   1.00 29.08 ? 1950 ILE A O   1 
ATOM   757  C  CB  . ILE A 1 95  ? -9.812  2.577   12.018  1.00 31.10 ? 1950 ILE A CB  1 
ATOM   758  C  CG1 . ILE A 1 95  ? -9.230  3.621   12.988  1.00 26.95 ? 1950 ILE A CG1 1 
ATOM   759  C  CG2 . ILE A 1 95  ? -8.676  1.811   11.325  1.00 23.05 ? 1950 ILE A CG2 1 
ATOM   760  C  CD1 . ILE A 1 95  ? -8.197  3.068   13.952  1.00 29.72 ? 1950 ILE A CD1 1 
ATOM   761  N  N   . GLY A 1 96  ? -12.131 1.532   10.144  1.00 29.16 ? 1951 GLY A N   1 
ATOM   762  C  CA  . GLY A 1 96  ? -12.662 0.619   9.147   1.00 27.73 ? 1951 GLY A CA  1 
ATOM   763  C  C   . GLY A 1 96  ? -13.189 1.313   7.896   1.00 29.39 ? 1951 GLY A C   1 
ATOM   764  O  O   . GLY A 1 96  ? -12.970 0.844   6.778   1.00 29.85 ? 1951 GLY A O   1 
ATOM   765  N  N   . ARG A 1 97  ? -13.883 2.431   8.082   1.00 33.53 ? 1952 ARG A N   1 
ATOM   766  C  CA  . ARG A 1 97  ? -14.363 3.232   6.959   1.00 32.78 ? 1952 ARG A CA  1 
ATOM   767  C  C   . ARG A 1 97  ? -13.205 3.885   6.212   1.00 30.47 ? 1952 ARG A C   1 
ATOM   768  O  O   . ARG A 1 97  ? -13.190 3.885   4.988   1.00 29.69 ? 1952 ARG A O   1 
ATOM   769  C  CB  . ARG A 1 97  ? -15.354 4.310   7.425   1.00 33.52 ? 1952 ARG A CB  1 
ATOM   770  C  CG  . ARG A 1 97  ? -16.821 3.866   7.380   1.00 42.80 ? 1952 ARG A CG  1 
ATOM   771  C  CD  . ARG A 1 97  ? -17.808 5.017   7.702   1.00 44.80 ? 1952 ARG A CD  1 
ATOM   772  N  NE  . ARG A 1 97  ? -17.625 5.557   9.049   1.00 45.29 ? 1952 ARG A NE  1 
ATOM   773  C  CZ  . ARG A 1 97  ? -18.204 5.061   10.137  1.00 41.11 ? 1952 ARG A CZ  1 
ATOM   774  N  NH1 . ARG A 1 97  ? -17.965 5.606   11.322  1.00 44.01 ? 1952 ARG A NH1 1 
ATOM   775  N  NH2 . ARG A 1 97  ? -19.016 4.016   10.038  1.00 46.43 ? 1952 ARG A NH2 1 
ATOM   776  N  N   . ALA A 1 98  ? -12.250 4.457   6.946   1.00 26.20 ? 1953 ALA A N   1 
ATOM   777  C  CA  . ALA A 1 98  ? -11.055 5.034   6.324   1.00 28.25 ? 1953 ALA A CA  1 
ATOM   778  C  C   . ALA A 1 98  ? -10.371 4.014   5.405   1.00 27.51 ? 1953 ALA A C   1 
ATOM   779  O  O   . ALA A 1 98  ? -9.947  4.339   4.290   1.00 26.86 ? 1953 ALA A O   1 
ATOM   780  C  CB  . ALA A 1 98  ? -10.091 5.515   7.377   1.00 25.52 ? 1953 ALA A CB  1 
ATOM   781  N  N   . GLY A 1 99  ? -10.291 2.774   5.877   1.00 23.72 ? 1954 GLY A N   1 
ATOM   782  C  CA  . GLY A 1 99  ? -9.660  1.708   5.123   1.00 27.90 ? 1954 GLY A CA  1 
ATOM   783  C  C   . GLY A 1 99  ? -10.350 1.468   3.790   1.00 27.88 ? 1954 GLY A C   1 
ATOM   784  O  O   . GLY A 1 99  ? -9.696  1.492   2.743   1.00 25.44 ? 1954 GLY A O   1 
ATOM   785  N  N   . HIS A 1 100 ? -11.667 1.256   3.818   1.00 27.78 ? 1955 HIS A N   1 
ATOM   786  C  CA  . HIS A 1 100 ? -12.404 1.001   2.580   1.00 29.35 ? 1955 HIS A CA  1 
ATOM   787  C  C   . HIS A 1 100 ? -12.263 2.191   1.625   1.00 28.41 ? 1955 HIS A C   1 
ATOM   788  O  O   . HIS A 1 100 ? -12.066 2.009   0.425   1.00 28.54 ? 1955 HIS A O   1 
ATOM   789  C  CB  . HIS A 1 100 ? -13.886 0.699   2.853   1.00 33.49 ? 1955 HIS A CB  1 
ATOM   790  C  CG  . HIS A 1 100 ? -14.125 -0.594  3.574   1.00 30.58 ? 1955 HIS A CG  1 
ATOM   791  N  ND1 . HIS A 1 100 ? -14.039 -1.822  2.951   1.00 41.03 ? 1955 HIS A ND1 1 
ATOM   792  C  CD2 . HIS A 1 100 ? -14.501 -0.852  4.852   1.00 36.07 ? 1955 HIS A CD2 1 
ATOM   793  C  CE1 . HIS A 1 100 ? -14.311 -2.780  3.822   1.00 40.68 ? 1955 HIS A CE1 1 
ATOM   794  N  NE2 . HIS A 1 100 ? -14.601 -2.218  4.983   1.00 36.97 ? 1955 HIS A NE2 1 
ATOM   795  N  N   . ASN A 1 101 ? -12.326 3.404   2.171   1.00 26.58 ? 1956 ASN A N   1 
ATOM   796  C  CA  . ASN A 1 101 ? -12.186 4.627   1.382   1.00 29.02 ? 1956 ASN A CA  1 
ATOM   797  C  C   . ASN A 1 101 ? -10.815 4.723   0.694   1.00 30.03 ? 1956 ASN A C   1 
ATOM   798  O  O   . ASN A 1 101 ? -10.727 5.037   -0.504  1.00 25.82 ? 1956 ASN A O   1 
ATOM   799  C  CB  . ASN A 1 101 ? -12.396 5.860   2.274   1.00 27.13 ? 1956 ASN A CB  1 
ATOM   800  C  CG  . ASN A 1 101 ? -13.875 6.150   2.567   1.00 32.73 ? 1956 ASN A CG  1 
ATOM   801  O  OD1 . ASN A 1 101 ? -14.777 5.424   2.139   1.00 30.40 ? 1956 ASN A OD1 1 
ATOM   802  N  ND2 . ASN A 1 101 ? -14.116 7.209   3.332   1.00 29.14 ? 1956 ASN A ND2 1 
ATOM   803  N  N   . MET A 1 102 ? -9.746  4.462   1.452   1.00 27.07 ? 1957 MET A N   1 
ATOM   804  C  CA  . MET A 1 102 ? -8.383  4.517   0.897   1.00 22.81 ? 1957 MET A CA  1 
ATOM   805  C  C   . MET A 1 102 ? -8.132  3.425   -0.145  1.00 20.38 ? 1957 MET A C   1 
ATOM   806  O  O   . MET A 1 102 ? -7.393  3.640   -1.104  1.00 24.18 ? 1957 MET A O   1 
ATOM   807  C  CB  . MET A 1 102 ? -7.333  4.392   2.003   1.00 23.35 ? 1957 MET A CB  1 
ATOM   808  C  CG  . MET A 1 102 ? -7.288  5.528   3.020   1.00 26.71 ? 1957 MET A CG  1 
ATOM   809  S  SD  . MET A 1 102 ? -6.933  7.153   2.347   1.00 35.31 ? 1957 MET A SD  1 
ATOM   810  C  CE  . MET A 1 102 ? -5.327  6.962   1.583   1.00 23.53 ? 1957 MET A CE  1 
ATOM   811  N  N   . ARG A 1 103 ? -8.715  2.253   0.052   1.00 21.54 ? 1958 ARG A N   1 
ATOM   812  C  CA  . ARG A 1 103 ? -8.512  1.167   -0.915  1.00 23.60 ? 1958 ARG A CA  1 
ATOM   813  C  C   . ARG A 1 103 ? -9.132  1.559   -2.245  1.00 26.51 ? 1958 ARG A C   1 
ATOM   814  O  O   . ARG A 1 103 ? -8.493  1.445   -3.286  1.00 25.88 ? 1958 ARG A O   1 
ATOM   815  C  CB  . ARG A 1 103 ? -9.103  -0.157  -0.426  1.00 25.63 ? 1958 ARG A CB  1 
ATOM   816  C  CG  . ARG A 1 103 ? -8.803  -1.324  -1.363  1.00 28.09 ? 1958 ARG A CG  1 
ATOM   817  C  CD  . ARG A 1 103 ? -9.751  -2.482  -1.155  1.00 26.80 ? 1958 ARG A CD  1 
ATOM   818  N  NE  . ARG A 1 103 ? -9.616  -3.093  0.167   1.00 27.08 ? 1958 ARG A NE  1 
ATOM   819  C  CZ  . ARG A 1 103 ? -8.696  -4.005  0.484   1.00 29.85 ? 1958 ARG A CZ  1 
ATOM   820  N  NH1 . ARG A 1 103 ? -7.786  -4.389  -0.413  1.00 27.63 ? 1958 ARG A NH1 1 
ATOM   821  N  NH2 . ARG A 1 103 ? -8.674  -4.523  1.703   1.00 24.19 ? 1958 ARG A NH2 1 
ATOM   822  N  N   . LYS A 1 104 ? -10.368 2.056   -2.191  1.00 25.39 ? 1959 LYS A N   1 
ATOM   823  C  CA  . LYS A 1 104 ? -11.068 2.502   -3.385  1.00 28.43 ? 1959 LYS A CA  1 
ATOM   824  C  C   . LYS A 1 104 ? -10.267 3.579   -4.103  1.00 29.34 ? 1959 LYS A C   1 
ATOM   825  O  O   . LYS A 1 104 ? -10.096 3.539   -5.317  1.00 30.54 ? 1959 LYS A O   1 
ATOM   826  C  CB  . LYS A 1 104 ? -12.463 3.023   -3.033  1.00 30.00 ? 1959 LYS A CB  1 
ATOM   827  C  CG  . LYS A 1 104 ? -13.324 3.339   -4.254  1.00 34.09 ? 1959 LYS A CG  1 
ATOM   828  C  CD  . LYS A 1 104 ? -13.955 2.065   -4.814  1.00 42.92 ? 1959 LYS A CD  1 
ATOM   829  C  CE  . LYS A 1 104 ? -14.794 2.348   -6.069  1.00 47.35 ? 1959 LYS A CE  1 
ATOM   830  N  NZ  . LYS A 1 104 ? -15.308 1.088   -6.698  1.00 60.65 ? 1959 LYS A NZ  1 
ATOM   831  N  N   . TYR A 1 105 ? -9.768  4.539   -3.334  1.00 28.57 ? 1960 TYR A N   1 
ATOM   832  C  CA  . TYR A 1 105 ? -8.945  5.610   -3.862  1.00 26.02 ? 1960 TYR A CA  1 
ATOM   833  C  C   . TYR A 1 105 ? -7.699  5.067   -4.572  1.00 30.51 ? 1960 TYR A C   1 
ATOM   834  O  O   . TYR A 1 105 ? -7.371  5.487   -5.694  1.00 29.07 ? 1960 TYR A O   1 
ATOM   835  C  CB  . TYR A 1 105 ? -8.560  6.543   -2.714  1.00 27.48 ? 1960 TYR A CB  1 
ATOM   836  C  CG  . TYR A 1 105 ? -7.916  7.852   -3.098  1.00 29.74 ? 1960 TYR A CG  1 
ATOM   837  C  CD1 . TYR A 1 105 ? -8.662  8.895   -3.671  1.00 30.79 ? 1960 TYR A CD1 1 
ATOM   838  C  CD2 . TYR A 1 105 ? -6.570  8.071   -2.845  1.00 30.95 ? 1960 TYR A CD2 1 
ATOM   839  C  CE1 . TYR A 1 105 ? -8.058  10.118  -3.986  1.00 27.99 ? 1960 TYR A CE1 1 
ATOM   840  C  CE2 . TYR A 1 105 ? -5.959  9.273   -3.161  1.00 31.02 ? 1960 TYR A CE2 1 
ATOM   841  C  CZ  . TYR A 1 105 ? -6.698  10.291  -3.725  1.00 30.63 ? 1960 TYR A CZ  1 
ATOM   842  O  OH  . TYR A 1 105 ? -6.046  11.467  -4.024  1.00 32.76 ? 1960 TYR A OH  1 
ATOM   843  N  N   . PHE A 1 106 ? -7.014  4.124   -3.924  1.00 26.08 ? 1961 PHE A N   1 
ATOM   844  C  CA  . PHE A 1 106 ? -5.781  3.573   -4.479  1.00 26.71 ? 1961 PHE A CA  1 
ATOM   845  C  C   . PHE A 1 106 ? -6.052  2.845   -5.779  1.00 27.05 ? 1961 PHE A C   1 
ATOM   846  O  O   . PHE A 1 106 ? -5.346  3.055   -6.762  1.00 28.10 ? 1961 PHE A O   1 
ATOM   847  C  CB  . PHE A 1 106 ? -5.100  2.608   -3.506  1.00 23.08 ? 1961 PHE A CB  1 
ATOM   848  C  CG  . PHE A 1 106 ? -3.977  1.819   -4.132  1.00 26.97 ? 1961 PHE A CG  1 
ATOM   849  C  CD1 . PHE A 1 106 ? -2.775  2.442   -4.468  1.00 25.12 ? 1961 PHE A CD1 1 
ATOM   850  C  CD2 . PHE A 1 106 ? -4.114  0.458   -4.376  1.00 23.83 ? 1961 PHE A CD2 1 
ATOM   851  C  CE1 . PHE A 1 106 ? -1.726  1.716   -5.036  1.00 22.70 ? 1961 PHE A CE1 1 
ATOM   852  C  CE2 . PHE A 1 106 ? -3.064  -0.284  -4.945  1.00 25.88 ? 1961 PHE A CE2 1 
ATOM   853  C  CZ  . PHE A 1 106 ? -1.871  0.347   -5.280  1.00 23.53 ? 1961 PHE A CZ  1 
ATOM   854  N  N   . GLU A 1 107 ? -7.068  1.981   -5.777  1.00 26.78 ? 1962 GLU A N   1 
ATOM   855  C  CA  . GLU A 1 107 ? -7.284  1.089   -6.907  1.00 29.53 ? 1962 GLU A CA  1 
ATOM   856  C  C   . GLU A 1 107 ? -7.650  1.857   -8.181  1.00 32.08 ? 1962 GLU A C   1 
ATOM   857  O  O   . GLU A 1 107 ? -7.310  1.422   -9.294  1.00 30.54 ? 1962 GLU A O   1 
ATOM   858  C  CB  . GLU A 1 107 ? -8.353  0.050   -6.580  1.00 28.11 ? 1962 GLU A CB  1 
ATOM   859  C  CG  . GLU A 1 107 ? -7.950  -0.946  -5.483  1.00 27.69 ? 1962 GLU A CG  1 
ATOM   860  C  CD  . GLU A 1 107 ? -6.721  -1.824  -5.806  1.00 31.22 ? 1962 GLU A CD  1 
ATOM   861  O  OE1 . GLU A 1 107 ? -6.243  -1.856  -6.964  1.00 30.85 ? 1962 GLU A OE1 1 
ATOM   862  O  OE2 . GLU A 1 107 ? -6.229  -2.503  -4.876  1.00 31.06 ? 1962 GLU A OE2 1 
ATOM   863  N  N   . LYS A 1 108 ? -8.310  3.006   -8.027  1.00 30.01 ? 1963 LYS A N   1 
ATOM   864  C  CA  . LYS A 1 108 ? -8.590  3.848   -9.185  1.00 31.53 ? 1963 LYS A CA  1 
ATOM   865  C  C   . LYS A 1 108 ? -7.316  4.516   -9.730  1.00 33.04 ? 1963 LYS A C   1 
ATOM   866  O  O   . LYS A 1 108 ? -7.095  4.535   -10.948 1.00 37.07 ? 1963 LYS A O   1 
ATOM   867  C  CB  . LYS A 1 108 ? -9.631  4.922   -8.860  1.00 33.07 ? 1963 LYS A CB  1 
ATOM   868  C  CG  . LYS A 1 108 ? -9.773  5.964   -9.987  1.00 36.14 ? 1963 LYS A CG  1 
ATOM   869  C  CD  . LYS A 1 108 ? -11.128 6.624   -10.007 1.00 40.48 ? 1963 LYS A CD  1 
ATOM   870  C  CE  . LYS A 1 108 ? -11.202 7.726   -11.072 1.00 43.83 ? 1963 LYS A CE  1 
ATOM   871  N  NZ  . LYS A 1 108 ? -11.163 7.180   -12.472 1.00 43.42 ? 1963 LYS A NZ  1 
ATOM   872  N  N   . LYS A 1 109 ? -6.489  5.071   -8.849  1.00 32.51 ? 1964 LYS A N   1 
ATOM   873  C  CA  . LYS A 1 109 ? -5.223  5.650   -9.295  1.00 33.64 ? 1964 LYS A CA  1 
ATOM   874  C  C   . LYS A 1 109 ? -4.407  4.575   -9.985  1.00 31.20 ? 1964 LYS A C   1 
ATOM   875  O  O   . LYS A 1 109 ? -3.753  4.841   -10.983 1.00 32.05 ? 1964 LYS A O   1 
ATOM   876  C  CB  . LYS A 1 109 ? -4.399  6.234   -8.143  1.00 30.61 ? 1964 LYS A CB  1 
ATOM   877  C  CG  . LYS A 1 109 ? -5.070  7.285   -7.293  1.00 34.26 ? 1964 LYS A CG  1 
ATOM   878  C  CD  . LYS A 1 109 ? -5.056  8.627   -7.952  1.00 40.40 ? 1964 LYS A CD  1 
ATOM   879  C  CE  . LYS A 1 109 ? -5.487  9.693   -6.973  1.00 40.53 ? 1964 LYS A CE  1 
ATOM   880  N  NZ  . LYS A 1 109 ? -5.752  10.935  -7.725  1.00 47.96 ? 1964 LYS A NZ  1 
ATOM   881  N  N   . TRP A 1 110 ? -4.442  3.363   -9.435  1.00 29.89 ? 1965 TRP A N   1 
ATOM   882  C  CA  . TRP A 1 110 ? -3.651  2.249   -9.966  1.00 31.25 ? 1965 TRP A CA  1 
ATOM   883  C  C   . TRP A 1 110 ? -4.082  1.886   -11.386 1.00 33.59 ? 1965 TRP A C   1 
ATOM   884  O  O   . TRP A 1 110 ? -3.252  1.723   -12.273 1.00 31.96 ? 1965 TRP A O   1 
ATOM   885  C  CB  . TRP A 1 110 ? -3.760  1.016   -9.062  1.00 27.81 ? 1965 TRP A CB  1 
ATOM   886  C  CG  . TRP A 1 110 ? -2.770  -0.063  -9.423  1.00 32.78 ? 1965 TRP A CG  1 
ATOM   887  C  CD1 . TRP A 1 110 ? -3.031  -1.257  -10.059 1.00 30.47 ? 1965 TRP A CD1 1 
ATOM   888  C  CD2 . TRP A 1 110 ? -1.356  -0.037  -9.188  1.00 28.87 ? 1965 TRP A CD2 1 
ATOM   889  N  NE1 . TRP A 1 110 ? -1.862  -1.969  -10.214 1.00 30.33 ? 1965 TRP A NE1 1 
ATOM   890  C  CE2 . TRP A 1 110 ? -0.822  -1.239  -9.701  1.00 26.94 ? 1965 TRP A CE2 1 
ATOM   891  C  CE3 . TRP A 1 110 ? -0.490  0.889   -8.597  1.00 27.45 ? 1965 TRP A CE3 1 
ATOM   892  C  CZ2 . TRP A 1 110 ? 0.544   -1.542  -9.635  1.00 26.86 ? 1965 TRP A CZ2 1 
ATOM   893  C  CZ3 . TRP A 1 110 ? 0.867   0.587   -8.535  1.00 27.45 ? 1965 TRP A CZ3 1 
ATOM   894  C  CH2 . TRP A 1 110 ? 1.368   -0.619  -9.049  1.00 28.55 ? 1965 TRP A CH2 1 
ATOM   895  N  N   . THR A 1 111 ? -5.389  1.753   -11.578 1.00 34.08 ? 1966 THR A N   1 
ATOM   896  C  CA  . THR A 1 111 ? -5.960  1.477   -12.890 1.00 36.78 ? 1966 THR A CA  1 
ATOM   897  C  C   . THR A 1 111 ? -5.695  2.609   -13.879 1.00 37.78 ? 1966 THR A C   1 
ATOM   898  O  O   . THR A 1 111 ? -5.263  2.363   -15.002 1.00 39.82 ? 1966 THR A O   1 
ATOM   899  C  CB  . THR A 1 111 ? -7.474  1.234   -12.798 1.00 35.86 ? 1966 THR A CB  1 
ATOM   900  O  OG1 . THR A 1 111 ? -7.718  0.147   -11.903 1.00 36.68 ? 1966 THR A OG1 1 
ATOM   901  C  CG2 . THR A 1 111 ? -8.040  0.875   -14.167 1.00 46.50 ? 1966 THR A CG2 1 
ATOM   902  N  N   . ASP A 1 112 ? -5.936  3.848   -13.464 1.00 36.02 ? 1967 ASP A N   1 
ATOM   903  C  CA  . ASP A 1 112 ? -5.729  4.982   -14.359 1.00 36.50 ? 1967 ASP A CA  1 
ATOM   904  C  C   . ASP A 1 112 ? -4.266  5.181   -14.736 1.00 40.01 ? 1967 ASP A C   1 
ATOM   905  O  O   . ASP A 1 112 ? -3.965  5.697   -15.815 1.00 40.41 ? 1967 ASP A O   1 
ATOM   906  C  CB  . ASP A 1 112 ? -6.264  6.277   -13.742 1.00 36.73 ? 1967 ASP A CB  1 
ATOM   907  C  CG  . ASP A 1 112 ? -7.773  6.267   -13.591 1.00 41.07 ? 1967 ASP A CG  1 
ATOM   908  O  OD1 . ASP A 1 112 ? -8.421  5.303   -14.064 1.00 40.01 ? 1967 ASP A OD1 1 
ATOM   909  O  OD2 . ASP A 1 112 ? -8.309  7.218   -12.994 1.00 38.98 ? 1967 ASP A OD2 1 
ATOM   910  N  N   . THR A 1 113 ? -3.352  4.782   -13.859 1.00 36.23 ? 1968 THR A N   1 
ATOM   911  C  CA  . THR A 1 113 ? -1.933  5.019   -14.111 1.00 32.36 ? 1968 THR A CA  1 
ATOM   912  C  C   . THR A 1 113 ? -1.289  3.903   -14.944 1.00 36.28 ? 1968 THR A C   1 
ATOM   913  O  O   . THR A 1 113 ? -0.407  4.169   -15.742 1.00 38.19 ? 1968 THR A O   1 
ATOM   914  C  CB  . THR A 1 113 ? -1.154  5.175   -12.797 1.00 35.82 ? 1968 THR A CB  1 
ATOM   915  O  OG1 . THR A 1 113 ? -1.752  6.206   -11.996 1.00 33.52 ? 1968 THR A OG1 1 
ATOM   916  C  CG2 . THR A 1 113 ? 0.305   5.520   -13.056 1.00 33.89 ? 1968 THR A CG2 1 
ATOM   917  N  N   . PHE A 1 114 ? -1.737  2.664   -14.775 1.00 36.59 ? 1969 PHE A N   1 
ATOM   918  C  CA  . PHE A 1 114 ? -0.994  1.522   -15.309 1.00 41.84 ? 1969 PHE A CA  1 
ATOM   919  C  C   . PHE A 1 114 ? -1.791  0.551   -16.192 1.00 45.95 ? 1969 PHE A C   1 
ATOM   920  O  O   . PHE A 1 114 ? -1.215  -0.378  -16.752 1.00 53.07 ? 1969 PHE A O   1 
ATOM   921  C  CB  . PHE A 1 114 ? -0.386  0.712   -14.155 1.00 37.87 ? 1969 PHE A CB  1 
ATOM   922  C  CG  . PHE A 1 114 ? 0.685   1.438   -13.382 1.00 35.38 ? 1969 PHE A CG  1 
ATOM   923  C  CD1 . PHE A 1 114 ? 1.903   1.741   -13.972 1.00 33.97 ? 1969 PHE A CD1 1 
ATOM   924  C  CD2 . PHE A 1 114 ? 0.484   1.790   -12.051 1.00 34.42 ? 1969 PHE A CD2 1 
ATOM   925  C  CE1 . PHE A 1 114 ? 2.897   2.404   -13.255 1.00 33.67 ? 1969 PHE A CE1 1 
ATOM   926  C  CE2 . PHE A 1 114 ? 1.475   2.455   -11.332 1.00 33.12 ? 1969 PHE A CE2 1 
ATOM   927  C  CZ  . PHE A 1 114 ? 2.681   2.760   -11.939 1.00 32.17 ? 1969 PHE A CZ  1 
ATOM   928  N  N   . LYS A 1 115 ? -3.103  0.728   -16.299 1.00 52.68 ? 1970 LYS A N   1 
ATOM   929  C  CA  . LYS A 1 115 ? -3.929  -0.242  -17.031 1.00 59.50 ? 1970 LYS A CA  1 
ATOM   930  C  C   . LYS A 1 115 ? -4.698  0.408   -18.188 1.00 59.11 ? 1970 LYS A C   1 
ATOM   931  O  O   . LYS A 1 115 ? -4.219  1.357   -18.815 1.00 59.92 ? 1970 LYS A O   1 
ATOM   932  C  CB  . LYS A 1 115 ? -4.907  -0.944  -16.074 1.00 48.58 ? 1970 LYS A CB  1 
HETATM 933  N  N1  . 54Y B 2 .   ? -7.312  0.137   16.640  0.94 33.10 ? 2001 54Y A N1  1 
HETATM 934  C  C4  . 54Y B 2 .   ? -5.940  1.454   18.257  0.94 31.15 ? 2001 54Y A C4  1 
HETATM 935  C  C5  . 54Y B 2 .   ? -5.364  0.976   15.855  0.94 35.00 ? 2001 54Y A C5  1 
HETATM 936  O  O   . 54Y B 2 .   ? -6.012  -0.802  12.715  0.94 27.65 ? 2001 54Y A O   1 
HETATM 937  C  C1  . 54Y B 2 .   ? -5.534  0.067   13.433  0.94 28.01 ? 2001 54Y A C1  1 
HETATM 938  N  N   . 54Y B 2 .   ? -4.623  0.927   12.976  0.94 28.87 ? 2001 54Y A N   1 
HETATM 939  C  C   . 54Y B 2 .   ? -4.287  0.961   11.561  0.94 24.47 ? 2001 54Y A C   1 
HETATM 940  C  C2  . 54Y B 2 .   ? -5.979  0.273   14.832  0.94 27.79 ? 2001 54Y A C2  1 
HETATM 941  CL CL  . 54Y B 2 .   ? -3.890  1.822   15.940  0.94 41.52 ? 2001 54Y A CL  1 
HETATM 942  N  N2  . 54Y B 2 .   ? -6.158  0.893   16.933  0.94 29.15 ? 2001 54Y A N2  1 
HETATM 943  C  C3  . 54Y B 2 .   ? -7.179  -0.227  15.378  0.94 30.79 ? 2001 54Y A C3  1 
HETATM 944  C  C1  . EDO C 3 .   ? -0.435  9.780   -9.998  1.00 47.64 ? 2002 EDO A C1  1 
HETATM 945  O  O1  . EDO C 3 .   ? -1.818  9.467   -9.753  1.00 45.82 ? 2002 EDO A O1  1 
HETATM 946  C  C2  . EDO C 3 .   ? 0.084   9.069   -11.254 1.00 50.81 ? 2002 EDO A C2  1 
HETATM 947  O  O2  . EDO C 3 .   ? -0.980  8.845   -12.201 1.00 54.00 ? 2002 EDO A O2  1 
HETATM 948  O  O   . HOH D 4 .   ? 5.535   -8.318  -23.764 1.00 48.45 ? 2101 HOH A O   1 
HETATM 949  O  O   . HOH D 4 .   ? -17.963 -7.845  13.468  1.00 55.58 ? 2102 HOH A O   1 
HETATM 950  O  O   . HOH D 4 .   ? -7.000  8.422   -11.558 1.00 42.97 ? 2103 HOH A O   1 
HETATM 951  O  O   . HOH D 4 .   ? 5.053   8.137   4.314   1.00 28.69 ? 2104 HOH A O   1 
HETATM 952  O  O   . HOH D 4 .   ? 7.567   -6.432  -21.299 1.00 55.24 ? 2105 HOH A O   1 
HETATM 953  O  O   . HOH D 4 .   ? 12.570  -21.898 -26.353 1.00 32.51 ? 2106 HOH A O   1 
HETATM 954  O  O   . HOH D 4 .   ? 0.002   -5.818  19.977  1.00 32.01 ? 2107 HOH A O   1 
HETATM 955  O  O   . HOH D 4 .   ? 5.970   -9.850  10.694  1.00 41.14 ? 2108 HOH A O   1 
HETATM 956  O  O   . HOH D 4 .   ? 3.535   -7.280  0.514   1.00 28.45 ? 2109 HOH A O   1 
HETATM 957  O  O   . HOH D 4 .   ? -6.621  12.934  -6.384  1.00 46.57 ? 2110 HOH A O   1 
HETATM 958  O  O   . HOH D 4 .   ? 3.635   -1.088  9.684   1.00 22.30 ? 2111 HOH A O   1 
HETATM 959  O  O   . HOH D 4 .   ? -2.645  -8.698  1.777   1.00 28.51 ? 2112 HOH A O   1 
HETATM 960  O  O   . HOH D 4 .   ? -7.544  -4.038  -3.227  1.00 31.81 ? 2113 HOH A O   1 
HETATM 961  O  O   . HOH D 4 .   ? -4.770  -2.413  10.659  1.00 23.36 ? 2114 HOH A O   1 
HETATM 962  O  O   . HOH D 4 .   ? -7.674  9.578   -8.880  1.00 54.59 ? 2115 HOH A O   1 
HETATM 963  O  O   . HOH D 4 .   ? -11.782 2.489   -7.036  1.00 40.36 ? 2116 HOH A O   1 
HETATM 964  O  O   . HOH D 4 .   ? 3.063   -2.259  13.621  1.00 24.57 ? 2117 HOH A O   1 
HETATM 965  O  O   . HOH D 4 .   ? 5.374   -6.630  -1.490  1.00 30.25 ? 2118 HOH A O   1 
HETATM 966  O  O   . HOH D 4 .   ? -1.417  0.163   8.856   1.00 19.33 ? 2119 HOH A O   1 
HETATM 967  O  O   . HOH D 4 .   ? -3.159  12.975  5.132   1.00 33.60 ? 2120 HOH A O   1 
HETATM 968  O  O   . HOH D 4 .   ? -10.839 4.401   -13.411 1.00 50.08 ? 2121 HOH A O   1 
HETATM 969  O  O   . HOH D 4 .   ? -5.580  -8.052  -1.350  1.00 32.13 ? 2122 HOH A O   1 
HETATM 970  O  O   . HOH D 4 .   ? 15.750  1.754   4.112   1.00 33.34 ? 2123 HOH A O   1 
HETATM 971  O  O   . HOH D 4 .   ? -14.252 -6.836  6.671   1.00 41.98 ? 2124 HOH A O   1 
HETATM 972  O  O   . HOH D 4 .   ? 10.951  -2.105  -13.169 1.00 35.94 ? 2125 HOH A O   1 
HETATM 973  O  O   . HOH D 4 .   ? -16.295 3.234   2.475   1.00 52.89 ? 2126 HOH A O   1 
HETATM 974  O  O   . HOH D 4 .   ? -0.489  -2.774  9.732   1.00 21.56 ? 2127 HOH A O   1 
HETATM 975  O  O   . HOH D 4 .   ? -6.882  -1.523  -9.566  1.00 43.76 ? 2128 HOH A O   1 
HETATM 976  O  O   . HOH D 4 .   ? 9.180   6.924   5.665   1.00 32.04 ? 2129 HOH A O   1 
HETATM 977  O  O   . HOH D 4 .   ? -13.331 -1.965  15.010  1.00 39.22 ? 2130 HOH A O   1 
HETATM 978  O  O   . HOH D 4 .   ? -10.753 11.317  8.382   1.00 32.31 ? 2131 HOH A O   1 
HETATM 979  O  O   . HOH D 4 .   ? -0.980  -7.888  -0.394  1.00 23.64 ? 2132 HOH A O   1 
HETATM 980  O  O   . HOH D 4 .   ? -10.703 -10.634 11.412  1.00 34.55 ? 2133 HOH A O   1 
HETATM 981  O  O   . HOH D 4 .   ? 2.972   -8.836  14.094  1.00 33.00 ? 2134 HOH A O   1 
HETATM 982  O  O   . HOH D 4 .   ? 10.239  7.399   -2.585  1.00 36.07 ? 2135 HOH A O   1 
HETATM 983  O  O   . HOH D 4 .   ? 6.102   -6.633  2.839   1.00 36.56 ? 2136 HOH A O   1 
HETATM 984  O  O   . HOH D 4 .   ? 12.212  5.562   7.693   1.00 41.86 ? 2137 HOH A O   1 
HETATM 985  O  O   . HOH D 4 .   ? -13.011 -0.028  -1.156  1.00 39.06 ? 2138 HOH A O   1 
HETATM 986  O  O   . HOH D 4 .   ? -13.134 -3.283  8.116   1.00 33.45 ? 2139 HOH A O   1 
HETATM 987  O  O   . HOH D 4 .   ? -3.605  3.430   13.523  1.00 32.14 ? 2140 HOH A O   1 
HETATM 988  O  O   . HOH D 4 .   ? 8.104   -2.298  -12.400 1.00 31.90 ? 2141 HOH A O   1 
HETATM 989  O  O   . HOH D 4 .   ? 3.382   8.370   6.271   1.00 31.41 ? 2142 HOH A O   1 
HETATM 990  O  O   . HOH D 4 .   ? -10.991 -2.281  2.446   1.00 34.41 ? 2143 HOH A O   1 
HETATM 991  O  O   . HOH D 4 .   ? 7.352   11.154  -8.856  1.00 42.85 ? 2144 HOH A O   1 
HETATM 992  O  O   . HOH D 4 .   ? 4.414   4.035   15.696  1.00 42.07 ? 2145 HOH A O   1 
HETATM 993  O  O   . HOH D 4 .   ? -4.847  13.178  -1.990  1.00 32.32 ? 2146 HOH A O   1 
HETATM 994  O  O   . HOH D 4 .   ? 3.285   -15.780 -21.763 1.00 38.58 ? 2147 HOH A O   1 
HETATM 995  O  O   . HOH D 4 .   ? 3.529   13.173  0.754   1.00 53.85 ? 2148 HOH A O   1 
HETATM 996  O  O   . HOH D 4 .   ? 4.422   1.787   -20.159 1.00 49.15 ? 2149 HOH A O   1 
HETATM 997  O  O   . HOH D 4 .   ? 12.026  8.740   1.732   1.00 41.43 ? 2150 HOH A O   1 
HETATM 998  O  O   . HOH D 4 .   ? 14.164  -4.623  -4.825  1.00 35.92 ? 2151 HOH A O   1 
HETATM 999  O  O   . HOH D 4 .   ? -12.268 3.331   14.339  1.00 39.64 ? 2152 HOH A O   1 
HETATM 1000 O  O   . HOH D 4 .   ? -19.883 2.549   7.794   1.00 49.94 ? 2153 HOH A O   1 
HETATM 1001 O  O   . HOH D 4 .   ? 5.334   -6.952  7.829   1.00 35.88 ? 2154 HOH A O   1 
HETATM 1002 O  O   . HOH D 4 .   ? -3.963  -1.050  8.508   1.00 20.94 ? 2155 HOH A O   1 
HETATM 1003 O  O   . HOH D 4 .   ? -11.742 0.579   14.918  1.00 37.19 ? 2156 HOH A O   1 
HETATM 1004 O  O   . HOH D 4 .   ? 8.404   -4.608  -18.115 1.00 43.18 ? 2157 HOH A O   1 
HETATM 1005 O  O   . HOH D 4 .   ? 13.970  -0.443  5.385   1.00 35.51 ? 2158 HOH A O   1 
HETATM 1006 O  O   . HOH D 4 .   ? -2.917  -8.728  23.402  1.00 37.83 ? 2159 HOH A O   1 
HETATM 1007 O  O   . HOH D 4 .   ? 6.610   -4.039  8.599   1.00 35.50 ? 2160 HOH A O   1 
HETATM 1008 O  O   . HOH D 4 .   ? -1.739  -17.298 15.423  1.00 46.49 ? 2161 HOH A O   1 
HETATM 1009 O  O   . HOH D 4 .   ? -8.675  7.705   -6.947  1.00 32.71 ? 2162 HOH A O   1 
HETATM 1010 O  O   . HOH D 4 .   ? -2.841  -7.891  -5.237  1.00 36.05 ? 2163 HOH A O   1 
HETATM 1011 O  O   . HOH D 4 .   ? -0.894  1.956   10.625  1.00 21.98 ? 2164 HOH A O   1 
HETATM 1012 O  O   . HOH D 4 .   ? -0.700  6.531   11.726  1.00 26.37 ? 2165 HOH A O   1 
HETATM 1013 O  O   . HOH D 4 .   ? 0.356   10.533  -14.113 1.00 50.65 ? 2166 HOH A O   1 
HETATM 1014 O  O   . HOH D 4 .   ? -0.795  -9.494  7.900   1.00 25.75 ? 2167 HOH A O   1 
HETATM 1015 O  O   . HOH D 4 .   ? 6.916   3.067   -16.904 1.00 38.84 ? 2168 HOH A O   1 
HETATM 1016 O  O   . HOH D 4 .   ? -16.841 0.326   5.931   1.00 58.81 ? 2169 HOH A O   1 
HETATM 1017 O  O   . HOH D 4 .   ? -11.366 -1.558  6.698   1.00 28.92 ? 2170 HOH A O   1 
HETATM 1018 O  O   . HOH D 4 .   ? 2.371   -12.839 15.215  1.00 39.78 ? 2171 HOH A O   1 
HETATM 1019 O  O   . HOH D 4 .   ? -9.523  -1.564  4.711   1.00 25.36 ? 2172 HOH A O   1 
HETATM 1020 O  O   . HOH D 4 .   ? 1.612   -1.195  11.293  1.00 20.37 ? 2173 HOH A O   1 
HETATM 1021 O  O   . HOH D 4 .   ? 11.555  7.463   3.910   1.00 34.48 ? 2174 HOH A O   1 
HETATM 1022 O  O   . HOH D 4 .   ? -0.809  2.661   17.197  1.00 31.36 ? 2175 HOH A O   1 
HETATM 1023 O  O   . HOH D 4 .   ? 5.468   -0.904  17.374  1.00 38.28 ? 2176 HOH A O   1 
HETATM 1024 O  O   . HOH D 4 .   ? 8.270   4.697   10.221  1.00 51.59 ? 2177 HOH A O   1 
HETATM 1025 O  O   . HOH D 4 .   ? 8.812   -5.412  4.684   1.00 40.72 ? 2178 HOH A O   1 
HETATM 1026 O  O   . HOH D 4 .   ? 12.961  -5.942  1.721   1.00 41.68 ? 2179 HOH A O   1 
HETATM 1027 O  O   . HOH D 4 .   ? -0.187  4.585   13.591  1.00 31.67 ? 2180 HOH A O   1 
HETATM 1028 O  O   . HOH D 4 .   ? 5.873   13.154  -0.917  1.00 46.60 ? 2181 HOH A O   1 
HETATM 1029 O  O   . HOH D 4 .   ? 11.087  -2.401  -20.340 1.00 53.00 ? 2182 HOH A O   1 
HETATM 1030 O  O   . HOH D 4 .   ? 13.673  5.652   -4.970  1.00 38.00 ? 2183 HOH A O   1 
HETATM 1031 O  O   . HOH D 4 .   ? 6.163   -4.616  -16.024 1.00 47.74 ? 2184 HOH A O   1 
HETATM 1032 O  O   . HOH D 4 .   ? -4.156  -9.198  6.184   1.00 32.47 ? 2185 HOH A O   1 
HETATM 1033 O  O   . HOH D 4 .   ? 1.222   12.819  5.396   1.00 42.61 ? 2186 HOH A O   1 
HETATM 1034 O  O   . HOH D 4 .   ? 11.521  -4.169  -12.579 1.00 46.57 ? 2187 HOH A O   1 
HETATM 1035 O  O   . HOH D 4 .   ? 4.965   0.253   -22.862 1.00 50.13 ? 2188 HOH A O   1 
HETATM 1036 O  O   . HOH D 4 .   ? 10.621  -8.269  -11.628 1.00 43.60 ? 2189 HOH A O   1 
HETATM 1037 O  O   . HOH D 4 .   ? -16.898 -5.733  10.031  1.00 43.10 ? 2190 HOH A O   1 
HETATM 1038 O  O   . HOH D 4 .   ? -3.973  8.603   -11.647 1.00 45.96 ? 2191 HOH A O   1 
HETATM 1039 O  O   . HOH D 4 .   ? 12.038  -4.187  4.665   1.00 47.48 ? 2192 HOH A O   1 
HETATM 1040 O  O   . HOH D 4 .   ? 2.594   5.528   19.866  1.00 43.76 ? 2193 HOH A O   1 
HETATM 1041 O  O   . HOH D 4 .   ? 6.615   11.775  1.123   1.00 58.47 ? 2194 HOH A O   1 
HETATM 1042 O  O   . HOH D 4 .   ? 9.481   -6.273  -2.028  1.00 36.76 ? 2195 HOH A O   1 
HETATM 1043 O  O   . HOH D 4 .   ? -17.551 -7.573  7.912   1.00 58.68 ? 2196 HOH A O   1 
HETATM 1044 O  O   . HOH D 4 .   ? 10.929  6.209   -12.580 1.00 38.49 ? 2197 HOH A O   1 
HETATM 1045 O  O   . HOH D 4 .   ? 7.860   -6.576  -0.279  1.00 36.03 ? 2198 HOH A O   1 
HETATM 1046 O  O   . HOH D 4 .   ? 8.443   -0.223  10.165  1.00 43.11 ? 2199 HOH A O   1 
HETATM 1047 O  O   . HOH D 4 .   ? -2.343  10.176  12.583  1.00 44.55 ? 2200 HOH A O   1 
HETATM 1048 O  O   . HOH D 4 .   ? -13.409 -2.882  17.887  1.00 54.65 ? 2201 HOH A O   1 
HETATM 1049 O  O   . HOH D 4 .   ? -8.829  -8.362  0.055   1.00 43.12 ? 2202 HOH A O   1 
HETATM 1050 O  O   . HOH D 4 .   ? -8.717  14.036  0.915   1.00 34.45 ? 2203 HOH A O   1 
HETATM 1051 O  O   . HOH D 4 .   ? -2.268  -11.578 9.245   1.00 30.86 ? 2204 HOH A O   1 
HETATM 1052 O  O   . HOH D 4 .   ? -14.806 4.229   15.575  1.00 45.64 ? 2205 HOH A O   1 
HETATM 1053 O  O   . HOH D 4 .   ? -13.317 -2.828  0.085   1.00 46.06 ? 2206 HOH A O   1 
HETATM 1054 O  O   . HOH D 4 .   ? 5.983   12.167  -5.699  1.00 42.77 ? 2207 HOH A O   1 
HETATM 1055 O  O   . HOH D 4 .   ? -4.505  13.689  -6.786  1.00 47.87 ? 2208 HOH A O   1 
HETATM 1056 O  O   . HOH D 4 .   ? -19.110 -3.612  11.418  1.00 45.29 ? 2209 HOH A O   1 
HETATM 1057 O  O   . HOH D 4 .   ? -8.686  -8.932  4.903   1.00 40.89 ? 2210 HOH A O   1 
HETATM 1058 O  O   . HOH D 4 .   ? -1.827  -5.383  -9.767  1.00 38.06 ? 2211 HOH A O   1 
HETATM 1059 O  O   . HOH D 4 .   ? 14.011  -1.721  -15.690 1.00 62.94 ? 2212 HOH A O   1 
HETATM 1060 O  O   . HOH D 4 .   ? -0.995  -3.926  24.983  1.00 53.32 ? 2213 HOH A O   1 
HETATM 1061 O  O   . HOH D 4 .   ? -10.429 0.994   17.387  1.00 49.24 ? 2214 HOH A O   1 
HETATM 1062 O  O   . HOH D 4 .   ? -9.569  -7.651  3.205   1.00 54.67 ? 2215 HOH A O   1 
HETATM 1063 O  O   . HOH D 4 .   ? 13.392  -14.735 -23.437 1.00 55.37 ? 2216 HOH A O   1 
HETATM 1064 O  O   . HOH D 4 .   ? -4.194  -5.391  -10.352 1.00 48.57 ? 2217 HOH A O   1 
HETATM 1065 O  O   . HOH D 4 .   ? -3.977  12.613  7.790   1.00 34.14 ? 2218 HOH A O   1 
HETATM 1066 O  O   . HOH D 4 .   ? 0.268   -13.659 6.271   1.00 57.52 ? 2219 HOH A O   1 
HETATM 1067 O  O   . HOH D 4 .   ? 11.161  0.232   6.012   1.00 46.21 ? 2220 HOH A O   1 
HETATM 1068 O  O   . HOH D 4 .   ? -6.799  -6.749  -3.117  1.00 39.34 ? 2221 HOH A O   1 
HETATM 1069 O  O   . HOH D 4 .   ? 1.351   -10.600 3.130   1.00 40.90 ? 2222 HOH A O   1 
HETATM 1070 O  O   . HOH D 4 .   ? -14.623 8.470   -11.534 1.00 43.83 ? 2223 HOH A O   1 
HETATM 1071 O  O   . HOH D 4 .   ? -2.677  15.837  5.320   1.00 49.25 ? 2224 HOH A O   1 
HETATM 1072 O  O   . HOH D 4 .   ? -9.302  -2.648  -9.444  1.00 51.00 ? 2225 HOH A O   1 
HETATM 1073 O  O   . HOH D 4 .   ? -8.201  13.984  -1.737  1.00 37.83 ? 2226 HOH A O   1 
HETATM 1074 O  O   . HOH D 4 .   ? 6.368   -2.175  10.516  1.00 29.00 ? 2227 HOH A O   1 
HETATM 1075 O  O   . HOH D 4 .   ? -5.981  -7.703  -5.943  1.00 43.85 ? 2228 HOH A O   1 
HETATM 1076 O  O   . HOH D 4 .   ? -0.537  -5.633  24.348  1.00 45.86 ? 2229 HOH A O   1 
HETATM 1077 O  O   . HOH D 4 .   ? 11.469  7.831   -5.307  1.00 48.21 ? 2230 HOH A O   1 
HETATM 1078 O  O   . HOH D 4 .   ? 7.732   -4.435  -13.961 1.00 37.02 ? 2231 HOH A O   1 
HETATM 1079 O  O   . HOH D 4 .   ? 1.177   -9.364  0.585   1.00 34.89 ? 2232 HOH A O   1 
HETATM 1080 O  O   . HOH D 4 .   ? 5.473   2.180   17.163  1.00 42.62 ? 2233 HOH A O   1 
HETATM 1081 O  O   . HOH D 4 .   ? -17.033 2.414   4.220   1.00 48.02 ? 2234 HOH A O   1 
HETATM 1082 O  O   . HOH D 4 .   ? -9.404  -7.719  -2.376  1.00 46.77 ? 2235 HOH A O   1 
HETATM 1083 O  O   . HOH D 4 .   ? -3.476  7.834   15.034  1.00 45.50 ? 2236 HOH A O   1 
HETATM 1084 O  O   . HOH D 4 .   ? 0.258   9.380   12.739  1.00 39.88 ? 2237 HOH A O   1 
HETATM 1085 O  O   . HOH D 4 .   ? 14.767  -2.351  6.694   1.00 45.01 ? 2238 HOH A O   1 
HETATM 1086 O  O   . HOH D 4 .   ? 10.267  -6.655  -13.455 1.00 51.01 ? 2239 HOH A O   1 
HETATM 1087 O  O   . HOH D 4 .   ? -2.860  -8.455  -2.337  1.00 32.52 ? 2240 HOH A O   1 
HETATM 1088 O  O   . HOH D 4 .   ? 6.784   12.704  -10.602 1.00 55.49 ? 2241 HOH A O   1 
HETATM 1089 O  O   . HOH D 4 .   ? 12.865  8.148   -10.483 1.00 59.08 ? 2242 HOH A O   1 
HETATM 1090 O  O   . HOH D 4 .   ? -0.185  -10.982 5.609   1.00 31.21 ? 2243 HOH A O   1 
HETATM 1091 O  O   . HOH D 4 .   ? 7.582   9.157   5.302   1.00 37.72 ? 2244 HOH A O   1 
HETATM 1092 O  O   . HOH D 4 .   ? 9.702   11.203  -8.644  1.00 54.20 ? 2245 HOH A O   1 
HETATM 1093 O  O   . HOH D 4 .   ? -10.453 -3.585  -4.264  1.00 47.51 ? 2246 HOH A O   1 
HETATM 1094 O  O   . HOH D 4 .   ? 2.789   14.030  3.526   1.00 47.59 ? 2247 HOH A O   1 
HETATM 1095 O  O   . HOH D 4 .   ? 5.366   -8.222  13.752  1.00 39.50 ? 2248 HOH A O   1 
HETATM 1096 O  O   . HOH D 4 .   ? -2.717  -10.266 4.159   1.00 33.18 ? 2249 HOH A O   1 
HETATM 1097 O  O   . HOH D 4 .   ? 10.231  6.846   8.440   1.00 45.72 ? 2250 HOH A O   1 
HETATM 1098 O  O   . HOH D 4 .   ? 6.839   -1.975  14.793  1.00 40.90 ? 2251 HOH A O   1 
HETATM 1099 O  O   . HOH D 4 .   ? 6.779   -5.807  20.375  1.00 51.18 ? 2252 HOH A O   1 
HETATM 1100 O  O   . HOH D 4 .   ? 10.587  -8.667  -2.884  1.00 48.39 ? 2253 HOH A O   1 
HETATM 1101 O  O   . HOH D 4 .   ? 5.543   -3.070  13.090  1.00 27.84 ? 2254 HOH A O   1 
HETATM 1102 O  O   . HOH D 4 .   ? 8.410   -5.595  17.890  1.00 55.05 ? 2255 HOH A O   1 
HETATM 1103 O  O   . HOH D 4 .   ? 6.344   -7.353  5.369   1.00 45.32 ? 2256 HOH A O   1 
HETATM 1104 O  O   . HOH D 4 .   ? -7.005  -11.140 3.942   1.00 51.72 ? 2257 HOH A O   1 
HETATM 1105 O  O   . HOH D 4 .   ? -0.831  17.057  4.075   1.00 48.87 ? 2258 HOH A O   1 
HETATM 1106 O  O   . HOH D 4 .   ? -4.943  5.525   14.739  1.00 36.61 ? 2259 HOH A O   1 
HETATM 1107 O  O   . HOH D 4 .   ? 8.616   -4.176  7.025   1.00 41.12 ? 2260 HOH A O   1 
HETATM 1108 O  O   . HOH D 4 .   ? 7.157   9.699   8.284   1.00 42.08 ? 2261 HOH A O   1 
HETATM 1109 O  O   . HOH D 4 .   ? -1.783  3.392   19.956  1.00 53.04 ? 2262 HOH A O   1 
HETATM 1110 O  O   . HOH D 4 .   ? 0.617   14.370  7.733   1.00 48.21 ? 2263 HOH A O   1 
HETATM 1111 O  O   . HOH D 4 .   ? 10.711  -2.502  6.317   1.00 39.12 ? 2264 HOH A O   1 
HETATM 1112 O  O   . HOH D 4 .   ? -1.678  -13.836 7.534   1.00 46.75 ? 2265 HOH A O   1 
HETATM 1113 O  O   . HOH D 4 .   ? -2.338  12.939  10.536  1.00 47.58 ? 2266 HOH A O   1 
HETATM 1114 O  O   . HOH D 4 .   ? 6.530   -5.752  13.108  1.00 38.49 ? 2267 HOH A O   1 
HETATM 1115 O  O   . HOH D 4 .   ? -2.684  -11.295 -2.386  1.00 44.36 ? 2268 HOH A O   1 
HETATM 1116 O  O   . HOH D 4 .   ? 1.908   11.301  11.573  1.00 43.76 ? 2269 HOH A O   1 
HETATM 1117 O  O   . HOH D 4 .   ? 0.870   9.524   15.195  1.00 48.22 ? 2270 HOH A O   1 
HETATM 1118 O  O   . HOH D 4 .   ? 0.295   13.550  10.526  1.00 46.74 ? 2271 HOH A O   1 
HETATM 1119 O  O   . HOH D 4 .   ? -9.700  -9.711  -4.209  1.00 59.28 ? 2272 HOH A O   1 
# 
